data_1UHR
#
_entry.id   1UHR
#
_entity_poly.entity_id   1
_entity_poly.type   'polypeptide(L)'
_entity_poly.pdbx_seq_one_letter_code
;GSSGSSGQPPQFKLDPRLARLLGIHTQTRPVIIQALWQYIKTHKLQDPHEREFVLCDKYLQQIFESQRMKFSEIPQRLHA
LLMPPEPSGPSSG
;
_entity_poly.pdbx_strand_id   A
#
# COMPACT_ATOMS: atom_id res chain seq x y z
N GLY A 1 -4.99 -11.57 -11.86
CA GLY A 1 -4.17 -12.30 -10.90
C GLY A 1 -3.14 -13.17 -11.61
N SER A 2 -1.90 -13.03 -11.18
CA SER A 2 -0.80 -13.79 -11.77
C SER A 2 0.44 -13.70 -10.88
N SER A 3 0.76 -14.82 -10.25
CA SER A 3 1.92 -14.87 -9.37
C SER A 3 3.15 -15.33 -10.15
N GLY A 4 4.31 -15.02 -9.60
CA GLY A 4 5.57 -15.39 -10.24
C GLY A 4 5.63 -16.90 -10.51
N SER A 5 6.78 -17.34 -10.98
CA SER A 5 6.97 -18.75 -11.28
C SER A 5 8.45 -19.04 -11.50
N SER A 6 9.06 -19.64 -10.49
CA SER A 6 10.48 -19.97 -10.55
C SER A 6 11.30 -18.72 -10.83
N GLY A 7 11.80 -18.13 -9.76
CA GLY A 7 12.61 -16.92 -9.87
C GLY A 7 12.23 -15.90 -8.79
N GLN A 8 13.03 -14.84 -8.72
CA GLN A 8 12.79 -13.79 -7.75
C GLN A 8 11.29 -13.52 -7.61
N PRO A 9 10.88 -13.25 -6.34
CA PRO A 9 9.48 -12.97 -6.06
C PRO A 9 9.09 -11.57 -6.53
N PRO A 10 7.74 -11.37 -6.69
CA PRO A 10 7.23 -10.08 -7.13
C PRO A 10 7.30 -9.05 -6.01
N GLN A 11 8.38 -8.28 -6.03
CA GLN A 11 8.58 -7.25 -5.02
C GLN A 11 8.37 -5.86 -5.64
N PHE A 12 7.71 -5.00 -4.87
CA PHE A 12 7.45 -3.64 -5.33
C PHE A 12 8.07 -2.62 -4.38
N LYS A 13 8.53 -1.52 -4.97
CA LYS A 13 9.15 -0.46 -4.19
C LYS A 13 8.06 0.41 -3.56
N LEU A 14 8.20 0.63 -2.27
CA LEU A 14 7.24 1.43 -1.54
C LEU A 14 7.60 2.91 -1.69
N ASP A 15 6.56 3.74 -1.73
CA ASP A 15 6.76 5.17 -1.87
C ASP A 15 7.68 5.67 -0.75
N PRO A 16 8.15 6.93 -0.93
CA PRO A 16 9.04 7.53 0.05
C PRO A 16 8.27 7.95 1.31
N ARG A 17 6.96 8.03 1.17
CA ARG A 17 6.10 8.40 2.28
C ARG A 17 5.53 7.16 2.96
N LEU A 18 5.41 6.10 2.18
CA LEU A 18 4.88 4.85 2.69
C LEU A 18 6.03 3.98 3.18
N ALA A 19 7.07 3.89 2.35
CA ALA A 19 8.23 3.09 2.70
C ALA A 19 8.57 3.30 4.18
N ARG A 20 8.25 4.48 4.67
CA ARG A 20 8.51 4.82 6.06
C ARG A 20 7.26 4.57 6.91
N LEU A 21 6.12 5.01 6.37
CA LEU A 21 4.86 4.84 7.07
C LEU A 21 4.81 3.44 7.70
N LEU A 22 4.93 2.44 6.84
CA LEU A 22 4.89 1.06 7.29
C LEU A 22 6.31 0.63 7.67
N GLY A 23 7.28 1.14 6.93
CA GLY A 23 8.67 0.81 7.19
C GLY A 23 9.14 -0.33 6.28
N ILE A 24 8.32 -0.63 5.29
CA ILE A 24 8.64 -1.69 4.35
C ILE A 24 9.40 -1.11 3.16
N HIS A 25 10.71 -1.26 3.22
CA HIS A 25 11.56 -0.76 2.15
C HIS A 25 11.03 -1.23 0.79
N THR A 26 11.03 -2.54 0.62
CA THR A 26 10.55 -3.14 -0.61
C THR A 26 10.13 -4.59 -0.38
N GLN A 27 8.84 -4.83 -0.55
CA GLN A 27 8.30 -6.16 -0.35
C GLN A 27 7.34 -6.51 -1.49
N THR A 28 6.68 -7.65 -1.34
CA THR A 28 5.73 -8.11 -2.34
C THR A 28 4.40 -7.38 -2.18
N ARG A 29 3.44 -7.76 -3.02
CA ARG A 29 2.13 -7.14 -2.98
C ARG A 29 1.30 -7.71 -1.82
N PRO A 30 1.36 -9.07 -1.69
CA PRO A 30 0.63 -9.75 -0.63
C PRO A 30 1.32 -9.55 0.72
N VAL A 31 2.48 -8.92 0.67
CA VAL A 31 3.24 -8.67 1.88
C VAL A 31 3.02 -7.22 2.33
N ILE A 32 2.81 -6.36 1.34
CA ILE A 32 2.57 -4.95 1.62
C ILE A 32 1.10 -4.74 1.93
N ILE A 33 0.25 -5.20 1.02
CA ILE A 33 -1.18 -5.07 1.20
C ILE A 33 -1.55 -5.35 2.66
N GLN A 34 -0.94 -6.40 3.19
CA GLN A 34 -1.19 -6.78 4.57
C GLN A 34 -0.69 -5.70 5.52
N ALA A 35 0.62 -5.48 5.48
CA ALA A 35 1.23 -4.48 6.33
C ALA A 35 0.33 -3.25 6.39
N LEU A 36 -0.40 -3.03 5.31
CA LEU A 36 -1.30 -1.90 5.23
C LEU A 36 -2.60 -2.22 5.97
N TRP A 37 -3.17 -3.36 5.62
CA TRP A 37 -4.40 -3.81 6.24
C TRP A 37 -4.21 -3.76 7.76
N GLN A 38 -3.06 -4.25 8.19
CA GLN A 38 -2.74 -4.26 9.61
C GLN A 38 -2.73 -2.84 10.17
N TYR A 39 -2.71 -1.88 9.26
CA TYR A 39 -2.69 -0.49 9.65
C TYR A 39 -4.11 0.04 9.89
N ILE A 40 -4.98 -0.27 8.94
CA ILE A 40 -6.36 0.16 9.03
C ILE A 40 -7.05 -0.58 10.18
N LYS A 41 -6.49 -1.73 10.51
CA LYS A 41 -7.04 -2.54 11.60
C LYS A 41 -6.52 -2.02 12.93
N THR A 42 -5.20 -1.84 12.99
CA THR A 42 -4.57 -1.35 14.20
C THR A 42 -4.89 0.13 14.42
N HIS A 43 -4.83 0.89 13.33
CA HIS A 43 -5.11 2.31 13.39
C HIS A 43 -6.63 2.53 13.29
N LYS A 44 -7.34 1.42 13.19
CA LYS A 44 -8.80 1.47 13.10
C LYS A 44 -9.20 2.64 12.20
N LEU A 45 -8.70 2.60 10.97
CA LEU A 45 -9.00 3.64 10.00
C LEU A 45 -10.36 3.37 9.35
N GLN A 46 -10.98 2.29 9.80
CA GLN A 46 -12.28 1.90 9.28
C GLN A 46 -13.25 3.07 9.34
N ASP A 47 -13.86 3.35 8.19
CA ASP A 47 -14.81 4.45 8.09
C ASP A 47 -15.94 4.23 9.11
N PRO A 48 -16.21 5.30 9.90
CA PRO A 48 -17.26 5.24 10.90
C PRO A 48 -18.64 5.31 10.25
N HIS A 49 -18.65 5.66 8.98
CA HIS A 49 -19.89 5.76 8.23
C HIS A 49 -20.26 4.41 7.64
N GLU A 50 -19.33 3.85 6.89
CA GLU A 50 -19.54 2.55 6.26
C GLU A 50 -18.63 1.49 6.91
N ARG A 51 -18.82 0.26 6.47
CA ARG A 51 -18.04 -0.84 6.99
C ARG A 51 -17.11 -1.39 5.90
N GLU A 52 -17.27 -0.85 4.70
CA GLU A 52 -16.45 -1.28 3.58
C GLU A 52 -15.43 -0.20 3.22
N PHE A 53 -15.73 1.01 3.65
CA PHE A 53 -14.85 2.14 3.39
C PHE A 53 -13.83 2.32 4.51
N VAL A 54 -12.83 3.15 4.24
CA VAL A 54 -11.79 3.42 5.21
C VAL A 54 -11.32 4.86 5.07
N LEU A 55 -11.44 5.61 6.17
CA LEU A 55 -11.03 7.01 6.17
C LEU A 55 -9.52 7.08 6.38
N CYS A 56 -8.84 7.54 5.34
CA CYS A 56 -7.40 7.69 5.39
C CYS A 56 -7.04 8.71 6.46
N ASP A 57 -6.08 8.35 7.29
CA ASP A 57 -5.63 9.22 8.36
C ASP A 57 -4.87 10.41 7.77
N LYS A 58 -4.43 11.28 8.65
CA LYS A 58 -3.69 12.46 8.23
C LYS A 58 -2.60 12.05 7.25
N TYR A 59 -1.82 11.06 7.66
CA TYR A 59 -0.73 10.56 6.83
C TYR A 59 -1.27 10.03 5.50
N LEU A 60 -2.13 9.03 5.60
CA LEU A 60 -2.72 8.42 4.42
C LEU A 60 -3.32 9.52 3.54
N GLN A 61 -3.99 10.46 4.19
CA GLN A 61 -4.62 11.56 3.47
C GLN A 61 -3.57 12.34 2.68
N GLN A 62 -2.31 12.13 3.04
CA GLN A 62 -1.21 12.80 2.37
C GLN A 62 -0.56 11.86 1.35
N ILE A 63 -0.91 10.59 1.46
CA ILE A 63 -0.36 9.59 0.55
C ILE A 63 -1.44 9.22 -0.48
N PHE A 64 -2.56 8.77 0.02
CA PHE A 64 -3.67 8.38 -0.84
C PHE A 64 -4.45 9.60 -1.32
N GLU A 65 -4.62 10.55 -0.40
CA GLU A 65 -5.35 11.77 -0.72
C GLU A 65 -6.83 11.46 -0.95
N SER A 66 -7.30 10.45 -0.24
CA SER A 66 -8.70 10.05 -0.35
C SER A 66 -9.36 10.05 1.02
N GLN A 67 -10.01 11.16 1.33
CA GLN A 67 -10.69 11.29 2.61
C GLN A 67 -11.45 10.01 2.96
N ARG A 68 -12.18 9.52 1.97
CA ARG A 68 -12.95 8.29 2.16
C ARG A 68 -12.93 7.45 0.88
N MET A 69 -12.49 6.21 1.04
CA MET A 69 -12.42 5.29 -0.09
C MET A 69 -12.88 3.89 0.31
N LYS A 70 -13.12 3.07 -0.70
CA LYS A 70 -13.57 1.71 -0.48
C LYS A 70 -12.36 0.80 -0.26
N PHE A 71 -12.53 -0.16 0.62
CA PHE A 71 -11.47 -1.11 0.93
C PHE A 71 -10.92 -1.76 -0.35
N SER A 72 -11.80 -1.86 -1.34
CA SER A 72 -11.44 -2.46 -2.60
C SER A 72 -10.66 -1.45 -3.45
N GLU A 73 -10.69 -0.20 -3.01
CA GLU A 73 -10.01 0.87 -3.71
C GLU A 73 -8.62 1.11 -3.10
N ILE A 74 -8.31 0.29 -2.09
CA ILE A 74 -7.02 0.41 -1.42
C ILE A 74 -5.93 -0.18 -2.31
N PRO A 75 -6.24 -1.37 -2.89
CA PRO A 75 -5.29 -2.04 -3.77
C PRO A 75 -5.23 -1.36 -5.14
N GLN A 76 -6.18 -0.46 -5.36
CA GLN A 76 -6.25 0.27 -6.61
C GLN A 76 -5.39 1.53 -6.53
N ARG A 77 -5.07 1.91 -5.31
CA ARG A 77 -4.26 3.10 -5.08
C ARG A 77 -2.83 2.71 -4.70
N LEU A 78 -2.68 1.45 -4.30
CA LEU A 78 -1.38 0.95 -3.91
C LEU A 78 -0.45 0.94 -5.13
N HIS A 79 -0.99 0.49 -6.25
CA HIS A 79 -0.22 0.44 -7.48
C HIS A 79 0.62 1.70 -7.62
N ALA A 80 0.06 2.82 -7.16
CA ALA A 80 0.75 4.09 -7.22
C ALA A 80 1.90 4.09 -6.22
N LEU A 81 1.58 3.71 -4.99
CA LEU A 81 2.58 3.67 -3.94
C LEU A 81 3.62 2.60 -4.28
N LEU A 82 3.18 1.62 -5.06
CA LEU A 82 4.07 0.54 -5.46
C LEU A 82 4.80 0.94 -6.74
N MET A 83 6.13 0.94 -6.66
CA MET A 83 6.95 1.30 -7.79
C MET A 83 7.93 0.17 -8.13
N PRO A 84 8.40 0.20 -9.41
CA PRO A 84 9.34 -0.81 -9.88
C PRO A 84 10.75 -0.56 -9.31
N PRO A 85 11.19 -1.51 -8.45
CA PRO A 85 12.50 -1.40 -7.82
C PRO A 85 13.60 -1.75 -8.83
N GLU A 86 13.58 -1.05 -9.95
CA GLU A 86 14.58 -1.27 -10.98
C GLU A 86 14.80 0.02 -11.79
N PRO A 87 16.02 0.11 -12.41
CA PRO A 87 16.37 1.27 -13.20
C PRO A 87 15.64 1.26 -14.54
N SER A 88 16.17 2.05 -15.46
CA SER A 88 15.58 2.15 -16.79
C SER A 88 16.48 2.97 -17.72
N GLY A 89 17.04 4.03 -17.15
CA GLY A 89 17.92 4.90 -17.91
C GLY A 89 18.55 5.96 -17.00
N PRO A 90 19.70 6.51 -17.48
CA PRO A 90 20.41 7.53 -16.73
C PRO A 90 19.69 8.88 -16.80
N SER A 91 19.96 9.72 -15.83
CA SER A 91 19.35 11.04 -15.77
C SER A 91 17.83 10.90 -15.58
N SER A 92 17.42 11.06 -14.33
CA SER A 92 16.01 10.96 -14.01
C SER A 92 15.26 12.20 -14.50
N GLY A 93 13.98 12.02 -14.78
CA GLY A 93 13.15 13.11 -15.25
C GLY A 93 13.35 13.33 -16.75
N GLY A 1 -3.66 -11.38 -6.30
CA GLY A 1 -2.90 -12.15 -7.25
C GLY A 1 -2.36 -13.44 -6.63
N SER A 2 -1.42 -14.06 -7.33
CA SER A 2 -0.81 -15.29 -6.84
C SER A 2 0.67 -15.07 -6.56
N SER A 3 1.21 -15.92 -5.70
CA SER A 3 2.62 -15.83 -5.34
C SER A 3 3.00 -17.00 -4.44
N GLY A 4 3.70 -17.96 -5.03
CA GLY A 4 4.13 -19.14 -4.30
C GLY A 4 4.58 -20.24 -5.26
N SER A 5 5.56 -21.01 -4.80
CA SER A 5 6.09 -22.10 -5.61
C SER A 5 6.23 -21.66 -7.07
N SER A 6 7.40 -21.12 -7.38
CA SER A 6 7.68 -20.66 -8.73
C SER A 6 9.10 -20.14 -8.82
N GLY A 7 9.40 -19.17 -7.96
CA GLY A 7 10.73 -18.58 -7.93
C GLY A 7 10.66 -17.07 -8.19
N GLN A 8 11.55 -16.34 -7.52
CA GLN A 8 11.61 -14.91 -7.66
C GLN A 8 10.20 -14.33 -7.74
N PRO A 9 9.62 -14.04 -6.54
CA PRO A 9 8.28 -13.50 -6.45
C PRO A 9 8.27 -12.01 -6.83
N PRO A 10 7.04 -11.46 -6.95
CA PRO A 10 6.88 -10.06 -7.30
C PRO A 10 7.22 -9.15 -6.12
N GLN A 11 7.99 -8.11 -6.42
CA GLN A 11 8.38 -7.16 -5.39
C GLN A 11 8.30 -5.73 -5.93
N PHE A 12 7.48 -4.93 -5.26
CA PHE A 12 7.30 -3.55 -5.66
C PHE A 12 7.95 -2.60 -4.64
N LYS A 13 8.40 -1.46 -5.16
CA LYS A 13 9.04 -0.46 -4.32
C LYS A 13 7.97 0.38 -3.61
N LEU A 14 8.20 0.62 -2.34
CA LEU A 14 7.27 1.41 -1.55
C LEU A 14 7.62 2.89 -1.67
N ASP A 15 6.58 3.72 -1.66
CA ASP A 15 6.76 5.15 -1.77
C ASP A 15 7.68 5.63 -0.63
N PRO A 16 8.16 6.90 -0.78
CA PRO A 16 9.04 7.49 0.22
C PRO A 16 8.25 7.88 1.48
N ARG A 17 6.94 7.96 1.30
CA ARG A 17 6.07 8.32 2.41
C ARG A 17 5.48 7.07 3.08
N LEU A 18 5.38 6.01 2.28
CA LEU A 18 4.85 4.76 2.77
C LEU A 18 6.00 3.88 3.26
N ALA A 19 7.03 3.79 2.44
CA ALA A 19 8.20 3.00 2.77
C ALA A 19 8.52 3.17 4.26
N ARG A 20 8.19 4.35 4.77
CA ARG A 20 8.43 4.64 6.18
C ARG A 20 7.18 4.35 7.00
N LEU A 21 6.05 4.85 6.52
CA LEU A 21 4.79 4.65 7.21
C LEU A 21 4.72 3.23 7.74
N LEU A 22 4.80 2.27 6.82
CA LEU A 22 4.75 0.86 7.19
C LEU A 22 6.15 0.41 7.62
N GLY A 23 7.14 0.92 6.92
CA GLY A 23 8.53 0.57 7.23
C GLY A 23 9.04 -0.51 6.29
N ILE A 24 8.21 -0.85 5.31
CA ILE A 24 8.57 -1.88 4.35
C ILE A 24 9.32 -1.23 3.18
N HIS A 25 10.61 -1.52 3.12
CA HIS A 25 11.45 -0.98 2.06
C HIS A 25 10.96 -1.50 0.71
N THR A 26 11.01 -2.82 0.55
CA THR A 26 10.58 -3.44 -0.68
C THR A 26 10.14 -4.89 -0.42
N GLN A 27 8.85 -5.13 -0.65
CA GLN A 27 8.29 -6.45 -0.43
C GLN A 27 7.35 -6.82 -1.59
N THR A 28 6.59 -7.88 -1.37
CA THR A 28 5.65 -8.35 -2.37
C THR A 28 4.33 -7.57 -2.27
N ARG A 29 3.32 -8.09 -2.95
CA ARG A 29 2.01 -7.46 -2.94
C ARG A 29 1.22 -7.88 -1.71
N PRO A 30 1.23 -9.22 -1.45
CA PRO A 30 0.52 -9.76 -0.31
C PRO A 30 1.29 -9.48 0.99
N VAL A 31 2.46 -8.90 0.83
CA VAL A 31 3.30 -8.57 1.97
C VAL A 31 3.15 -7.08 2.30
N ILE A 32 2.84 -6.32 1.27
CA ILE A 32 2.67 -4.88 1.43
C ILE A 32 1.21 -4.58 1.74
N ILE A 33 0.32 -5.23 0.99
CA ILE A 33 -1.10 -5.04 1.18
C ILE A 33 -1.46 -5.31 2.64
N GLN A 34 -0.86 -6.36 3.19
CA GLN A 34 -1.11 -6.73 4.57
C GLN A 34 -0.61 -5.63 5.52
N ALA A 35 0.67 -5.33 5.40
CA ALA A 35 1.29 -4.31 6.23
C ALA A 35 0.37 -3.09 6.27
N LEU A 36 -0.42 -2.94 5.22
CA LEU A 36 -1.34 -1.81 5.13
C LEU A 36 -2.63 -2.16 5.88
N TRP A 37 -3.16 -3.34 5.58
CA TRP A 37 -4.38 -3.80 6.22
C TRP A 37 -4.19 -3.73 7.73
N GLN A 38 -3.03 -4.20 8.15
CA GLN A 38 -2.69 -4.21 9.57
C GLN A 38 -2.66 -2.77 10.11
N TYR A 39 -2.66 -1.83 9.18
CA TYR A 39 -2.62 -0.42 9.55
C TYR A 39 -4.03 0.11 9.79
N ILE A 40 -4.92 -0.19 8.86
CA ILE A 40 -6.30 0.25 8.95
C ILE A 40 -6.99 -0.49 10.10
N LYS A 41 -6.42 -1.63 10.46
CA LYS A 41 -6.97 -2.44 11.54
C LYS A 41 -6.43 -1.92 12.87
N THR A 42 -5.13 -1.72 12.91
CA THR A 42 -4.49 -1.22 14.13
C THR A 42 -4.81 0.25 14.33
N HIS A 43 -4.76 0.99 13.23
CA HIS A 43 -5.05 2.42 13.29
C HIS A 43 -6.55 2.65 13.19
N LYS A 44 -7.28 1.54 13.12
CA LYS A 44 -8.73 1.61 13.02
C LYS A 44 -9.13 2.77 12.12
N LEU A 45 -8.67 2.70 10.87
CA LEU A 45 -8.97 3.73 9.90
C LEU A 45 -10.32 3.45 9.26
N GLN A 46 -10.94 2.38 9.72
CA GLN A 46 -12.25 1.99 9.20
C GLN A 46 -13.22 3.17 9.25
N ASP A 47 -13.85 3.42 8.11
CA ASP A 47 -14.80 4.52 8.01
C ASP A 47 -15.93 4.31 9.02
N PRO A 48 -16.20 5.38 9.81
CA PRO A 48 -17.24 5.33 10.82
C PRO A 48 -18.63 5.41 10.17
N HIS A 49 -18.63 5.77 8.89
CA HIS A 49 -19.88 5.88 8.15
C HIS A 49 -20.26 4.52 7.59
N GLU A 50 -19.33 3.93 6.86
CA GLU A 50 -19.56 2.63 6.26
C GLU A 50 -18.70 1.57 6.94
N ARG A 51 -18.77 0.36 6.40
CA ARG A 51 -18.01 -0.75 6.95
C ARG A 51 -17.01 -1.28 5.92
N GLU A 52 -17.22 -0.85 4.68
CA GLU A 52 -16.36 -1.28 3.59
C GLU A 52 -15.35 -0.18 3.26
N PHE A 53 -15.70 1.04 3.64
CA PHE A 53 -14.84 2.18 3.39
C PHE A 53 -13.81 2.35 4.51
N VAL A 54 -12.81 3.18 4.23
CA VAL A 54 -11.76 3.44 5.19
C VAL A 54 -11.29 4.88 5.06
N LEU A 55 -11.45 5.63 6.15
CA LEU A 55 -11.05 7.02 6.17
C LEU A 55 -9.54 7.11 6.37
N CYS A 56 -8.84 7.44 5.29
CA CYS A 56 -7.39 7.55 5.34
C CYS A 56 -7.03 8.58 6.42
N ASP A 57 -6.01 8.25 7.19
CA ASP A 57 -5.55 9.13 8.25
C ASP A 57 -4.88 10.35 7.64
N LYS A 58 -4.43 11.24 8.51
CA LYS A 58 -3.75 12.45 8.07
C LYS A 58 -2.56 12.09 7.19
N TYR A 59 -1.94 10.96 7.54
CA TYR A 59 -0.79 10.49 6.79
C TYR A 59 -1.21 9.92 5.42
N LEU A 60 -2.17 9.01 5.47
CA LEU A 60 -2.66 8.39 4.25
C LEU A 60 -3.29 9.46 3.36
N GLN A 61 -4.00 10.38 4.00
CA GLN A 61 -4.65 11.45 3.28
C GLN A 61 -3.64 12.24 2.45
N GLN A 62 -2.37 12.09 2.83
CA GLN A 62 -1.29 12.78 2.14
C GLN A 62 -0.62 11.83 1.16
N ILE A 63 -0.91 10.54 1.31
CA ILE A 63 -0.34 9.54 0.44
C ILE A 63 -1.38 9.12 -0.60
N PHE A 64 -2.49 8.61 -0.11
CA PHE A 64 -3.56 8.18 -1.00
C PHE A 64 -4.33 9.37 -1.56
N GLU A 65 -4.51 10.37 -0.70
CA GLU A 65 -5.23 11.57 -1.10
C GLU A 65 -6.71 11.27 -1.30
N SER A 66 -7.19 10.30 -0.54
CA SER A 66 -8.58 9.90 -0.62
C SER A 66 -9.21 9.93 0.78
N GLN A 67 -9.82 11.06 1.09
CA GLN A 67 -10.46 11.23 2.38
C GLN A 67 -11.22 9.96 2.78
N ARG A 68 -12.01 9.46 1.83
CA ARG A 68 -12.78 8.26 2.06
C ARG A 68 -12.82 7.40 0.80
N MET A 69 -12.36 6.16 0.95
CA MET A 69 -12.33 5.23 -0.17
C MET A 69 -12.78 3.84 0.27
N LYS A 70 -13.13 3.02 -0.72
CA LYS A 70 -13.58 1.68 -0.45
C LYS A 70 -12.37 0.76 -0.27
N PHE A 71 -12.52 -0.20 0.63
CA PHE A 71 -11.45 -1.14 0.92
C PHE A 71 -10.95 -1.81 -0.36
N SER A 72 -11.84 -1.87 -1.35
CA SER A 72 -11.51 -2.47 -2.62
C SER A 72 -10.69 -1.49 -3.47
N GLU A 73 -10.66 -0.25 -3.01
CA GLU A 73 -9.93 0.79 -3.72
C GLU A 73 -8.55 0.98 -3.10
N ILE A 74 -8.26 0.14 -2.11
CA ILE A 74 -6.98 0.19 -1.42
C ILE A 74 -5.90 -0.43 -2.31
N PRO A 75 -6.25 -1.61 -2.89
CA PRO A 75 -5.33 -2.32 -3.76
C PRO A 75 -5.22 -1.64 -5.13
N GLN A 76 -6.16 -0.72 -5.36
CA GLN A 76 -6.18 0.01 -6.62
C GLN A 76 -5.40 1.33 -6.49
N ARG A 77 -5.15 1.70 -5.24
CA ARG A 77 -4.41 2.92 -4.96
C ARG A 77 -2.97 2.61 -4.58
N LEU A 78 -2.73 1.34 -4.30
CA LEU A 78 -1.40 0.88 -3.91
C LEU A 78 -0.48 0.96 -5.13
N HIS A 79 -1.03 0.63 -6.28
CA HIS A 79 -0.27 0.66 -7.52
C HIS A 79 0.56 1.95 -7.59
N ALA A 80 -0.02 3.00 -7.03
CA ALA A 80 0.66 4.29 -7.01
C ALA A 80 1.82 4.25 -6.03
N LEU A 81 1.54 3.73 -4.84
CA LEU A 81 2.55 3.63 -3.80
C LEU A 81 3.54 2.53 -4.18
N LEU A 82 3.16 1.74 -5.17
CA LEU A 82 4.01 0.65 -5.62
C LEU A 82 4.74 1.09 -6.90
N MET A 83 6.06 1.14 -6.80
CA MET A 83 6.88 1.54 -7.92
C MET A 83 7.82 0.40 -8.34
N PRO A 84 8.29 0.49 -9.62
CA PRO A 84 9.19 -0.52 -10.16
C PRO A 84 10.59 -0.35 -9.60
N PRO A 85 11.03 -1.39 -8.83
CA PRO A 85 12.35 -1.37 -8.23
C PRO A 85 13.44 -1.63 -9.27
N GLU A 86 13.42 -0.83 -10.32
CA GLU A 86 14.38 -0.97 -11.39
C GLU A 86 14.70 0.40 -12.01
N PRO A 87 15.91 0.49 -12.63
CA PRO A 87 16.34 1.72 -13.25
C PRO A 87 15.61 1.95 -14.58
N SER A 88 15.48 0.88 -15.33
CA SER A 88 14.79 0.94 -16.61
C SER A 88 13.44 0.23 -16.54
N GLY A 89 12.41 1.00 -16.23
CA GLY A 89 11.07 0.45 -16.13
C GLY A 89 10.32 0.56 -17.45
N PRO A 90 9.28 -0.29 -17.60
CA PRO A 90 8.47 -0.30 -18.82
C PRO A 90 7.54 0.91 -18.85
N SER A 91 6.78 1.06 -17.78
CA SER A 91 5.84 2.16 -17.67
C SER A 91 6.41 3.26 -16.79
N SER A 92 6.99 4.27 -17.43
CA SER A 92 7.57 5.38 -16.71
C SER A 92 8.63 4.87 -15.72
N GLY A 93 9.89 5.05 -16.10
CA GLY A 93 10.99 4.62 -15.26
C GLY A 93 11.35 5.69 -14.23
N GLY A 1 -3.13 -9.84 -16.32
CA GLY A 1 -3.57 -9.30 -15.05
C GLY A 1 -3.90 -10.42 -14.06
N SER A 2 -4.98 -11.14 -14.36
CA SER A 2 -5.40 -12.23 -13.51
C SER A 2 -4.69 -13.52 -13.93
N SER A 3 -3.52 -13.73 -13.34
CA SER A 3 -2.74 -14.92 -13.63
C SER A 3 -1.66 -15.11 -12.57
N GLY A 4 -1.48 -16.37 -12.17
CA GLY A 4 -0.49 -16.69 -11.17
C GLY A 4 0.64 -17.56 -11.76
N SER A 5 1.17 -18.43 -10.92
CA SER A 5 2.24 -19.31 -11.36
C SER A 5 3.47 -18.49 -11.76
N SER A 6 4.55 -18.69 -11.00
CA SER A 6 5.78 -17.97 -11.27
C SER A 6 6.83 -18.35 -10.22
N GLY A 7 8.08 -18.44 -10.68
CA GLY A 7 9.18 -18.79 -9.81
C GLY A 7 9.28 -17.82 -8.63
N GLN A 8 10.35 -17.05 -8.64
CA GLN A 8 10.58 -16.07 -7.59
C GLN A 8 9.38 -15.14 -7.45
N PRO A 9 9.10 -14.74 -6.18
CA PRO A 9 7.98 -13.86 -5.91
C PRO A 9 8.30 -12.41 -6.33
N PRO A 10 7.21 -11.65 -6.63
CA PRO A 10 7.36 -10.26 -7.05
C PRO A 10 7.72 -9.37 -5.85
N GLN A 11 8.06 -8.13 -6.17
CA GLN A 11 8.42 -7.17 -5.14
C GLN A 11 8.37 -5.74 -5.71
N PHE A 12 7.51 -4.94 -5.13
CA PHE A 12 7.36 -3.56 -5.56
C PHE A 12 8.00 -2.60 -4.56
N LYS A 13 8.46 -1.47 -5.09
CA LYS A 13 9.10 -0.46 -4.26
C LYS A 13 8.03 0.40 -3.59
N LEU A 14 8.17 0.56 -2.29
CA LEU A 14 7.24 1.35 -1.51
C LEU A 14 7.59 2.84 -1.65
N ASP A 15 6.55 3.66 -1.66
CA ASP A 15 6.75 5.10 -1.78
C ASP A 15 7.65 5.58 -0.64
N PRO A 16 8.14 6.85 -0.79
CA PRO A 16 9.01 7.44 0.20
C PRO A 16 8.23 7.86 1.45
N ARG A 17 6.91 7.93 1.28
CA ARG A 17 6.03 8.31 2.37
C ARG A 17 5.46 7.06 3.04
N LEU A 18 5.34 6.00 2.26
CA LEU A 18 4.80 4.75 2.76
C LEU A 18 5.95 3.87 3.27
N ALA A 19 6.99 3.78 2.45
CA ALA A 19 8.14 2.97 2.80
C ALA A 19 8.50 3.21 4.26
N ARG A 20 8.20 4.41 4.73
CA ARG A 20 8.48 4.78 6.10
C ARG A 20 7.24 4.57 6.98
N LEU A 21 6.08 4.79 6.37
CA LEU A 21 4.83 4.62 7.07
C LEU A 21 4.77 3.22 7.69
N LEU A 22 4.84 2.22 6.83
CA LEU A 22 4.80 0.84 7.27
C LEU A 22 6.21 0.40 7.66
N GLY A 23 7.19 1.00 7.00
CA GLY A 23 8.58 0.69 7.28
C GLY A 23 9.07 -0.43 6.35
N ILE A 24 8.25 -0.76 5.38
CA ILE A 24 8.58 -1.80 4.42
C ILE A 24 9.35 -1.18 3.25
N HIS A 25 10.64 -1.45 3.21
CA HIS A 25 11.50 -0.94 2.16
C HIS A 25 10.98 -1.41 0.80
N THR A 26 11.00 -2.72 0.63
CA THR A 26 10.54 -3.33 -0.62
C THR A 26 10.12 -4.78 -0.38
N GLN A 27 8.81 -5.01 -0.49
CA GLN A 27 8.28 -6.34 -0.29
C GLN A 27 7.36 -6.71 -1.46
N THR A 28 6.61 -7.79 -1.26
CA THR A 28 5.70 -8.27 -2.29
C THR A 28 4.37 -7.52 -2.21
N ARG A 29 3.38 -8.05 -2.90
CA ARG A 29 2.06 -7.44 -2.91
C ARG A 29 1.26 -7.88 -1.68
N PRO A 30 1.29 -9.22 -1.43
CA PRO A 30 0.58 -9.78 -0.29
C PRO A 30 1.31 -9.49 1.01
N VAL A 31 2.48 -8.88 0.88
CA VAL A 31 3.29 -8.54 2.03
C VAL A 31 3.12 -7.06 2.36
N ILE A 32 2.83 -6.28 1.32
CA ILE A 32 2.63 -4.86 1.48
C ILE A 32 1.16 -4.58 1.79
N ILE A 33 0.30 -5.24 1.03
CA ILE A 33 -1.14 -5.07 1.20
C ILE A 33 -1.50 -5.35 2.66
N GLN A 34 -0.89 -6.40 3.20
CA GLN A 34 -1.14 -6.78 4.58
C GLN A 34 -0.65 -5.69 5.52
N ALA A 35 0.65 -5.44 5.47
CA ALA A 35 1.26 -4.43 6.31
C ALA A 35 0.36 -3.19 6.36
N LEU A 36 -0.39 -3.01 5.28
CA LEU A 36 -1.30 -1.87 5.19
C LEU A 36 -2.59 -2.20 5.92
N TRP A 37 -3.14 -3.37 5.60
CA TRP A 37 -4.38 -3.80 6.22
C TRP A 37 -4.20 -3.74 7.73
N GLN A 38 -3.06 -4.25 8.19
CA GLN A 38 -2.75 -4.25 9.60
C GLN A 38 -2.72 -2.82 10.15
N TYR A 39 -2.68 -1.88 9.22
CA TYR A 39 -2.65 -0.47 9.59
C TYR A 39 -4.06 0.07 9.79
N ILE A 40 -4.92 -0.24 8.84
CA ILE A 40 -6.30 0.21 8.90
C ILE A 40 -7.00 -0.47 10.07
N LYS A 41 -6.46 -1.62 10.47
CA LYS A 41 -7.02 -2.37 11.57
C LYS A 41 -6.48 -1.82 12.89
N THR A 42 -5.14 -1.72 12.94
CA THR A 42 -4.49 -1.21 14.14
C THR A 42 -4.79 0.28 14.32
N HIS A 43 -4.74 1.00 13.21
CA HIS A 43 -5.01 2.43 13.23
C HIS A 43 -6.51 2.68 13.14
N LYS A 44 -7.25 1.58 13.10
CA LYS A 44 -8.70 1.67 13.01
C LYS A 44 -9.09 2.75 12.00
N LEU A 45 -8.61 2.56 10.78
CA LEU A 45 -8.89 3.52 9.71
C LEU A 45 -10.29 3.23 9.14
N GLN A 46 -10.88 2.16 9.63
CA GLN A 46 -12.21 1.78 9.18
C GLN A 46 -13.17 2.96 9.28
N ASP A 47 -13.79 3.28 8.15
CA ASP A 47 -14.72 4.39 8.09
C ASP A 47 -15.82 4.17 9.14
N PRO A 48 -16.09 5.23 9.94
CA PRO A 48 -17.10 5.17 10.97
C PRO A 48 -18.51 5.24 10.35
N HIS A 49 -18.55 5.62 9.09
CA HIS A 49 -19.80 5.74 8.38
C HIS A 49 -20.19 4.38 7.77
N GLU A 50 -19.27 3.83 7.00
CA GLU A 50 -19.49 2.54 6.36
C GLU A 50 -18.62 1.47 7.01
N ARG A 51 -18.70 0.26 6.46
CA ARG A 51 -17.92 -0.85 6.97
C ARG A 51 -16.98 -1.37 5.89
N GLU A 52 -17.18 -0.89 4.68
CA GLU A 52 -16.36 -1.30 3.55
C GLU A 52 -15.35 -0.21 3.20
N PHE A 53 -15.68 1.01 3.64
CA PHE A 53 -14.82 2.15 3.37
C PHE A 53 -13.77 2.31 4.48
N VAL A 54 -12.79 3.16 4.20
CA VAL A 54 -11.72 3.41 5.16
C VAL A 54 -11.27 4.86 5.03
N LEU A 55 -11.40 5.59 6.13
CA LEU A 55 -11.00 6.99 6.16
C LEU A 55 -9.49 7.08 6.38
N CYS A 56 -8.79 7.41 5.31
CA CYS A 56 -7.35 7.53 5.37
C CYS A 56 -6.99 8.58 6.44
N ASP A 57 -6.05 8.21 7.29
CA ASP A 57 -5.62 9.10 8.35
C ASP A 57 -4.89 10.31 7.74
N LYS A 58 -4.47 11.20 8.62
CA LYS A 58 -3.77 12.40 8.18
C LYS A 58 -2.64 12.01 7.22
N TYR A 59 -1.87 11.02 7.65
CA TYR A 59 -0.76 10.54 6.84
C TYR A 59 -1.26 10.01 5.48
N LEU A 60 -2.11 9.01 5.55
CA LEU A 60 -2.66 8.42 4.34
C LEU A 60 -3.29 9.51 3.48
N GLN A 61 -3.99 10.41 4.15
CA GLN A 61 -4.64 11.52 3.46
C GLN A 61 -3.61 12.31 2.64
N GLN A 62 -2.35 12.13 3.01
CA GLN A 62 -1.27 12.83 2.32
C GLN A 62 -0.62 11.90 1.30
N ILE A 63 -0.91 10.61 1.43
CA ILE A 63 -0.36 9.62 0.52
C ILE A 63 -1.42 9.24 -0.52
N PHE A 64 -2.53 8.72 -0.02
CA PHE A 64 -3.63 8.31 -0.88
C PHE A 64 -4.40 9.52 -1.41
N GLU A 65 -4.54 10.52 -0.54
CA GLU A 65 -5.24 11.73 -0.90
C GLU A 65 -6.74 11.44 -1.08
N SER A 66 -7.21 10.44 -0.34
CA SER A 66 -8.60 10.06 -0.40
C SER A 66 -9.20 10.04 1.00
N GLN A 67 -9.89 11.13 1.33
CA GLN A 67 -10.52 11.25 2.63
C GLN A 67 -11.29 9.97 2.97
N ARG A 68 -12.03 9.49 1.98
CA ARG A 68 -12.82 8.28 2.17
C ARG A 68 -12.80 7.44 0.89
N MET A 69 -12.37 6.19 1.05
CA MET A 69 -12.30 5.28 -0.09
C MET A 69 -12.77 3.88 0.32
N LYS A 70 -13.03 3.07 -0.70
CA LYS A 70 -13.49 1.70 -0.47
C LYS A 70 -12.28 0.79 -0.28
N PHE A 71 -12.45 -0.18 0.61
CA PHE A 71 -11.39 -1.13 0.89
C PHE A 71 -10.89 -1.79 -0.38
N SER A 72 -11.80 -1.90 -1.35
CA SER A 72 -11.46 -2.52 -2.62
C SER A 72 -10.66 -1.53 -3.48
N GLU A 73 -10.65 -0.29 -3.04
CA GLU A 73 -9.92 0.75 -3.75
C GLU A 73 -8.54 0.95 -3.15
N ILE A 74 -8.23 0.13 -2.15
CA ILE A 74 -6.95 0.21 -1.48
C ILE A 74 -5.87 -0.41 -2.38
N PRO A 75 -6.21 -1.59 -2.96
CA PRO A 75 -5.28 -2.30 -3.84
C PRO A 75 -5.22 -1.61 -5.20
N GLN A 76 -6.14 -0.70 -5.43
CA GLN A 76 -6.19 0.02 -6.67
C GLN A 76 -5.41 1.34 -6.57
N ARG A 77 -5.15 1.73 -5.33
CA ARG A 77 -4.41 2.95 -5.07
C ARG A 77 -2.97 2.65 -4.70
N LEU A 78 -2.74 1.40 -4.32
CA LEU A 78 -1.41 0.96 -3.93
C LEU A 78 -0.49 1.00 -5.15
N HIS A 79 -1.04 0.61 -6.29
CA HIS A 79 -0.29 0.60 -7.54
C HIS A 79 0.52 1.89 -7.64
N ALA A 80 -0.05 2.96 -7.11
CA ALA A 80 0.62 4.26 -7.14
C ALA A 80 1.76 4.26 -6.12
N LEU A 81 1.45 3.79 -4.92
CA LEU A 81 2.44 3.75 -3.87
C LEU A 81 3.49 2.69 -4.21
N LEU A 82 3.14 1.82 -5.15
CA LEU A 82 4.04 0.77 -5.57
C LEU A 82 4.79 1.22 -6.83
N MET A 83 6.11 1.17 -6.73
CA MET A 83 6.95 1.58 -7.85
C MET A 83 7.86 0.43 -8.29
N PRO A 84 8.34 0.53 -9.56
CA PRO A 84 9.21 -0.49 -10.12
C PRO A 84 10.61 -0.38 -9.54
N PRO A 85 11.00 -1.42 -8.76
CA PRO A 85 12.31 -1.45 -8.15
C PRO A 85 13.40 -1.79 -9.18
N GLU A 86 13.42 -0.99 -10.24
CA GLU A 86 14.40 -1.19 -11.30
C GLU A 86 14.98 0.16 -11.74
N PRO A 87 16.20 0.09 -12.34
CA PRO A 87 16.87 1.28 -12.81
C PRO A 87 16.23 1.79 -14.11
N SER A 88 16.06 0.88 -15.05
CA SER A 88 15.46 1.23 -16.32
C SER A 88 16.41 2.15 -17.11
N GLY A 89 17.09 1.56 -18.08
CA GLY A 89 18.02 2.31 -18.91
C GLY A 89 17.31 3.50 -19.58
N PRO A 90 18.15 4.46 -20.07
CA PRO A 90 17.63 5.64 -20.73
C PRO A 90 17.14 5.30 -22.13
N SER A 91 16.12 4.45 -22.19
CA SER A 91 15.54 4.05 -23.46
C SER A 91 14.47 5.04 -23.90
N SER A 92 14.88 5.98 -24.75
CA SER A 92 13.96 6.99 -25.23
C SER A 92 12.86 6.34 -26.07
N GLY A 93 11.77 7.07 -26.24
CA GLY A 93 10.65 6.57 -27.01
C GLY A 93 10.51 7.33 -28.33
N GLY A 1 -4.71 -6.60 -10.86
CA GLY A 1 -3.91 -7.80 -11.09
C GLY A 1 -4.63 -9.04 -10.57
N SER A 2 -3.99 -10.18 -10.81
CA SER A 2 -4.54 -11.45 -10.37
C SER A 2 -3.53 -12.57 -10.58
N SER A 3 -3.12 -12.73 -11.83
CA SER A 3 -2.15 -13.75 -12.17
C SER A 3 -0.92 -13.63 -11.28
N GLY A 4 -0.48 -14.78 -10.77
CA GLY A 4 0.68 -14.81 -9.90
C GLY A 4 1.96 -15.11 -10.70
N SER A 5 3.00 -15.48 -9.97
CA SER A 5 4.27 -15.79 -10.59
C SER A 5 4.90 -17.01 -9.92
N SER A 6 5.75 -17.69 -10.67
CA SER A 6 6.43 -18.87 -10.16
C SER A 6 7.84 -18.50 -9.69
N GLY A 7 8.36 -19.32 -8.78
CA GLY A 7 9.69 -19.09 -8.24
C GLY A 7 9.79 -17.73 -7.55
N GLN A 8 10.90 -17.06 -7.79
CA GLN A 8 11.12 -15.75 -7.21
C GLN A 8 9.84 -14.92 -7.26
N PRO A 9 9.38 -14.50 -6.05
CA PRO A 9 8.17 -13.69 -5.95
C PRO A 9 8.43 -12.25 -6.40
N PRO A 10 7.31 -11.48 -6.52
CA PRO A 10 7.40 -10.09 -6.94
C PRO A 10 7.92 -9.21 -5.79
N GLN A 11 8.21 -7.97 -6.13
CA GLN A 11 8.72 -7.02 -5.15
C GLN A 11 8.60 -5.59 -5.69
N PHE A 12 7.69 -4.84 -5.08
CA PHE A 12 7.47 -3.46 -5.48
C PHE A 12 8.14 -2.49 -4.50
N LYS A 13 8.52 -1.34 -5.03
CA LYS A 13 9.17 -0.32 -4.23
C LYS A 13 8.10 0.55 -3.55
N LEU A 14 8.19 0.64 -2.23
CA LEU A 14 7.25 1.43 -1.47
C LEU A 14 7.59 2.91 -1.62
N ASP A 15 6.54 3.72 -1.64
CA ASP A 15 6.71 5.16 -1.79
C ASP A 15 7.66 5.67 -0.70
N PRO A 16 8.12 6.94 -0.87
CA PRO A 16 9.02 7.54 0.08
C PRO A 16 8.28 7.96 1.35
N ARG A 17 6.96 8.03 1.23
CA ARG A 17 6.12 8.40 2.36
C ARG A 17 5.56 7.16 3.05
N LEU A 18 5.43 6.10 2.27
CA LEU A 18 4.92 4.85 2.79
C LEU A 18 6.08 3.98 3.26
N ALA A 19 7.11 3.90 2.43
CA ALA A 19 8.29 3.12 2.75
C ALA A 19 8.60 3.27 4.25
N ARG A 20 8.30 4.45 4.76
CA ARG A 20 8.55 4.74 6.16
C ARG A 20 7.30 4.44 7.00
N LEU A 21 6.17 4.94 6.51
CA LEU A 21 4.90 4.75 7.20
C LEU A 21 4.85 3.32 7.73
N LEU A 22 4.93 2.36 6.81
CA LEU A 22 4.88 0.96 7.18
C LEU A 22 6.29 0.50 7.58
N GLY A 23 7.27 1.00 6.85
CA GLY A 23 8.65 0.65 7.12
C GLY A 23 9.11 -0.49 6.22
N ILE A 24 8.25 -0.85 5.27
CA ILE A 24 8.56 -1.92 4.34
C ILE A 24 9.28 -1.35 3.13
N HIS A 25 10.61 -1.43 3.16
CA HIS A 25 11.42 -0.92 2.08
C HIS A 25 10.90 -1.48 0.75
N THR A 26 10.96 -2.80 0.63
CA THR A 26 10.51 -3.47 -0.57
C THR A 26 10.03 -4.88 -0.25
N GLN A 27 8.80 -5.16 -0.63
CA GLN A 27 8.21 -6.47 -0.40
C GLN A 27 7.25 -6.83 -1.53
N THR A 28 6.52 -7.93 -1.31
CA THR A 28 5.56 -8.39 -2.30
C THR A 28 4.25 -7.60 -2.19
N ARG A 29 3.29 -8.00 -3.01
CA ARG A 29 2.00 -7.34 -3.01
C ARG A 29 1.15 -7.83 -1.84
N PRO A 30 1.17 -9.18 -1.63
CA PRO A 30 0.41 -9.77 -0.54
C PRO A 30 1.09 -9.52 0.81
N VAL A 31 2.28 -8.94 0.73
CA VAL A 31 3.04 -8.64 1.94
C VAL A 31 2.83 -7.17 2.32
N ILE A 32 2.73 -6.34 1.30
CA ILE A 32 2.53 -4.91 1.51
C ILE A 32 1.05 -4.66 1.85
N ILE A 33 0.19 -5.21 1.01
CA ILE A 33 -1.24 -5.05 1.21
C ILE A 33 -1.59 -5.36 2.66
N GLN A 34 -0.94 -6.39 3.18
CA GLN A 34 -1.17 -6.79 4.57
C GLN A 34 -0.66 -5.72 5.52
N ALA A 35 0.64 -5.46 5.45
CA ALA A 35 1.26 -4.46 6.30
C ALA A 35 0.36 -3.23 6.37
N LEU A 36 -0.40 -3.02 5.29
CA LEU A 36 -1.31 -1.89 5.22
C LEU A 36 -2.60 -2.22 5.95
N TRP A 37 -3.15 -3.38 5.63
CA TRP A 37 -4.39 -3.83 6.25
C TRP A 37 -4.20 -3.77 7.77
N GLN A 38 -3.05 -4.25 8.21
CA GLN A 38 -2.73 -4.26 9.63
C GLN A 38 -2.68 -2.83 10.17
N TYR A 39 -2.66 -1.88 9.24
CA TYR A 39 -2.61 -0.48 9.62
C TYR A 39 -4.02 0.08 9.85
N ILE A 40 -4.91 -0.21 8.91
CA ILE A 40 -6.27 0.24 8.99
C ILE A 40 -6.98 -0.47 10.15
N LYS A 41 -6.42 -1.62 10.51
CA LYS A 41 -6.98 -2.42 11.59
C LYS A 41 -6.45 -1.90 12.93
N THR A 42 -5.14 -1.73 12.97
CA THR A 42 -4.48 -1.24 14.18
C THR A 42 -4.79 0.25 14.39
N HIS A 43 -4.74 0.99 13.29
CA HIS A 43 -5.01 2.41 13.33
C HIS A 43 -6.51 2.66 13.25
N LYS A 44 -7.26 1.56 13.21
CA LYS A 44 -8.71 1.65 13.13
C LYS A 44 -9.09 2.78 12.19
N LEU A 45 -8.63 2.66 10.94
CA LEU A 45 -8.92 3.67 9.94
C LEU A 45 -10.28 3.37 9.30
N GLN A 46 -10.88 2.28 9.76
CA GLN A 46 -12.18 1.87 9.25
C GLN A 46 -13.17 3.04 9.30
N ASP A 47 -13.77 3.32 8.15
CA ASP A 47 -14.73 4.39 8.05
C ASP A 47 -15.87 4.16 9.04
N PRO A 48 -16.15 5.21 9.86
CA PRO A 48 -17.21 5.12 10.86
C PRO A 48 -18.59 5.23 10.20
N HIS A 49 -18.58 5.60 8.93
CA HIS A 49 -19.82 5.73 8.18
C HIS A 49 -20.20 4.38 7.58
N GLU A 50 -19.26 3.79 6.86
CA GLU A 50 -19.48 2.51 6.23
C GLU A 50 -18.61 1.43 6.89
N ARG A 51 -18.68 0.24 6.33
CA ARG A 51 -17.90 -0.88 6.84
C ARG A 51 -16.93 -1.39 5.77
N GLU A 52 -17.15 -0.92 4.55
CA GLU A 52 -16.30 -1.33 3.44
C GLU A 52 -15.30 -0.22 3.12
N PHE A 53 -15.63 0.98 3.54
CA PHE A 53 -14.77 2.14 3.30
C PHE A 53 -13.75 2.29 4.43
N VAL A 54 -12.76 3.14 4.18
CA VAL A 54 -11.72 3.39 5.16
C VAL A 54 -11.25 4.83 5.04
N LEU A 55 -11.37 5.56 6.15
CA LEU A 55 -10.95 6.96 6.18
C LEU A 55 -9.44 7.03 6.39
N CYS A 56 -8.75 7.45 5.35
CA CYS A 56 -7.30 7.57 5.41
C CYS A 56 -6.95 8.56 6.52
N ASP A 57 -5.88 8.24 7.24
CA ASP A 57 -5.44 9.08 8.33
C ASP A 57 -4.75 10.33 7.76
N LYS A 58 -4.35 11.22 8.65
CA LYS A 58 -3.69 12.45 8.25
C LYS A 58 -2.51 12.11 7.33
N TYR A 59 -1.85 11.01 7.66
CA TYR A 59 -0.71 10.57 6.88
C TYR A 59 -1.16 10.02 5.52
N LEU A 60 -2.06 9.05 5.58
CA LEU A 60 -2.58 8.43 4.37
C LEU A 60 -3.22 9.50 3.48
N GLN A 61 -3.95 10.40 4.14
CA GLN A 61 -4.61 11.48 3.44
C GLN A 61 -3.61 12.30 2.62
N GLN A 62 -2.34 12.14 3.00
CA GLN A 62 -1.28 12.85 2.31
C GLN A 62 -0.59 11.94 1.30
N ILE A 63 -0.88 10.65 1.42
CA ILE A 63 -0.30 9.67 0.52
C ILE A 63 -1.34 9.27 -0.53
N PHE A 64 -2.47 8.78 -0.04
CA PHE A 64 -3.54 8.35 -0.91
C PHE A 64 -4.34 9.56 -1.42
N GLU A 65 -4.55 10.52 -0.53
CA GLU A 65 -5.29 11.71 -0.87
C GLU A 65 -6.77 11.38 -1.06
N SER A 66 -7.22 10.37 -0.33
CA SER A 66 -8.61 9.95 -0.42
C SER A 66 -9.24 9.97 0.97
N GLN A 67 -9.91 11.06 1.27
CA GLN A 67 -10.57 11.22 2.55
C GLN A 67 -11.36 9.95 2.90
N ARG A 68 -12.08 9.45 1.91
CA ARG A 68 -12.88 8.25 2.09
C ARG A 68 -12.88 7.41 0.81
N MET A 69 -12.45 6.16 0.96
CA MET A 69 -12.40 5.25 -0.17
C MET A 69 -12.85 3.85 0.24
N LYS A 70 -13.10 3.02 -0.76
CA LYS A 70 -13.54 1.66 -0.53
C LYS A 70 -12.33 0.76 -0.34
N PHE A 71 -12.47 -0.20 0.56
CA PHE A 71 -11.39 -1.13 0.84
C PHE A 71 -10.87 -1.78 -0.45
N SER A 72 -11.80 -1.94 -1.39
CA SER A 72 -11.44 -2.55 -2.67
C SER A 72 -10.66 -1.56 -3.52
N GLU A 73 -10.65 -0.31 -3.07
CA GLU A 73 -9.95 0.73 -3.78
C GLU A 73 -8.56 0.95 -3.18
N ILE A 74 -8.25 0.12 -2.19
CA ILE A 74 -6.97 0.20 -1.52
C ILE A 74 -5.89 -0.41 -2.42
N PRO A 75 -6.23 -1.59 -2.99
CA PRO A 75 -5.30 -2.28 -3.87
C PRO A 75 -5.23 -1.60 -5.24
N GLN A 76 -6.17 -0.69 -5.46
CA GLN A 76 -6.22 0.04 -6.71
C GLN A 76 -5.44 1.35 -6.60
N ARG A 77 -5.14 1.73 -5.37
CA ARG A 77 -4.40 2.96 -5.11
C ARG A 77 -2.97 2.62 -4.70
N LEU A 78 -2.76 1.37 -4.33
CA LEU A 78 -1.44 0.92 -3.92
C LEU A 78 -0.49 0.95 -5.13
N HIS A 79 -1.05 0.59 -6.28
CA HIS A 79 -0.26 0.57 -7.50
C HIS A 79 0.55 1.86 -7.61
N ALA A 80 0.00 2.92 -7.04
CA ALA A 80 0.66 4.21 -7.07
C ALA A 80 1.82 4.21 -6.07
N LEU A 81 1.52 3.72 -4.87
CA LEU A 81 2.53 3.66 -3.82
C LEU A 81 3.56 2.58 -4.18
N LEU A 82 3.15 1.68 -5.05
CA LEU A 82 4.03 0.60 -5.48
C LEU A 82 4.74 1.00 -6.77
N MET A 83 6.05 1.15 -6.66
CA MET A 83 6.86 1.54 -7.79
C MET A 83 7.80 0.40 -8.21
N PRO A 84 8.22 0.47 -9.51
CA PRO A 84 9.11 -0.55 -10.05
C PRO A 84 10.54 -0.37 -9.52
N PRO A 85 10.99 -1.36 -8.71
CA PRO A 85 12.33 -1.30 -8.14
C PRO A 85 13.38 -1.65 -9.18
N GLU A 86 13.33 -0.91 -10.29
CA GLU A 86 14.28 -1.12 -11.37
C GLU A 86 14.59 0.20 -12.07
N PRO A 87 15.80 0.25 -12.70
CA PRO A 87 16.23 1.45 -13.40
C PRO A 87 15.50 1.59 -14.74
N SER A 88 16.07 2.42 -15.60
CA SER A 88 15.49 2.65 -16.90
C SER A 88 14.00 2.99 -16.77
N GLY A 89 13.74 4.25 -16.45
CA GLY A 89 12.37 4.72 -16.28
C GLY A 89 12.08 5.88 -17.21
N PRO A 90 10.76 6.24 -17.29
CA PRO A 90 10.33 7.34 -18.14
C PRO A 90 10.70 8.69 -17.52
N SER A 91 11.91 9.13 -17.84
CA SER A 91 12.40 10.40 -17.33
C SER A 91 13.07 11.20 -18.45
N SER A 92 14.11 10.59 -19.02
CA SER A 92 14.85 11.22 -20.10
C SER A 92 15.30 12.62 -19.68
N GLY A 93 16.52 12.68 -19.18
CA GLY A 93 17.09 13.95 -18.74
C GLY A 93 17.21 14.93 -19.89
N GLY A 1 -6.02 -11.62 -0.38
CA GLY A 1 -5.19 -12.46 -1.23
C GLY A 1 -5.65 -12.41 -2.68
N SER A 2 -4.93 -13.12 -3.53
CA SER A 2 -5.25 -13.16 -4.95
C SER A 2 -4.51 -14.32 -5.62
N SER A 3 -3.20 -14.28 -5.51
CA SER A 3 -2.38 -15.32 -6.10
C SER A 3 -0.98 -15.32 -5.47
N GLY A 4 -0.54 -16.51 -5.09
CA GLY A 4 0.77 -16.65 -4.47
C GLY A 4 1.44 -17.96 -4.90
N SER A 5 2.25 -18.49 -3.99
CA SER A 5 2.95 -19.73 -4.25
C SER A 5 3.67 -19.65 -5.61
N SER A 6 4.96 -19.37 -5.55
CA SER A 6 5.76 -19.26 -6.75
C SER A 6 7.25 -19.25 -6.39
N GLY A 7 8.05 -19.80 -7.29
CA GLY A 7 9.48 -19.88 -7.08
C GLY A 7 10.04 -18.52 -6.63
N GLN A 8 9.82 -17.52 -7.47
CA GLN A 8 10.28 -16.18 -7.16
C GLN A 8 9.10 -15.24 -6.94
N PRO A 9 8.96 -14.77 -5.67
CA PRO A 9 7.87 -13.88 -5.33
C PRO A 9 8.14 -12.46 -5.84
N PRO A 10 7.03 -11.67 -5.97
CA PRO A 10 7.14 -10.31 -6.46
C PRO A 10 7.71 -9.39 -5.38
N GLN A 11 8.02 -8.17 -5.80
CA GLN A 11 8.57 -7.19 -4.89
C GLN A 11 8.50 -5.78 -5.50
N PHE A 12 7.62 -4.96 -4.94
CA PHE A 12 7.45 -3.61 -5.43
C PHE A 12 8.11 -2.60 -4.50
N LYS A 13 8.51 -1.47 -5.06
CA LYS A 13 9.15 -0.43 -4.30
C LYS A 13 8.09 0.43 -3.61
N LEU A 14 8.24 0.58 -2.31
CA LEU A 14 7.30 1.37 -1.53
C LEU A 14 7.63 2.85 -1.69
N ASP A 15 6.60 3.67 -1.68
CA ASP A 15 6.76 5.10 -1.82
C ASP A 15 7.69 5.61 -0.71
N PRO A 16 8.16 6.88 -0.89
CA PRO A 16 9.04 7.50 0.09
C PRO A 16 8.26 7.92 1.34
N ARG A 17 6.94 7.95 1.20
CA ARG A 17 6.09 8.33 2.31
C ARG A 17 5.54 7.09 3.01
N LEU A 18 5.42 6.01 2.24
CA LEU A 18 4.93 4.76 2.78
C LEU A 18 6.11 3.91 3.26
N ALA A 19 7.11 3.81 2.41
CA ALA A 19 8.29 3.03 2.74
C ALA A 19 8.66 3.27 4.20
N ARG A 20 8.33 4.47 4.68
CA ARG A 20 8.62 4.83 6.05
C ARG A 20 7.39 4.58 6.94
N LEU A 21 6.24 4.94 6.41
CA LEU A 21 4.99 4.76 7.13
C LEU A 21 4.97 3.36 7.75
N LEU A 22 5.06 2.37 6.89
CA LEU A 22 5.05 0.98 7.34
C LEU A 22 6.47 0.55 7.69
N GLY A 23 7.42 1.09 6.92
CA GLY A 23 8.82 0.76 7.13
C GLY A 23 9.26 -0.38 6.21
N ILE A 24 8.42 -0.68 5.24
CA ILE A 24 8.71 -1.73 4.29
C ILE A 24 9.46 -1.15 3.10
N HIS A 25 10.76 -1.37 3.09
CA HIS A 25 11.60 -0.88 2.01
C HIS A 25 11.10 -1.44 0.68
N THR A 26 11.10 -2.75 0.59
CA THR A 26 10.65 -3.42 -0.62
C THR A 26 10.18 -4.84 -0.30
N GLN A 27 8.89 -5.07 -0.50
CA GLN A 27 8.31 -6.37 -0.25
C GLN A 27 7.33 -6.74 -1.36
N THR A 28 6.68 -7.88 -1.17
CA THR A 28 5.71 -8.36 -2.16
C THR A 28 4.42 -7.55 -2.07
N ARG A 29 3.48 -7.90 -2.93
CA ARG A 29 2.20 -7.22 -2.97
C ARG A 29 1.30 -7.71 -1.82
N PRO A 30 1.30 -9.05 -1.64
CA PRO A 30 0.50 -9.66 -0.58
C PRO A 30 1.13 -9.44 0.79
N VAL A 31 2.33 -8.86 0.77
CA VAL A 31 3.05 -8.58 2.00
C VAL A 31 2.86 -7.12 2.37
N ILE A 32 2.83 -6.28 1.36
CA ILE A 32 2.66 -4.85 1.58
C ILE A 32 1.18 -4.56 1.89
N ILE A 33 0.32 -5.11 1.05
CA ILE A 33 -1.11 -4.92 1.22
C ILE A 33 -1.49 -5.20 2.68
N GLN A 34 -0.87 -6.24 3.23
CA GLN A 34 -1.12 -6.61 4.60
C GLN A 34 -0.65 -5.52 5.56
N ALA A 35 0.64 -5.22 5.47
CA ALA A 35 1.23 -4.20 6.32
C ALA A 35 0.29 -2.99 6.38
N LEU A 36 -0.47 -2.82 5.32
CA LEU A 36 -1.41 -1.71 5.23
C LEU A 36 -2.70 -2.09 5.97
N TRP A 37 -3.21 -3.27 5.64
CA TRP A 37 -4.43 -3.76 6.25
C TRP A 37 -4.25 -3.71 7.78
N GLN A 38 -3.11 -4.23 8.22
CA GLN A 38 -2.80 -4.26 9.64
C GLN A 38 -2.79 -2.83 10.20
N TYR A 39 -2.72 -1.87 9.29
CA TYR A 39 -2.70 -0.47 9.67
C TYR A 39 -4.12 0.05 9.90
N ILE A 40 -4.98 -0.23 8.95
CA ILE A 40 -6.36 0.21 9.04
C ILE A 40 -7.06 -0.52 10.18
N LYS A 41 -6.57 -1.73 10.46
CA LYS A 41 -7.13 -2.54 11.52
C LYS A 41 -6.62 -2.02 12.87
N THR A 42 -5.30 -1.92 12.97
CA THR A 42 -4.68 -1.44 14.20
C THR A 42 -5.03 0.03 14.44
N HIS A 43 -4.94 0.81 13.38
CA HIS A 43 -5.25 2.22 13.46
C HIS A 43 -6.76 2.43 13.32
N LYS A 44 -7.46 1.32 13.19
CA LYS A 44 -8.91 1.36 13.04
C LYS A 44 -9.29 2.54 12.14
N LEU A 45 -8.77 2.50 10.93
CA LEU A 45 -9.03 3.55 9.95
C LEU A 45 -10.39 3.28 9.28
N GLN A 46 -11.02 2.20 9.71
CA GLN A 46 -12.31 1.82 9.16
C GLN A 46 -13.28 2.99 9.24
N ASP A 47 -13.85 3.33 8.08
CA ASP A 47 -14.79 4.42 8.01
C ASP A 47 -15.92 4.20 9.03
N PRO A 48 -16.21 5.27 9.82
CA PRO A 48 -17.24 5.19 10.82
C PRO A 48 -18.63 5.27 10.19
N HIS A 49 -18.64 5.62 8.91
CA HIS A 49 -19.89 5.73 8.18
C HIS A 49 -20.27 4.37 7.60
N GLU A 50 -19.32 3.78 6.87
CA GLU A 50 -19.53 2.49 6.26
C GLU A 50 -18.66 1.43 6.94
N ARG A 51 -18.68 0.24 6.37
CA ARG A 51 -17.89 -0.86 6.90
C ARG A 51 -16.90 -1.36 5.85
N GLU A 52 -17.10 -0.91 4.63
CA GLU A 52 -16.23 -1.30 3.53
C GLU A 52 -15.24 -0.18 3.21
N PHE A 53 -15.60 1.03 3.63
CA PHE A 53 -14.77 2.19 3.39
C PHE A 53 -13.74 2.36 4.51
N VAL A 54 -12.73 3.17 4.23
CA VAL A 54 -11.68 3.42 5.21
C VAL A 54 -11.26 4.89 5.12
N LEU A 55 -11.44 5.59 6.23
CA LEU A 55 -11.08 7.00 6.29
C LEU A 55 -9.56 7.13 6.49
N CYS A 56 -8.86 7.36 5.39
CA CYS A 56 -7.42 7.50 5.43
C CYS A 56 -7.08 8.60 6.44
N ASP A 57 -6.08 8.30 7.27
CA ASP A 57 -5.64 9.25 8.28
C ASP A 57 -4.89 10.39 7.61
N LYS A 58 -4.42 11.32 8.44
CA LYS A 58 -3.68 12.46 7.93
C LYS A 58 -2.57 11.98 7.00
N TYR A 59 -1.82 11.00 7.48
CA TYR A 59 -0.73 10.43 6.69
C TYR A 59 -1.24 9.89 5.36
N LEU A 60 -2.12 8.90 5.45
CA LEU A 60 -2.68 8.29 4.26
C LEU A 60 -3.30 9.37 3.38
N GLN A 61 -3.98 10.30 4.03
CA GLN A 61 -4.63 11.39 3.32
C GLN A 61 -3.60 12.17 2.50
N GLN A 62 -2.34 12.00 2.87
CA GLN A 62 -1.26 12.67 2.17
C GLN A 62 -0.61 11.72 1.17
N ILE A 63 -0.91 10.45 1.32
CA ILE A 63 -0.36 9.43 0.44
C ILE A 63 -1.41 9.02 -0.59
N PHE A 64 -2.50 8.47 -0.07
CA PHE A 64 -3.60 8.03 -0.93
C PHE A 64 -4.37 9.22 -1.48
N GLU A 65 -4.48 10.26 -0.65
CA GLU A 65 -5.20 11.46 -1.05
C GLU A 65 -6.69 11.17 -1.22
N SER A 66 -7.16 10.19 -0.46
CA SER A 66 -8.55 9.80 -0.52
C SER A 66 -9.18 9.86 0.87
N GLN A 67 -9.83 10.98 1.16
CA GLN A 67 -10.47 11.18 2.44
C GLN A 67 -11.24 9.92 2.84
N ARG A 68 -11.99 9.40 1.89
CA ARG A 68 -12.79 8.21 2.12
C ARG A 68 -12.86 7.36 0.86
N MET A 69 -12.41 6.12 0.99
CA MET A 69 -12.43 5.20 -0.14
C MET A 69 -12.86 3.79 0.30
N LYS A 70 -13.14 2.96 -0.69
CA LYS A 70 -13.57 1.60 -0.41
C LYS A 70 -12.33 0.70 -0.26
N PHE A 71 -12.45 -0.24 0.66
CA PHE A 71 -11.35 -1.17 0.92
C PHE A 71 -10.87 -1.83 -0.38
N SER A 72 -11.78 -1.90 -1.34
CA SER A 72 -11.47 -2.50 -2.62
C SER A 72 -10.66 -1.52 -3.48
N GLU A 73 -10.62 -0.28 -3.02
CA GLU A 73 -9.88 0.76 -3.72
C GLU A 73 -8.48 0.92 -3.13
N ILE A 74 -8.19 0.07 -2.15
CA ILE A 74 -6.90 0.12 -1.49
C ILE A 74 -5.83 -0.47 -2.41
N PRO A 75 -6.19 -1.64 -3.02
CA PRO A 75 -5.28 -2.32 -3.93
C PRO A 75 -5.22 -1.59 -5.28
N GLN A 76 -6.14 -0.67 -5.47
CA GLN A 76 -6.19 0.09 -6.70
C GLN A 76 -5.41 1.40 -6.55
N ARG A 77 -5.12 1.74 -5.30
CA ARG A 77 -4.38 2.95 -5.01
C ARG A 77 -2.94 2.62 -4.63
N LEU A 78 -2.71 1.34 -4.37
CA LEU A 78 -1.38 0.88 -3.99
C LEU A 78 -0.45 0.96 -5.21
N HIS A 79 -1.00 0.57 -6.36
CA HIS A 79 -0.24 0.60 -7.60
C HIS A 79 0.62 1.87 -7.64
N ALA A 80 0.05 2.94 -7.13
CA ALA A 80 0.74 4.22 -7.10
C ALA A 80 1.89 4.16 -6.09
N LEU A 81 1.55 3.68 -4.89
CA LEU A 81 2.54 3.57 -3.83
C LEU A 81 3.57 2.51 -4.22
N LEU A 82 3.17 1.65 -5.15
CA LEU A 82 4.05 0.59 -5.61
C LEU A 82 4.73 1.02 -6.90
N MET A 83 6.06 1.11 -6.85
CA MET A 83 6.83 1.50 -8.00
C MET A 83 7.75 0.38 -8.46
N PRO A 84 8.17 0.46 -9.76
CA PRO A 84 9.06 -0.55 -10.32
C PRO A 84 10.49 -0.38 -9.81
N PRO A 85 10.94 -1.39 -9.02
CA PRO A 85 12.28 -1.36 -8.46
C PRO A 85 13.32 -1.68 -9.53
N GLU A 86 14.58 -1.46 -9.18
CA GLU A 86 15.68 -1.72 -10.09
C GLU A 86 16.72 -2.64 -9.43
N PRO A 87 17.49 -3.34 -10.29
CA PRO A 87 18.52 -4.25 -9.80
C PRO A 87 19.74 -3.47 -9.30
N SER A 88 20.04 -2.38 -9.99
CA SER A 88 21.17 -1.54 -9.63
C SER A 88 20.85 -0.77 -8.35
N GLY A 89 19.59 -0.41 -8.22
CA GLY A 89 19.14 0.34 -7.05
C GLY A 89 19.23 -0.52 -5.79
N PRO A 90 19.35 0.18 -4.62
CA PRO A 90 19.45 -0.50 -3.35
C PRO A 90 18.08 -1.05 -2.91
N SER A 91 17.60 -2.00 -3.70
CA SER A 91 16.32 -2.63 -3.40
C SER A 91 16.41 -3.44 -2.11
N SER A 92 17.28 -4.44 -2.15
CA SER A 92 17.47 -5.31 -1.00
C SER A 92 18.84 -5.04 -0.37
N GLY A 93 19.87 -5.19 -1.19
CA GLY A 93 21.23 -4.97 -0.73
C GLY A 93 22.25 -5.45 -1.77
N GLY A 1 -0.62 -4.08 -15.83
CA GLY A 1 0.00 -5.23 -16.46
C GLY A 1 0.29 -6.32 -15.41
N SER A 2 0.18 -7.57 -15.87
CA SER A 2 0.43 -8.70 -14.99
C SER A 2 1.73 -9.40 -15.39
N SER A 3 2.19 -10.28 -14.51
CA SER A 3 3.41 -11.01 -14.77
C SER A 3 3.17 -12.52 -14.58
N GLY A 4 2.69 -13.13 -15.66
CA GLY A 4 2.41 -14.56 -15.63
C GLY A 4 3.70 -15.37 -15.75
N SER A 5 4.47 -15.35 -14.68
CA SER A 5 5.73 -16.08 -14.66
C SER A 5 5.75 -17.04 -13.46
N SER A 6 6.62 -18.04 -13.56
CA SER A 6 6.75 -19.03 -12.51
C SER A 6 8.23 -19.20 -12.13
N GLY A 7 8.71 -18.27 -11.32
CA GLY A 7 10.09 -18.31 -10.89
C GLY A 7 10.31 -17.46 -9.64
N GLN A 8 10.40 -16.15 -9.86
CA GLN A 8 10.60 -15.23 -8.77
C GLN A 8 9.29 -14.53 -8.41
N PRO A 9 9.12 -14.28 -7.08
CA PRO A 9 7.91 -13.63 -6.60
C PRO A 9 7.92 -12.13 -6.93
N PRO A 10 6.71 -11.51 -6.80
CA PRO A 10 6.57 -10.09 -7.08
C PRO A 10 7.16 -9.25 -5.94
N GLN A 11 7.76 -8.13 -6.33
CA GLN A 11 8.36 -7.24 -5.35
C GLN A 11 8.28 -5.80 -5.84
N PHE A 12 7.39 -5.04 -5.21
CA PHE A 12 7.21 -3.64 -5.58
C PHE A 12 7.85 -2.72 -4.54
N LYS A 13 8.33 -1.59 -5.03
CA LYS A 13 8.97 -0.62 -4.15
C LYS A 13 7.89 0.21 -3.44
N LEU A 14 8.19 0.57 -2.20
CA LEU A 14 7.26 1.35 -1.41
C LEU A 14 7.64 2.83 -1.50
N ASP A 15 6.62 3.66 -1.61
CA ASP A 15 6.83 5.10 -1.70
C ASP A 15 7.68 5.56 -0.52
N PRO A 16 8.22 6.80 -0.66
CA PRO A 16 9.05 7.37 0.39
C PRO A 16 8.20 7.83 1.58
N ARG A 17 6.90 7.91 1.34
CA ARG A 17 5.97 8.32 2.38
C ARG A 17 5.33 7.11 3.04
N LEU A 18 5.23 6.03 2.27
CA LEU A 18 4.64 4.81 2.76
C LEU A 18 5.74 3.91 3.32
N ALA A 19 6.82 3.80 2.56
CA ALA A 19 7.94 2.98 2.97
C ALA A 19 8.31 3.30 4.43
N ARG A 20 8.05 4.55 4.80
CA ARG A 20 8.34 5.00 6.15
C ARG A 20 7.12 4.78 7.05
N LEU A 21 5.95 4.78 6.43
CA LEU A 21 4.71 4.58 7.16
C LEU A 21 4.68 3.17 7.73
N LEU A 22 4.76 2.20 6.83
CA LEU A 22 4.74 0.80 7.23
C LEU A 22 6.14 0.38 7.69
N GLY A 23 7.14 0.87 6.96
CA GLY A 23 8.52 0.56 7.28
C GLY A 23 9.09 -0.47 6.29
N ILE A 24 8.35 -0.67 5.21
CA ILE A 24 8.77 -1.63 4.18
C ILE A 24 9.23 -0.86 2.95
N HIS A 25 10.43 -1.20 2.49
CA HIS A 25 11.00 -0.56 1.32
C HIS A 25 10.52 -1.26 0.05
N THR A 26 10.94 -2.51 -0.09
CA THR A 26 10.56 -3.31 -1.24
C THR A 26 10.10 -4.70 -0.80
N GLN A 27 8.84 -4.99 -1.08
CA GLN A 27 8.27 -6.27 -0.72
C GLN A 27 7.27 -6.72 -1.78
N THR A 28 6.60 -7.83 -1.49
CA THR A 28 5.62 -8.38 -2.41
C THR A 28 4.28 -7.65 -2.26
N ARG A 29 3.29 -8.13 -2.98
CA ARG A 29 1.96 -7.53 -2.93
C ARG A 29 1.23 -7.97 -1.67
N PRO A 30 1.30 -9.30 -1.40
CA PRO A 30 0.65 -9.86 -0.23
C PRO A 30 1.42 -9.52 1.05
N VAL A 31 2.58 -8.90 0.86
CA VAL A 31 3.41 -8.51 1.98
C VAL A 31 3.19 -7.03 2.29
N ILE A 32 2.76 -6.30 1.27
CA ILE A 32 2.50 -4.88 1.41
C ILE A 32 1.03 -4.66 1.73
N ILE A 33 0.18 -5.23 0.89
CA ILE A 33 -1.25 -5.11 1.08
C ILE A 33 -1.61 -5.36 2.55
N GLN A 34 -0.97 -6.38 3.10
CA GLN A 34 -1.20 -6.73 4.49
C GLN A 34 -0.64 -5.65 5.42
N ALA A 35 0.67 -5.44 5.32
CA ALA A 35 1.33 -4.45 6.14
C ALA A 35 0.47 -3.19 6.20
N LEU A 36 -0.30 -2.98 5.14
CA LEU A 36 -1.18 -1.83 5.06
C LEU A 36 -2.48 -2.12 5.81
N TRP A 37 -3.04 -3.28 5.51
CA TRP A 37 -4.29 -3.69 6.14
C TRP A 37 -4.09 -3.60 7.66
N GLN A 38 -3.02 -4.22 8.13
CA GLN A 38 -2.72 -4.23 9.55
C GLN A 38 -2.71 -2.79 10.09
N TYR A 39 -2.58 -1.84 9.17
CA TYR A 39 -2.56 -0.43 9.54
C TYR A 39 -3.97 0.09 9.75
N ILE A 40 -4.84 -0.22 8.81
CA ILE A 40 -6.22 0.21 8.88
C ILE A 40 -6.88 -0.41 10.11
N LYS A 41 -6.37 -1.57 10.50
CA LYS A 41 -6.90 -2.28 11.65
C LYS A 41 -6.29 -1.69 12.92
N THR A 42 -4.97 -1.69 12.96
CA THR A 42 -4.25 -1.15 14.11
C THR A 42 -4.55 0.34 14.29
N HIS A 43 -4.62 1.03 13.16
CA HIS A 43 -4.90 2.45 13.18
C HIS A 43 -6.41 2.68 13.08
N LYS A 44 -7.14 1.59 13.11
CA LYS A 44 -8.60 1.65 13.03
C LYS A 44 -9.00 2.73 12.02
N LEU A 45 -8.55 2.54 10.79
CA LEU A 45 -8.86 3.48 9.73
C LEU A 45 -10.25 3.19 9.19
N GLN A 46 -10.84 2.12 9.69
CA GLN A 46 -12.17 1.72 9.27
C GLN A 46 -13.14 2.90 9.37
N ASP A 47 -13.77 3.22 8.24
CA ASP A 47 -14.71 4.31 8.20
C ASP A 47 -15.82 4.07 9.22
N PRO A 48 -16.10 5.12 10.03
CA PRO A 48 -17.13 5.03 11.06
C PRO A 48 -18.52 5.11 10.43
N HIS A 49 -18.55 5.49 9.16
CA HIS A 49 -19.80 5.61 8.44
C HIS A 49 -20.17 4.27 7.81
N GLU A 50 -19.24 3.74 7.02
CA GLU A 50 -19.45 2.47 6.36
C GLU A 50 -18.52 1.41 6.95
N ARG A 51 -18.72 0.17 6.50
CA ARG A 51 -17.92 -0.94 6.98
C ARG A 51 -17.03 -1.47 5.84
N GLU A 52 -17.20 -0.87 4.67
CA GLU A 52 -16.42 -1.27 3.51
C GLU A 52 -15.39 -0.19 3.17
N PHE A 53 -15.67 1.02 3.63
CA PHE A 53 -14.78 2.14 3.38
C PHE A 53 -13.77 2.30 4.52
N VAL A 54 -12.76 3.14 4.26
CA VAL A 54 -11.73 3.38 5.24
C VAL A 54 -11.27 4.83 5.14
N LEU A 55 -11.39 5.55 6.24
CA LEU A 55 -10.98 6.94 6.28
C LEU A 55 -9.47 7.03 6.46
N CYS A 56 -8.80 7.41 5.38
CA CYS A 56 -7.35 7.54 5.40
C CYS A 56 -6.98 8.49 6.54
N ASP A 57 -5.89 8.15 7.22
CA ASP A 57 -5.40 8.96 8.32
C ASP A 57 -4.72 10.21 7.76
N LYS A 58 -4.29 11.07 8.68
CA LYS A 58 -3.61 12.30 8.29
C LYS A 58 -2.44 11.97 7.38
N TYR A 59 -1.85 10.79 7.61
CA TYR A 59 -0.72 10.35 6.82
C TYR A 59 -1.18 9.86 5.44
N LEU A 60 -2.13 8.94 5.47
CA LEU A 60 -2.67 8.38 4.24
C LEU A 60 -3.33 9.50 3.42
N GLN A 61 -4.01 10.39 4.13
CA GLN A 61 -4.69 11.50 3.48
C GLN A 61 -3.70 12.32 2.67
N GLN A 62 -2.42 12.15 2.99
CA GLN A 62 -1.37 12.88 2.30
C GLN A 62 -0.72 11.97 1.24
N ILE A 63 -1.01 10.69 1.34
CA ILE A 63 -0.47 9.71 0.41
C ILE A 63 -1.55 9.35 -0.62
N PHE A 64 -2.65 8.82 -0.11
CA PHE A 64 -3.76 8.42 -0.96
C PHE A 64 -4.56 9.64 -1.42
N GLU A 65 -4.71 10.60 -0.51
CA GLU A 65 -5.45 11.80 -0.81
C GLU A 65 -6.94 11.49 -0.99
N SER A 66 -7.38 10.47 -0.28
CA SER A 66 -8.77 10.06 -0.35
C SER A 66 -9.38 10.01 1.05
N GLN A 67 -10.07 11.09 1.40
CA GLN A 67 -10.69 11.19 2.70
C GLN A 67 -11.44 9.90 3.04
N ARG A 68 -12.19 9.42 2.05
CA ARG A 68 -12.95 8.19 2.22
C ARG A 68 -12.95 7.38 0.92
N MET A 69 -12.51 6.13 1.05
CA MET A 69 -12.45 5.25 -0.10
C MET A 69 -12.90 3.84 0.28
N LYS A 70 -13.15 3.03 -0.76
CA LYS A 70 -13.59 1.66 -0.54
C LYS A 70 -12.37 0.77 -0.32
N PHE A 71 -12.53 -0.18 0.58
CA PHE A 71 -11.45 -1.10 0.90
C PHE A 71 -10.89 -1.75 -0.37
N SER A 72 -11.79 -2.00 -1.31
CA SER A 72 -11.40 -2.61 -2.57
C SER A 72 -10.66 -1.59 -3.44
N GLU A 73 -10.72 -0.34 -3.01
CA GLU A 73 -10.06 0.73 -3.73
C GLU A 73 -8.69 1.02 -3.12
N ILE A 74 -8.33 0.21 -2.13
CA ILE A 74 -7.06 0.37 -1.46
C ILE A 74 -5.94 -0.20 -2.34
N PRO A 75 -6.23 -1.41 -2.90
CA PRO A 75 -5.27 -2.07 -3.76
C PRO A 75 -5.21 -1.41 -5.15
N GLN A 76 -6.19 -0.54 -5.38
CA GLN A 76 -6.27 0.16 -6.65
C GLN A 76 -5.47 1.46 -6.60
N ARG A 77 -5.12 1.84 -5.37
CA ARG A 77 -4.34 3.06 -5.17
C ARG A 77 -2.91 2.71 -4.78
N LEU A 78 -2.71 1.46 -4.40
CA LEU A 78 -1.39 0.99 -4.01
C LEU A 78 -0.46 1.02 -5.22
N HIS A 79 -1.02 0.63 -6.36
CA HIS A 79 -0.26 0.62 -7.61
C HIS A 79 0.60 1.88 -7.70
N ALA A 80 0.07 2.95 -7.13
CA ALA A 80 0.77 4.23 -7.14
C ALA A 80 1.92 4.18 -6.14
N LEU A 81 1.59 3.73 -4.94
CA LEU A 81 2.59 3.62 -3.87
C LEU A 81 3.55 2.47 -4.18
N LEU A 82 3.18 1.69 -5.19
CA LEU A 82 3.98 0.56 -5.60
C LEU A 82 4.74 0.91 -6.88
N MET A 83 6.05 1.02 -6.75
CA MET A 83 6.90 1.35 -7.88
C MET A 83 7.85 0.19 -8.20
N PRO A 84 8.35 0.20 -9.47
CA PRO A 84 9.26 -0.84 -9.92
C PRO A 84 10.66 -0.62 -9.33
N PRO A 85 11.10 -1.62 -8.53
CA PRO A 85 12.42 -1.55 -7.90
C PRO A 85 13.52 -1.83 -8.92
N GLU A 86 13.51 -1.06 -10.00
CA GLU A 86 14.50 -1.21 -11.05
C GLU A 86 15.22 0.10 -11.30
N PRO A 87 16.46 0.00 -11.86
CA PRO A 87 17.26 1.17 -12.14
C PRO A 87 16.73 1.90 -13.38
N SER A 88 16.25 1.12 -14.33
CA SER A 88 15.72 1.68 -15.56
C SER A 88 14.78 2.84 -15.24
N GLY A 89 13.91 2.60 -14.27
CA GLY A 89 12.94 3.61 -13.85
C GLY A 89 11.64 3.47 -14.64
N PRO A 90 10.58 4.14 -14.10
CA PRO A 90 9.27 4.10 -14.74
C PRO A 90 9.24 4.98 -16.00
N SER A 91 9.79 6.18 -15.85
CA SER A 91 9.84 7.12 -16.95
C SER A 91 10.75 8.30 -16.60
N SER A 92 10.42 8.96 -15.50
CA SER A 92 11.20 10.09 -15.05
C SER A 92 12.21 9.64 -13.97
N GLY A 93 11.66 9.20 -12.86
CA GLY A 93 12.49 8.74 -11.75
C GLY A 93 12.98 7.31 -11.99
N GLY A 1 -8.52 -19.21 -10.01
CA GLY A 1 -7.36 -19.45 -9.17
C GLY A 1 -6.88 -18.16 -8.52
N SER A 2 -5.83 -18.30 -7.71
CA SER A 2 -5.27 -17.15 -7.03
C SER A 2 -4.13 -16.55 -7.86
N SER A 3 -3.15 -17.39 -8.15
CA SER A 3 -2.01 -16.96 -8.94
C SER A 3 -1.26 -15.83 -8.21
N GLY A 4 0.03 -16.05 -8.01
CA GLY A 4 0.86 -15.08 -7.33
C GLY A 4 2.26 -15.03 -7.95
N SER A 5 2.29 -14.84 -9.26
CA SER A 5 3.54 -14.76 -9.99
C SER A 5 4.28 -16.09 -9.89
N SER A 6 4.96 -16.44 -10.98
CA SER A 6 5.72 -17.68 -11.04
C SER A 6 7.14 -17.45 -10.54
N GLY A 7 7.82 -18.55 -10.25
CA GLY A 7 9.19 -18.49 -9.76
C GLY A 7 9.30 -17.56 -8.55
N GLN A 8 10.43 -16.86 -8.48
CA GLN A 8 10.67 -15.94 -7.39
C GLN A 8 9.42 -15.09 -7.12
N PRO A 9 9.27 -14.68 -5.83
CA PRO A 9 8.13 -13.87 -5.43
C PRO A 9 8.29 -12.42 -5.91
N PRO A 10 7.14 -11.72 -6.03
CA PRO A 10 7.15 -10.33 -6.48
C PRO A 10 7.64 -9.40 -5.37
N GLN A 11 8.01 -8.20 -5.77
CA GLN A 11 8.49 -7.21 -4.83
C GLN A 11 8.43 -5.81 -5.44
N PHE A 12 7.53 -5.00 -4.89
CA PHE A 12 7.36 -3.64 -5.38
C PHE A 12 8.00 -2.64 -4.42
N LYS A 13 8.38 -1.50 -4.98
CA LYS A 13 9.00 -0.44 -4.18
C LYS A 13 7.92 0.41 -3.52
N LEU A 14 8.11 0.65 -2.24
CA LEU A 14 7.16 1.45 -1.47
C LEU A 14 7.51 2.93 -1.61
N ASP A 15 6.47 3.75 -1.65
CA ASP A 15 6.67 5.18 -1.78
C ASP A 15 7.59 5.68 -0.66
N PRO A 16 8.06 6.94 -0.82
CA PRO A 16 8.95 7.54 0.16
C PRO A 16 8.19 7.93 1.43
N ARG A 17 6.88 8.01 1.28
CA ARG A 17 6.02 8.38 2.39
C ARG A 17 5.45 7.13 3.07
N LEU A 18 5.33 6.07 2.28
CA LEU A 18 4.81 4.82 2.79
C LEU A 18 5.97 3.95 3.27
N ALA A 19 6.99 3.85 2.43
CA ALA A 19 8.16 3.05 2.76
C ALA A 19 8.51 3.25 4.22
N ARG A 20 8.21 4.44 4.72
CA ARG A 20 8.48 4.77 6.11
C ARG A 20 7.25 4.51 6.97
N LEU A 21 6.10 4.90 6.44
CA LEU A 21 4.84 4.72 7.14
C LEU A 21 4.79 3.30 7.72
N LEU A 22 4.87 2.33 6.84
CA LEU A 22 4.84 0.93 7.26
C LEU A 22 6.25 0.49 7.66
N GLY A 23 7.23 1.07 6.97
CA GLY A 23 8.62 0.75 7.24
C GLY A 23 9.11 -0.38 6.32
N ILE A 24 8.26 -0.73 5.37
CA ILE A 24 8.58 -1.78 4.42
C ILE A 24 9.33 -1.18 3.24
N HIS A 25 10.65 -1.37 3.24
CA HIS A 25 11.48 -0.85 2.17
C HIS A 25 10.97 -1.36 0.82
N THR A 26 10.97 -2.67 0.68
CA THR A 26 10.51 -3.28 -0.55
C THR A 26 10.10 -4.75 -0.29
N GLN A 27 8.81 -4.99 -0.44
CA GLN A 27 8.28 -6.33 -0.23
C GLN A 27 7.32 -6.70 -1.36
N THR A 28 6.70 -7.87 -1.22
CA THR A 28 5.77 -8.35 -2.22
C THR A 28 4.45 -7.60 -2.12
N ARG A 29 3.50 -8.00 -2.97
CA ARG A 29 2.20 -7.38 -2.99
C ARG A 29 1.34 -7.88 -1.81
N PRO A 30 1.37 -9.23 -1.63
CA PRO A 30 0.61 -9.85 -0.56
C PRO A 30 1.28 -9.62 0.79
N VAL A 31 2.46 -9.02 0.73
CA VAL A 31 3.21 -8.74 1.95
C VAL A 31 2.99 -7.28 2.35
N ILE A 32 2.81 -6.44 1.34
CA ILE A 32 2.58 -5.02 1.58
C ILE A 32 1.10 -4.79 1.88
N ILE A 33 0.27 -5.26 0.98
CA ILE A 33 -1.17 -5.11 1.12
C ILE A 33 -1.55 -5.35 2.59
N GLN A 34 -0.92 -6.38 3.16
CA GLN A 34 -1.18 -6.72 4.54
C GLN A 34 -0.67 -5.63 5.48
N ALA A 35 0.63 -5.39 5.41
CA ALA A 35 1.25 -4.39 6.24
C ALA A 35 0.35 -3.16 6.31
N LEU A 36 -0.40 -2.96 5.23
CA LEU A 36 -1.31 -1.82 5.16
C LEU A 36 -2.60 -2.16 5.91
N TRP A 37 -3.16 -3.32 5.58
CA TRP A 37 -4.38 -3.77 6.22
C TRP A 37 -4.17 -3.73 7.73
N GLN A 38 -3.01 -4.21 8.15
CA GLN A 38 -2.67 -4.23 9.56
C GLN A 38 -2.64 -2.80 10.12
N TYR A 39 -2.63 -1.85 9.21
CA TYR A 39 -2.59 -0.45 9.59
C TYR A 39 -4.00 0.09 9.86
N ILE A 40 -4.89 -0.20 8.91
CA ILE A 40 -6.27 0.25 9.03
C ILE A 40 -6.95 -0.49 10.17
N LYS A 41 -6.38 -1.64 10.51
CA LYS A 41 -6.92 -2.47 11.58
C LYS A 41 -6.39 -1.97 12.91
N THR A 42 -5.08 -1.76 12.96
CA THR A 42 -4.43 -1.28 14.17
C THR A 42 -4.74 0.20 14.39
N HIS A 43 -4.65 0.96 13.32
CA HIS A 43 -4.92 2.39 13.38
C HIS A 43 -6.43 2.63 13.34
N LYS A 44 -7.17 1.53 13.26
CA LYS A 44 -8.62 1.61 13.22
C LYS A 44 -9.03 2.77 12.30
N LEU A 45 -8.59 2.68 11.05
CA LEU A 45 -8.90 3.71 10.07
C LEU A 45 -10.25 3.38 9.42
N GLN A 46 -10.86 2.32 9.91
CA GLN A 46 -12.15 1.90 9.38
C GLN A 46 -13.13 3.07 9.37
N ASP A 47 -13.72 3.31 8.21
CA ASP A 47 -14.67 4.39 8.05
C ASP A 47 -15.85 4.18 9.01
N PRO A 48 -16.11 5.22 9.84
CA PRO A 48 -17.19 5.16 10.81
C PRO A 48 -18.55 5.31 10.11
N HIS A 49 -18.49 5.62 8.83
CA HIS A 49 -19.70 5.81 8.05
C HIS A 49 -20.10 4.49 7.40
N GLU A 50 -19.12 3.86 6.75
CA GLU A 50 -19.37 2.59 6.09
C GLU A 50 -18.40 1.53 6.62
N ARG A 51 -18.68 0.28 6.27
CA ARG A 51 -17.85 -0.83 6.70
C ARG A 51 -16.95 -1.29 5.55
N GLU A 52 -17.24 -0.77 4.36
CA GLU A 52 -16.46 -1.12 3.19
C GLU A 52 -15.42 -0.02 2.89
N PHE A 53 -15.70 1.16 3.41
CA PHE A 53 -14.82 2.30 3.22
C PHE A 53 -13.82 2.42 4.37
N VAL A 54 -12.80 3.24 4.14
CA VAL A 54 -11.78 3.46 5.16
C VAL A 54 -11.26 4.90 5.04
N LEU A 55 -11.34 5.61 6.16
CA LEU A 55 -10.89 6.99 6.21
C LEU A 55 -9.37 7.01 6.36
N CYS A 56 -8.72 7.52 5.32
CA CYS A 56 -7.27 7.60 5.32
C CYS A 56 -6.84 8.56 6.43
N ASP A 57 -5.82 8.15 7.17
CA ASP A 57 -5.31 8.96 8.26
C ASP A 57 -4.64 10.21 7.69
N LYS A 58 -4.18 11.07 8.60
CA LYS A 58 -3.53 12.30 8.21
C LYS A 58 -2.40 11.98 7.22
N TYR A 59 -1.76 10.83 7.45
CA TYR A 59 -0.68 10.40 6.59
C TYR A 59 -1.20 9.84 5.27
N LEU A 60 -2.16 8.93 5.39
CA LEU A 60 -2.76 8.31 4.22
C LEU A 60 -3.42 9.38 3.36
N GLN A 61 -3.99 10.37 4.04
CA GLN A 61 -4.67 11.46 3.36
C GLN A 61 -3.67 12.26 2.52
N GLN A 62 -2.40 12.13 2.89
CA GLN A 62 -1.33 12.83 2.19
C GLN A 62 -0.66 11.90 1.18
N ILE A 63 -0.94 10.62 1.33
CA ILE A 63 -0.37 9.62 0.45
C ILE A 63 -1.41 9.21 -0.60
N PHE A 64 -2.54 8.73 -0.11
CA PHE A 64 -3.61 8.30 -0.99
C PHE A 64 -4.39 9.51 -1.54
N GLU A 65 -4.56 10.49 -0.66
CA GLU A 65 -5.28 11.70 -1.04
C GLU A 65 -6.77 11.40 -1.22
N SER A 66 -7.24 10.43 -0.45
CA SER A 66 -8.63 10.03 -0.51
C SER A 66 -9.24 10.01 0.89
N GLN A 67 -9.89 11.10 1.24
CA GLN A 67 -10.51 11.22 2.54
C GLN A 67 -11.26 9.93 2.90
N ARG A 68 -12.02 9.44 1.93
CA ARG A 68 -12.79 8.23 2.14
C ARG A 68 -12.82 7.40 0.84
N MET A 69 -12.36 6.16 0.96
CA MET A 69 -12.32 5.26 -0.19
C MET A 69 -12.77 3.86 0.20
N LYS A 70 -13.15 3.09 -0.80
CA LYS A 70 -13.60 1.73 -0.58
C LYS A 70 -12.39 0.82 -0.36
N PHE A 71 -12.54 -0.10 0.57
CA PHE A 71 -11.47 -1.04 0.89
C PHE A 71 -10.94 -1.72 -0.37
N SER A 72 -11.84 -1.88 -1.34
CA SER A 72 -11.47 -2.51 -2.60
C SER A 72 -10.68 -1.52 -3.47
N GLU A 73 -10.67 -0.27 -3.04
CA GLU A 73 -9.96 0.76 -3.76
C GLU A 73 -8.57 0.98 -3.16
N ILE A 74 -8.28 0.18 -2.13
CA ILE A 74 -7.00 0.28 -1.45
C ILE A 74 -5.91 -0.35 -2.33
N PRO A 75 -6.25 -1.54 -2.89
CA PRO A 75 -5.31 -2.26 -3.75
C PRO A 75 -5.23 -1.60 -5.14
N GLN A 76 -6.16 -0.69 -5.38
CA GLN A 76 -6.21 0.02 -6.64
C GLN A 76 -5.42 1.33 -6.55
N ARG A 77 -5.15 1.73 -5.31
CA ARG A 77 -4.41 2.96 -5.07
C ARG A 77 -2.97 2.64 -4.67
N LEU A 78 -2.75 1.38 -4.31
CA LEU A 78 -1.43 0.94 -3.91
C LEU A 78 -0.49 0.97 -5.12
N HIS A 79 -1.03 0.54 -6.25
CA HIS A 79 -0.26 0.52 -7.48
C HIS A 79 0.58 1.80 -7.59
N ALA A 80 0.00 2.88 -7.10
CA ALA A 80 0.68 4.17 -7.14
C ALA A 80 1.83 4.16 -6.13
N LEU A 81 1.50 3.77 -4.91
CA LEU A 81 2.49 3.72 -3.85
C LEU A 81 3.54 2.66 -4.20
N LEU A 82 3.15 1.74 -5.06
CA LEU A 82 4.04 0.67 -5.48
C LEU A 82 4.78 1.11 -6.75
N MET A 83 6.10 1.10 -6.66
CA MET A 83 6.94 1.48 -7.78
C MET A 83 7.86 0.34 -8.21
N PRO A 84 8.36 0.43 -9.47
CA PRO A 84 9.25 -0.59 -9.99
C PRO A 84 10.65 -0.46 -9.40
N PRO A 85 11.07 -1.51 -8.64
CA PRO A 85 12.38 -1.50 -8.00
C PRO A 85 13.48 -1.78 -9.04
N GLU A 86 13.49 -0.95 -10.07
CA GLU A 86 14.47 -1.08 -11.13
C GLU A 86 15.59 -0.05 -10.93
N PRO A 87 16.78 -0.37 -11.52
CA PRO A 87 17.92 0.51 -11.41
C PRO A 87 17.77 1.72 -12.35
N SER A 88 18.89 2.37 -12.61
CA SER A 88 18.88 3.54 -13.48
C SER A 88 17.95 4.61 -12.92
N GLY A 89 18.41 5.27 -11.87
CA GLY A 89 17.63 6.32 -11.23
C GLY A 89 17.78 7.65 -11.98
N PRO A 90 16.62 8.33 -12.17
CA PRO A 90 16.61 9.60 -12.86
C PRO A 90 17.16 10.71 -11.97
N SER A 91 18.43 10.57 -11.62
CA SER A 91 19.09 11.56 -10.78
C SER A 91 18.74 12.97 -11.25
N SER A 92 19.06 13.23 -12.52
CA SER A 92 18.78 14.53 -13.10
C SER A 92 17.33 14.60 -13.58
N GLY A 93 16.85 15.82 -13.71
CA GLY A 93 15.48 16.04 -14.16
C GLY A 93 14.57 16.38 -12.98
N GLY A 1 -7.47 -16.32 -11.19
CA GLY A 1 -7.01 -16.76 -9.89
C GLY A 1 -6.53 -15.57 -9.05
N SER A 2 -5.70 -15.89 -8.06
CA SER A 2 -5.16 -14.85 -7.19
C SER A 2 -3.74 -15.22 -6.76
N SER A 3 -2.80 -14.38 -7.16
CA SER A 3 -1.41 -14.60 -6.84
C SER A 3 -0.91 -15.89 -7.50
N GLY A 4 0.41 -16.01 -7.56
CA GLY A 4 1.02 -17.17 -8.17
C GLY A 4 2.55 -17.12 -8.07
N SER A 5 3.04 -17.38 -6.88
CA SER A 5 4.48 -17.35 -6.63
C SER A 5 5.15 -18.50 -7.37
N SER A 6 6.34 -18.22 -7.90
CA SER A 6 7.09 -19.22 -8.62
C SER A 6 8.51 -18.71 -8.90
N GLY A 7 9.47 -19.37 -8.25
CA GLY A 7 10.86 -18.99 -8.41
C GLY A 7 11.15 -17.64 -7.76
N GLN A 8 10.84 -16.58 -8.52
CA GLN A 8 11.05 -15.24 -8.03
C GLN A 8 9.72 -14.51 -7.88
N PRO A 9 9.37 -14.21 -6.60
CA PRO A 9 8.12 -13.51 -6.30
C PRO A 9 8.23 -12.03 -6.67
N PRO A 10 7.03 -11.39 -6.82
CA PRO A 10 6.97 -9.98 -7.16
C PRO A 10 7.32 -9.11 -5.95
N GLN A 11 8.12 -8.08 -6.22
CA GLN A 11 8.54 -7.17 -5.17
C GLN A 11 8.52 -5.73 -5.68
N PHE A 12 7.54 -4.98 -5.20
CA PHE A 12 7.38 -3.59 -5.58
C PHE A 12 8.05 -2.66 -4.58
N LYS A 13 8.44 -1.49 -5.07
CA LYS A 13 9.09 -0.50 -4.22
C LYS A 13 8.02 0.37 -3.56
N LEU A 14 8.15 0.52 -2.24
CA LEU A 14 7.21 1.32 -1.49
C LEU A 14 7.57 2.80 -1.64
N ASP A 15 6.54 3.64 -1.63
CA ASP A 15 6.73 5.07 -1.77
C ASP A 15 7.65 5.56 -0.66
N PRO A 16 8.13 6.84 -0.83
CA PRO A 16 9.01 7.44 0.16
C PRO A 16 8.24 7.85 1.41
N ARG A 17 6.93 7.93 1.26
CA ARG A 17 6.07 8.32 2.36
C ARG A 17 5.48 7.08 3.04
N LEU A 18 5.37 6.02 2.25
CA LEU A 18 4.83 4.76 2.76
C LEU A 18 5.97 3.88 3.26
N ALA A 19 7.01 3.79 2.44
CA ALA A 19 8.17 2.99 2.80
C ALA A 19 8.48 3.17 4.28
N ARG A 20 8.17 4.35 4.79
CA ARG A 20 8.41 4.66 6.18
C ARG A 20 7.14 4.40 7.00
N LEU A 21 6.03 4.88 6.48
CA LEU A 21 4.74 4.71 7.15
C LEU A 21 4.67 3.30 7.73
N LEU A 22 4.77 2.32 6.84
CA LEU A 22 4.71 0.93 7.25
C LEU A 22 6.10 0.48 7.71
N GLY A 23 7.11 0.94 6.98
CA GLY A 23 8.48 0.59 7.31
C GLY A 23 9.00 -0.52 6.39
N ILE A 24 8.21 -0.81 5.37
CA ILE A 24 8.57 -1.85 4.42
C ILE A 24 9.32 -1.22 3.25
N HIS A 25 10.62 -1.49 3.21
CA HIS A 25 11.46 -0.95 2.15
C HIS A 25 10.95 -1.44 0.80
N THR A 26 11.03 -2.75 0.61
CA THR A 26 10.58 -3.35 -0.63
C THR A 26 10.12 -4.78 -0.39
N GLN A 27 8.83 -5.01 -0.62
CA GLN A 27 8.25 -6.32 -0.43
C GLN A 27 7.29 -6.65 -1.58
N THR A 28 6.57 -7.75 -1.41
CA THR A 28 5.62 -8.19 -2.43
C THR A 28 4.31 -7.43 -2.28
N ARG A 29 3.30 -7.92 -3.00
CA ARG A 29 1.99 -7.29 -2.97
C ARG A 29 1.21 -7.79 -1.75
N PRO A 30 1.28 -9.14 -1.54
CA PRO A 30 0.57 -9.75 -0.44
C PRO A 30 1.28 -9.48 0.90
N VAL A 31 2.47 -8.88 0.78
CA VAL A 31 3.24 -8.55 1.95
C VAL A 31 3.08 -7.06 2.27
N ILE A 32 2.80 -6.30 1.23
CA ILE A 32 2.61 -4.86 1.38
C ILE A 32 1.15 -4.57 1.71
N ILE A 33 0.27 -5.26 1.00
CA ILE A 33 -1.16 -5.09 1.20
C ILE A 33 -1.50 -5.35 2.67
N GLN A 34 -0.89 -6.39 3.21
CA GLN A 34 -1.11 -6.77 4.59
C GLN A 34 -0.62 -5.65 5.52
N ALA A 35 0.69 -5.42 5.47
CA ALA A 35 1.30 -4.39 6.30
C ALA A 35 0.39 -3.17 6.35
N LEU A 36 -0.35 -2.98 5.26
CA LEU A 36 -1.26 -1.86 5.15
C LEU A 36 -2.56 -2.18 5.92
N TRP A 37 -3.12 -3.34 5.60
CA TRP A 37 -4.34 -3.78 6.24
C TRP A 37 -4.13 -3.71 7.75
N GLN A 38 -2.99 -4.20 8.19
CA GLN A 38 -2.65 -4.20 9.61
C GLN A 38 -2.63 -2.77 10.14
N TYR A 39 -2.61 -1.81 9.21
CA TYR A 39 -2.60 -0.41 9.59
C TYR A 39 -4.02 0.11 9.80
N ILE A 40 -4.88 -0.20 8.86
CA ILE A 40 -6.27 0.24 8.93
C ILE A 40 -6.96 -0.51 10.07
N LYS A 41 -6.41 -1.65 10.42
CA LYS A 41 -6.97 -2.47 11.49
C LYS A 41 -6.47 -1.94 12.83
N THR A 42 -5.17 -1.73 12.90
CA THR A 42 -4.56 -1.22 14.12
C THR A 42 -4.90 0.25 14.32
N HIS A 43 -4.80 1.00 13.23
CA HIS A 43 -5.10 2.42 13.27
C HIS A 43 -6.61 2.63 13.16
N LYS A 44 -7.33 1.53 13.08
CA LYS A 44 -8.78 1.58 12.97
C LYS A 44 -9.18 2.74 12.05
N LEU A 45 -8.70 2.65 10.81
CA LEU A 45 -9.00 3.67 9.83
C LEU A 45 -10.35 3.37 9.18
N GLN A 46 -10.96 2.31 9.64
CA GLN A 46 -12.26 1.90 9.11
C GLN A 46 -13.24 3.08 9.16
N ASP A 47 -13.83 3.36 8.01
CA ASP A 47 -14.79 4.45 7.91
C ASP A 47 -15.94 4.20 8.88
N PRO A 48 -16.24 5.25 9.70
CA PRO A 48 -17.32 5.16 10.66
C PRO A 48 -18.68 5.25 9.98
N HIS A 49 -18.66 5.75 8.76
CA HIS A 49 -19.89 5.90 7.99
C HIS A 49 -20.29 4.54 7.40
N GLU A 50 -19.36 3.95 6.66
CA GLU A 50 -19.60 2.66 6.05
C GLU A 50 -18.80 1.57 6.76
N ARG A 51 -18.86 0.37 6.20
CA ARG A 51 -18.15 -0.76 6.76
C ARG A 51 -17.15 -1.33 5.75
N GLU A 52 -17.22 -0.78 4.54
CA GLU A 52 -16.33 -1.22 3.47
C GLU A 52 -15.34 -0.11 3.12
N PHE A 53 -15.61 1.07 3.65
CA PHE A 53 -14.76 2.22 3.39
C PHE A 53 -13.73 2.39 4.51
N VAL A 54 -12.72 3.21 4.22
CA VAL A 54 -11.66 3.47 5.18
C VAL A 54 -11.24 4.94 5.07
N LEU A 55 -11.43 5.66 6.16
CA LEU A 55 -11.06 7.06 6.21
C LEU A 55 -9.55 7.19 6.39
N CYS A 56 -8.87 7.48 5.29
CA CYS A 56 -7.42 7.63 5.32
C CYS A 56 -7.07 8.63 6.42
N ASP A 57 -6.03 8.29 7.17
CA ASP A 57 -5.57 9.15 8.24
C ASP A 57 -4.86 10.37 7.66
N LYS A 58 -4.38 11.22 8.56
CA LYS A 58 -3.68 12.43 8.14
C LYS A 58 -2.50 12.05 7.25
N TYR A 59 -1.93 10.89 7.54
CA TYR A 59 -0.80 10.40 6.79
C TYR A 59 -1.24 9.89 5.41
N LEU A 60 -2.18 8.96 5.43
CA LEU A 60 -2.70 8.38 4.21
C LEU A 60 -3.33 9.49 3.35
N GLN A 61 -4.00 10.41 4.04
CA GLN A 61 -4.64 11.51 3.36
C GLN A 61 -3.63 12.30 2.52
N GLN A 62 -2.36 12.13 2.89
CA GLN A 62 -1.29 12.82 2.18
C GLN A 62 -0.64 11.87 1.17
N ILE A 63 -0.93 10.59 1.33
CA ILE A 63 -0.39 9.58 0.44
C ILE A 63 -1.44 9.18 -0.59
N PHE A 64 -2.52 8.59 -0.09
CA PHE A 64 -3.60 8.15 -0.94
C PHE A 64 -4.38 9.35 -1.49
N GLU A 65 -4.51 10.37 -0.65
CA GLU A 65 -5.23 11.57 -1.04
C GLU A 65 -6.71 11.26 -1.22
N SER A 66 -7.18 10.29 -0.46
CA SER A 66 -8.58 9.90 -0.53
C SER A 66 -9.20 9.94 0.87
N GLN A 67 -9.83 11.06 1.16
CA GLN A 67 -10.47 11.23 2.46
C GLN A 67 -11.25 9.97 2.85
N ARG A 68 -12.01 9.46 1.89
CA ARG A 68 -12.80 8.27 2.13
C ARG A 68 -12.85 7.41 0.86
N MET A 69 -12.39 6.17 1.00
CA MET A 69 -12.38 5.24 -0.11
C MET A 69 -12.85 3.86 0.32
N LYS A 70 -13.10 3.01 -0.67
CA LYS A 70 -13.56 1.65 -0.41
C LYS A 70 -12.34 0.75 -0.22
N PHE A 71 -12.49 -0.21 0.69
CA PHE A 71 -11.42 -1.15 0.97
C PHE A 71 -10.93 -1.82 -0.31
N SER A 72 -11.81 -1.86 -1.30
CA SER A 72 -11.48 -2.47 -2.58
C SER A 72 -10.67 -1.49 -3.43
N GLU A 73 -10.63 -0.25 -2.97
CA GLU A 73 -9.90 0.78 -3.68
C GLU A 73 -8.50 0.96 -3.07
N ILE A 74 -8.22 0.14 -2.07
CA ILE A 74 -6.93 0.18 -1.41
C ILE A 74 -5.87 -0.44 -2.31
N PRO A 75 -6.22 -1.62 -2.89
CA PRO A 75 -5.31 -2.32 -3.78
C PRO A 75 -5.22 -1.63 -5.14
N GLN A 76 -6.15 -0.71 -5.37
CA GLN A 76 -6.19 0.03 -6.62
C GLN A 76 -5.41 1.34 -6.48
N ARG A 77 -5.14 1.70 -5.23
CA ARG A 77 -4.41 2.93 -4.96
C ARG A 77 -2.96 2.61 -4.57
N LEU A 78 -2.72 1.33 -4.31
CA LEU A 78 -1.39 0.88 -3.93
C LEU A 78 -0.46 0.96 -5.16
N HIS A 79 -1.01 0.54 -6.29
CA HIS A 79 -0.25 0.56 -7.52
C HIS A 79 0.57 1.85 -7.60
N ALA A 80 -0.02 2.92 -7.12
CA ALA A 80 0.64 4.22 -7.13
C ALA A 80 1.79 4.20 -6.13
N LEU A 81 1.48 3.75 -4.92
CA LEU A 81 2.48 3.68 -3.87
C LEU A 81 3.53 2.64 -4.24
N LEU A 82 3.17 1.79 -5.18
CA LEU A 82 4.07 0.74 -5.64
C LEU A 82 4.82 1.22 -6.88
N MET A 83 6.14 1.24 -6.78
CA MET A 83 6.97 1.67 -7.89
C MET A 83 7.91 0.55 -8.35
N PRO A 84 8.39 0.67 -9.61
CA PRO A 84 9.29 -0.32 -10.17
C PRO A 84 10.69 -0.18 -9.58
N PRO A 85 11.10 -1.22 -8.80
CA PRO A 85 12.42 -1.22 -8.18
C PRO A 85 13.51 -1.51 -9.20
N GLU A 86 14.70 -1.80 -8.68
CA GLU A 86 15.83 -2.10 -9.54
C GLU A 86 15.56 -3.36 -10.37
N PRO A 87 16.31 -3.48 -11.50
CA PRO A 87 16.15 -4.62 -12.38
C PRO A 87 16.80 -5.87 -11.78
N SER A 88 17.90 -5.65 -11.08
CA SER A 88 18.62 -6.76 -10.45
C SER A 88 19.65 -6.20 -9.46
N GLY A 89 19.50 -6.62 -8.21
CA GLY A 89 20.40 -6.18 -7.16
C GLY A 89 20.75 -7.34 -6.21
N PRO A 90 21.17 -6.96 -4.99
CA PRO A 90 21.54 -7.95 -3.98
C PRO A 90 20.29 -8.61 -3.39
N SER A 91 20.54 -9.56 -2.49
CA SER A 91 19.45 -10.26 -1.84
C SER A 91 19.45 -9.96 -0.34
N SER A 92 18.24 -9.77 0.19
CA SER A 92 18.09 -9.47 1.60
C SER A 92 16.91 -10.25 2.18
N GLY A 93 17.00 -10.57 3.45
CA GLY A 93 15.95 -11.30 4.13
C GLY A 93 16.40 -12.72 4.48
N GLY A 1 -2.91 -12.65 -9.07
CA GLY A 1 -2.44 -14.01 -9.00
C GLY A 1 -2.72 -14.62 -7.62
N SER A 2 -3.26 -15.83 -7.64
CA SER A 2 -3.57 -16.52 -6.40
C SER A 2 -3.19 -18.00 -6.52
N SER A 3 -2.09 -18.34 -5.88
CA SER A 3 -1.60 -19.72 -5.91
C SER A 3 -1.26 -20.13 -7.35
N GLY A 4 0.02 -20.07 -7.66
CA GLY A 4 0.48 -20.43 -8.99
C GLY A 4 1.84 -21.14 -8.93
N SER A 5 2.88 -20.37 -9.19
CA SER A 5 4.24 -20.90 -9.18
C SER A 5 5.03 -20.29 -8.02
N SER A 6 6.19 -20.87 -7.77
CA SER A 6 7.04 -20.39 -6.69
C SER A 6 8.43 -20.04 -7.24
N GLY A 7 9.24 -19.45 -6.37
CA GLY A 7 10.59 -19.06 -6.76
C GLY A 7 10.64 -17.60 -7.18
N GLN A 8 11.62 -16.90 -6.64
CA GLN A 8 11.80 -15.48 -6.95
C GLN A 8 10.43 -14.79 -7.02
N PRO A 9 9.91 -14.42 -5.82
CA PRO A 9 8.64 -13.75 -5.72
C PRO A 9 8.74 -12.28 -6.16
N PRO A 10 7.56 -11.62 -6.27
CA PRO A 10 7.52 -10.22 -6.67
C PRO A 10 7.97 -9.31 -5.54
N GLN A 11 8.33 -8.10 -5.91
CA GLN A 11 8.78 -7.12 -4.92
C GLN A 11 8.64 -5.70 -5.49
N PHE A 12 7.67 -4.97 -4.94
CA PHE A 12 7.43 -3.61 -5.38
C PHE A 12 8.06 -2.60 -4.42
N LYS A 13 8.51 -1.48 -4.99
CA LYS A 13 9.13 -0.44 -4.19
C LYS A 13 8.04 0.40 -3.53
N LEU A 14 8.20 0.60 -2.23
CA LEU A 14 7.25 1.39 -1.47
C LEU A 14 7.58 2.88 -1.62
N ASP A 15 6.53 3.68 -1.66
CA ASP A 15 6.70 5.12 -1.80
C ASP A 15 7.60 5.63 -0.68
N PRO A 16 8.07 6.90 -0.86
CA PRO A 16 8.94 7.52 0.11
C PRO A 16 8.15 7.96 1.35
N ARG A 17 6.84 8.02 1.18
CA ARG A 17 5.96 8.42 2.28
C ARG A 17 5.38 7.18 2.97
N LEU A 18 5.28 6.11 2.20
CA LEU A 18 4.74 4.87 2.72
C LEU A 18 5.89 4.00 3.25
N ALA A 19 6.94 3.92 2.45
CA ALA A 19 8.10 3.13 2.83
C ALA A 19 8.47 3.43 4.29
N ARG A 20 8.16 4.65 4.71
CA ARG A 20 8.45 5.06 6.06
C ARG A 20 7.22 4.84 6.96
N LEU A 21 6.05 4.93 6.33
CA LEU A 21 4.81 4.75 7.05
C LEU A 21 4.78 3.34 7.66
N LEU A 22 4.83 2.35 6.79
CA LEU A 22 4.81 0.97 7.22
C LEU A 22 6.23 0.55 7.62
N GLY A 23 7.20 1.12 6.93
CA GLY A 23 8.60 0.81 7.21
C GLY A 23 9.08 -0.35 6.34
N ILE A 24 8.31 -0.64 5.30
CA ILE A 24 8.65 -1.72 4.38
C ILE A 24 9.37 -1.15 3.16
N HIS A 25 10.68 -1.27 3.18
CA HIS A 25 11.51 -0.77 2.08
C HIS A 25 10.95 -1.29 0.75
N THR A 26 11.00 -2.61 0.61
CA THR A 26 10.51 -3.25 -0.61
C THR A 26 10.11 -4.69 -0.33
N GLN A 27 8.82 -4.96 -0.48
CA GLN A 27 8.30 -6.28 -0.25
C GLN A 27 7.37 -6.70 -1.40
N THR A 28 6.66 -7.80 -1.17
CA THR A 28 5.74 -8.31 -2.17
C THR A 28 4.39 -7.60 -2.07
N ARG A 29 3.46 -8.03 -2.91
CA ARG A 29 2.14 -7.44 -2.92
C ARG A 29 1.32 -7.96 -1.74
N PRO A 30 1.37 -9.30 -1.54
CA PRO A 30 0.65 -9.93 -0.45
C PRO A 30 1.33 -9.67 0.90
N VAL A 31 2.50 -9.04 0.81
CA VAL A 31 3.27 -8.72 2.00
C VAL A 31 3.03 -7.27 2.39
N ILE A 32 2.74 -6.45 1.38
CA ILE A 32 2.49 -5.04 1.60
C ILE A 32 1.01 -4.83 1.89
N ILE A 33 0.18 -5.32 0.99
CA ILE A 33 -1.26 -5.20 1.15
C ILE A 33 -1.63 -5.48 2.60
N GLN A 34 -1.05 -6.53 3.14
CA GLN A 34 -1.32 -6.92 4.52
C GLN A 34 -0.80 -5.84 5.48
N ALA A 35 0.50 -5.62 5.42
CA ALA A 35 1.13 -4.63 6.27
C ALA A 35 0.23 -3.40 6.37
N LEU A 36 -0.33 -3.02 5.23
CA LEU A 36 -1.22 -1.87 5.17
C LEU A 36 -2.50 -2.18 5.92
N TRP A 37 -3.08 -3.33 5.58
CA TRP A 37 -4.32 -3.75 6.22
C TRP A 37 -4.12 -3.71 7.73
N GLN A 38 -2.94 -4.18 8.15
CA GLN A 38 -2.61 -4.20 9.56
C GLN A 38 -2.58 -2.78 10.12
N TYR A 39 -2.60 -1.82 9.21
CA TYR A 39 -2.57 -0.42 9.61
C TYR A 39 -3.99 0.10 9.86
N ILE A 40 -4.88 -0.20 8.93
CA ILE A 40 -6.26 0.24 9.04
C ILE A 40 -6.94 -0.54 10.17
N LYS A 41 -6.35 -1.69 10.49
CA LYS A 41 -6.89 -2.53 11.53
C LYS A 41 -6.38 -2.05 12.90
N THR A 42 -5.08 -1.79 12.94
CA THR A 42 -4.45 -1.31 14.17
C THR A 42 -4.78 0.16 14.40
N HIS A 43 -4.70 0.93 13.32
CA HIS A 43 -4.98 2.36 13.40
C HIS A 43 -6.48 2.59 13.33
N LYS A 44 -7.21 1.48 13.26
CA LYS A 44 -8.67 1.54 13.19
C LYS A 44 -9.08 2.71 12.30
N LEU A 45 -8.60 2.66 11.06
CA LEU A 45 -8.91 3.71 10.09
C LEU A 45 -10.26 3.40 9.42
N GLN A 46 -10.88 2.34 9.89
CA GLN A 46 -12.16 1.91 9.34
C GLN A 46 -13.14 3.09 9.33
N ASP A 47 -13.81 3.25 8.20
CA ASP A 47 -14.76 4.33 8.03
C ASP A 47 -15.96 4.09 8.97
N PRO A 48 -16.26 5.13 9.79
CA PRO A 48 -17.37 5.05 10.73
C PRO A 48 -18.72 5.17 10.01
N HIS A 49 -18.64 5.63 8.77
CA HIS A 49 -19.84 5.80 7.97
C HIS A 49 -20.24 4.45 7.36
N GLU A 50 -19.30 3.86 6.63
CA GLU A 50 -19.55 2.57 6.00
C GLU A 50 -18.70 1.49 6.65
N ARG A 51 -18.78 0.30 6.08
CA ARG A 51 -18.02 -0.84 6.61
C ARG A 51 -17.00 -1.32 5.57
N GLU A 52 -17.25 -0.94 4.33
CA GLU A 52 -16.37 -1.32 3.24
C GLU A 52 -15.37 -0.20 2.95
N PHE A 53 -15.68 0.98 3.45
CA PHE A 53 -14.82 2.14 3.26
C PHE A 53 -13.85 2.30 4.43
N VAL A 54 -12.85 3.15 4.21
CA VAL A 54 -11.86 3.41 5.24
C VAL A 54 -11.37 4.85 5.12
N LEU A 55 -11.41 5.55 6.24
CA LEU A 55 -10.98 6.93 6.27
C LEU A 55 -9.47 6.99 6.45
N CYS A 56 -8.81 7.52 5.43
CA CYS A 56 -7.35 7.63 5.45
C CYS A 56 -6.98 8.71 6.46
N ASP A 57 -6.10 8.33 7.38
CA ASP A 57 -5.64 9.26 8.40
C ASP A 57 -4.91 10.43 7.75
N LYS A 58 -4.43 11.34 8.58
CA LYS A 58 -3.72 12.51 8.09
C LYS A 58 -2.65 12.07 7.10
N TYR A 59 -1.76 11.20 7.57
CA TYR A 59 -0.69 10.68 6.74
C TYR A 59 -1.23 10.15 5.42
N LEU A 60 -2.12 9.17 5.54
CA LEU A 60 -2.72 8.55 4.37
C LEU A 60 -3.36 9.63 3.49
N GLN A 61 -4.05 10.55 4.15
CA GLN A 61 -4.71 11.64 3.45
C GLN A 61 -3.69 12.44 2.64
N GLN A 62 -2.43 12.28 3.00
CA GLN A 62 -1.36 12.97 2.32
C GLN A 62 -0.69 12.05 1.31
N ILE A 63 -0.99 10.76 1.42
CA ILE A 63 -0.43 9.77 0.53
C ILE A 63 -1.47 9.38 -0.52
N PHE A 64 -2.59 8.86 -0.02
CA PHE A 64 -3.66 8.44 -0.89
C PHE A 64 -4.46 9.65 -1.39
N GLU A 65 -4.61 10.62 -0.51
CA GLU A 65 -5.35 11.83 -0.86
C GLU A 65 -6.84 11.51 -1.03
N SER A 66 -7.29 10.51 -0.31
CA SER A 66 -8.67 10.10 -0.38
C SER A 66 -9.29 10.06 1.02
N GLN A 67 -9.95 11.15 1.37
CA GLN A 67 -10.58 11.25 2.67
C GLN A 67 -11.39 10.00 2.99
N ARG A 68 -12.14 9.56 1.98
CA ARG A 68 -12.96 8.36 2.13
C ARG A 68 -12.91 7.52 0.86
N MET A 69 -12.48 6.28 1.02
CA MET A 69 -12.38 5.37 -0.11
C MET A 69 -12.86 3.97 0.27
N LYS A 70 -13.08 3.15 -0.74
CA LYS A 70 -13.54 1.79 -0.53
C LYS A 70 -12.32 0.87 -0.31
N PHE A 71 -12.49 -0.08 0.58
CA PHE A 71 -11.42 -1.02 0.90
C PHE A 71 -10.89 -1.67 -0.38
N SER A 72 -11.76 -1.79 -1.36
CA SER A 72 -11.39 -2.39 -2.63
C SER A 72 -10.62 -1.39 -3.47
N GLU A 73 -10.63 -0.13 -3.03
CA GLU A 73 -9.95 0.92 -3.74
C GLU A 73 -8.55 1.15 -3.13
N ILE A 74 -8.27 0.37 -2.09
CA ILE A 74 -6.99 0.47 -1.41
C ILE A 74 -5.90 -0.11 -2.30
N PRO A 75 -6.20 -1.31 -2.88
CA PRO A 75 -5.26 -1.98 -3.75
C PRO A 75 -5.19 -1.30 -5.12
N GLN A 76 -6.15 -0.42 -5.35
CA GLN A 76 -6.23 0.30 -6.61
C GLN A 76 -5.33 1.55 -6.56
N ARG A 77 -5.03 1.96 -5.34
CA ARG A 77 -4.20 3.13 -5.14
C ARG A 77 -2.76 2.71 -4.77
N LEU A 78 -2.65 1.48 -4.28
CA LEU A 78 -1.36 0.95 -3.90
C LEU A 78 -0.42 0.95 -5.12
N HIS A 79 -0.98 0.52 -6.23
CA HIS A 79 -0.22 0.46 -7.47
C HIS A 79 0.62 1.73 -7.62
N ALA A 80 0.06 2.83 -7.15
CA ALA A 80 0.75 4.10 -7.22
C ALA A 80 1.89 4.13 -6.19
N LEU A 81 1.56 3.67 -4.99
CA LEU A 81 2.55 3.63 -3.92
C LEU A 81 3.56 2.52 -4.20
N LEU A 82 3.20 1.66 -5.14
CA LEU A 82 4.07 0.55 -5.51
C LEU A 82 4.80 0.90 -6.81
N MET A 83 6.11 1.06 -6.68
CA MET A 83 6.94 1.39 -7.83
C MET A 83 7.89 0.24 -8.17
N PRO A 84 8.39 0.26 -9.44
CA PRO A 84 9.31 -0.76 -9.89
C PRO A 84 10.70 -0.56 -9.30
N PRO A 85 11.11 -1.54 -8.44
CA PRO A 85 12.41 -1.47 -7.81
C PRO A 85 13.52 -1.83 -8.79
N GLU A 86 13.54 -1.11 -9.90
CA GLU A 86 14.54 -1.34 -10.94
C GLU A 86 15.18 -0.02 -11.35
N PRO A 87 16.43 -0.13 -11.89
CA PRO A 87 17.17 1.05 -12.33
C PRO A 87 16.60 1.58 -13.65
N SER A 88 17.42 2.39 -14.31
CA SER A 88 17.02 2.97 -15.57
C SER A 88 15.67 3.69 -15.43
N GLY A 89 15.75 4.93 -14.98
CA GLY A 89 14.55 5.73 -14.78
C GLY A 89 14.58 6.99 -15.66
N PRO A 90 13.36 7.38 -16.14
CA PRO A 90 13.24 8.56 -16.98
C PRO A 90 13.38 9.84 -16.17
N SER A 91 14.38 10.63 -16.53
CA SER A 91 14.64 11.88 -15.85
C SER A 91 13.97 13.03 -16.60
N SER A 92 13.70 14.10 -15.86
CA SER A 92 13.07 15.28 -16.45
C SER A 92 14.12 16.34 -16.76
N GLY A 93 14.63 16.29 -17.98
CA GLY A 93 15.64 17.24 -18.41
C GLY A 93 16.97 16.97 -17.72
N GLY A 1 -7.72 -11.16 -2.80
CA GLY A 1 -7.53 -11.49 -4.21
C GLY A 1 -6.54 -12.65 -4.37
N SER A 2 -6.66 -13.33 -5.50
CA SER A 2 -5.79 -14.46 -5.79
C SER A 2 -4.34 -13.99 -5.86
N SER A 3 -3.43 -14.94 -5.71
CA SER A 3 -2.01 -14.65 -5.77
C SER A 3 -1.22 -15.89 -6.16
N GLY A 4 -0.89 -15.96 -7.44
CA GLY A 4 -0.14 -17.10 -7.95
C GLY A 4 1.31 -17.07 -7.47
N SER A 5 2.07 -18.06 -7.90
CA SER A 5 3.47 -18.17 -7.52
C SER A 5 4.09 -19.42 -8.14
N SER A 6 5.42 -19.40 -8.20
CA SER A 6 6.15 -20.52 -8.76
C SER A 6 7.58 -20.53 -8.23
N GLY A 7 8.25 -19.41 -8.40
CA GLY A 7 9.62 -19.27 -7.95
C GLY A 7 9.85 -17.92 -7.26
N GLN A 8 10.69 -17.11 -7.88
CA GLN A 8 10.99 -15.80 -7.33
C GLN A 8 9.73 -14.97 -7.21
N PRO A 9 9.41 -14.57 -5.95
CA PRO A 9 8.24 -13.77 -5.67
C PRO A 9 8.44 -12.32 -6.12
N PRO A 10 7.29 -11.61 -6.33
CA PRO A 10 7.33 -10.23 -6.76
C PRO A 10 7.73 -9.31 -5.60
N GLN A 11 8.07 -8.08 -5.94
CA GLN A 11 8.46 -7.10 -4.96
C GLN A 11 8.38 -5.68 -5.54
N PHE A 12 7.50 -4.89 -4.95
CA PHE A 12 7.32 -3.52 -5.40
C PHE A 12 7.95 -2.53 -4.43
N LYS A 13 8.45 -1.43 -4.99
CA LYS A 13 9.09 -0.41 -4.17
C LYS A 13 8.01 0.46 -3.52
N LEU A 14 8.18 0.66 -2.22
CA LEU A 14 7.24 1.45 -1.46
C LEU A 14 7.60 2.93 -1.58
N ASP A 15 6.57 3.76 -1.66
CA ASP A 15 6.77 5.20 -1.78
C ASP A 15 7.69 5.69 -0.66
N PRO A 16 8.18 6.94 -0.82
CA PRO A 16 9.06 7.53 0.17
C PRO A 16 8.28 7.96 1.41
N ARG A 17 6.96 8.03 1.25
CA ARG A 17 6.10 8.42 2.35
C ARG A 17 5.52 7.19 3.04
N LEU A 18 5.39 6.12 2.27
CA LEU A 18 4.85 4.88 2.79
C LEU A 18 6.01 4.00 3.28
N ALA A 19 7.03 3.88 2.45
CA ALA A 19 8.19 3.08 2.78
C ALA A 19 8.54 3.30 4.26
N ARG A 20 8.23 4.49 4.75
CA ARG A 20 8.50 4.83 6.13
C ARG A 20 7.26 4.56 7.00
N LEU A 21 6.13 5.04 6.51
CA LEU A 21 4.87 4.86 7.22
C LEU A 21 4.81 3.44 7.79
N LEU A 22 4.85 2.48 6.89
CA LEU A 22 4.80 1.08 7.27
C LEU A 22 6.20 0.62 7.69
N GLY A 23 7.20 1.18 7.01
CA GLY A 23 8.58 0.84 7.31
C GLY A 23 9.06 -0.29 6.39
N ILE A 24 8.22 -0.65 5.44
CA ILE A 24 8.54 -1.71 4.50
C ILE A 24 9.31 -1.11 3.32
N HIS A 25 10.60 -1.40 3.29
CA HIS A 25 11.45 -0.90 2.21
C HIS A 25 10.93 -1.41 0.88
N THR A 26 10.93 -2.73 0.74
CA THR A 26 10.46 -3.35 -0.50
C THR A 26 10.02 -4.79 -0.23
N GLN A 27 8.71 -4.99 -0.33
CA GLN A 27 8.14 -6.32 -0.12
C GLN A 27 7.27 -6.73 -1.30
N THR A 28 6.56 -7.83 -1.12
CA THR A 28 5.69 -8.34 -2.16
C THR A 28 4.34 -7.62 -2.13
N ARG A 29 3.40 -8.16 -2.88
CA ARG A 29 2.07 -7.57 -2.95
C ARG A 29 1.22 -8.05 -1.78
N PRO A 30 1.31 -9.38 -1.51
CA PRO A 30 0.55 -9.98 -0.42
C PRO A 30 1.18 -9.63 0.93
N VAL A 31 2.33 -8.97 0.87
CA VAL A 31 3.03 -8.58 2.07
C VAL A 31 2.77 -7.09 2.35
N ILE A 32 2.64 -6.34 1.27
CA ILE A 32 2.38 -4.91 1.37
C ILE A 32 0.90 -4.68 1.67
N ILE A 33 0.06 -5.42 0.97
CA ILE A 33 -1.37 -5.31 1.15
C ILE A 33 -1.72 -5.53 2.63
N GLN A 34 -1.04 -6.52 3.20
CA GLN A 34 -1.27 -6.86 4.60
C GLN A 34 -0.72 -5.75 5.50
N ALA A 35 0.59 -5.55 5.42
CA ALA A 35 1.25 -4.53 6.22
C ALA A 35 0.37 -3.29 6.27
N LEU A 36 -0.38 -3.08 5.20
CA LEU A 36 -1.27 -1.94 5.12
C LEU A 36 -2.56 -2.24 5.89
N TRP A 37 -3.15 -3.37 5.57
CA TRP A 37 -4.38 -3.79 6.22
C TRP A 37 -4.16 -3.71 7.73
N GLN A 38 -3.03 -4.25 8.17
CA GLN A 38 -2.69 -4.25 9.57
C GLN A 38 -2.66 -2.82 10.12
N TYR A 39 -2.61 -1.87 9.19
CA TYR A 39 -2.59 -0.47 9.57
C TYR A 39 -4.00 0.06 9.81
N ILE A 40 -4.89 -0.26 8.87
CA ILE A 40 -6.27 0.18 8.97
C ILE A 40 -6.94 -0.52 10.15
N LYS A 41 -6.38 -1.66 10.52
CA LYS A 41 -6.91 -2.43 11.63
C LYS A 41 -6.32 -1.89 12.94
N THR A 42 -5.01 -1.76 12.96
CA THR A 42 -4.31 -1.26 14.13
C THR A 42 -4.63 0.21 14.35
N HIS A 43 -4.69 0.94 13.24
CA HIS A 43 -4.98 2.37 13.30
C HIS A 43 -6.49 2.58 13.23
N LYS A 44 -7.22 1.47 13.09
CA LYS A 44 -8.67 1.53 13.01
C LYS A 44 -9.08 2.67 12.08
N LEU A 45 -8.61 2.59 10.85
CA LEU A 45 -8.92 3.61 9.86
C LEU A 45 -10.29 3.33 9.25
N GLN A 46 -10.92 2.27 9.76
CA GLN A 46 -12.23 1.88 9.28
C GLN A 46 -13.18 3.07 9.30
N ASP A 47 -13.81 3.30 8.16
CA ASP A 47 -14.75 4.41 8.03
C ASP A 47 -15.93 4.19 8.99
N PRO A 48 -16.24 5.25 9.77
CA PRO A 48 -17.33 5.19 10.73
C PRO A 48 -18.68 5.27 10.02
N HIS A 49 -18.64 5.71 8.77
CA HIS A 49 -19.85 5.83 7.98
C HIS A 49 -20.20 4.48 7.36
N GLU A 50 -19.25 3.95 6.61
CA GLU A 50 -19.46 2.66 5.96
C GLU A 50 -18.56 1.60 6.59
N ARG A 51 -18.84 0.35 6.25
CA ARG A 51 -18.07 -0.76 6.77
C ARG A 51 -17.13 -1.31 5.69
N GLU A 52 -17.28 -0.77 4.50
CA GLU A 52 -16.47 -1.20 3.37
C GLU A 52 -15.40 -0.14 3.07
N PHE A 53 -15.69 1.09 3.48
CA PHE A 53 -14.77 2.19 3.26
C PHE A 53 -13.79 2.33 4.42
N VAL A 54 -12.76 3.14 4.19
CA VAL A 54 -11.75 3.38 5.21
C VAL A 54 -11.24 4.81 5.10
N LEU A 55 -11.41 5.56 6.18
CA LEU A 55 -10.97 6.94 6.21
C LEU A 55 -9.45 6.99 6.42
N CYS A 56 -8.76 7.52 5.43
CA CYS A 56 -7.32 7.62 5.49
C CYS A 56 -6.96 8.67 6.55
N ASP A 57 -5.94 8.34 7.34
CA ASP A 57 -5.49 9.24 8.39
C ASP A 57 -4.76 10.42 7.75
N LYS A 58 -4.54 11.44 8.58
CA LYS A 58 -3.86 12.65 8.12
C LYS A 58 -2.70 12.25 7.22
N TYR A 59 -1.99 11.20 7.63
CA TYR A 59 -0.86 10.72 6.87
C TYR A 59 -1.30 10.16 5.52
N LEU A 60 -2.10 9.11 5.58
CA LEU A 60 -2.60 8.47 4.36
C LEU A 60 -3.26 9.53 3.48
N GLN A 61 -3.98 10.43 4.13
CA GLN A 61 -4.67 11.50 3.42
C GLN A 61 -3.66 12.32 2.60
N GLN A 62 -2.40 12.22 2.99
CA GLN A 62 -1.34 12.94 2.32
C GLN A 62 -0.62 12.02 1.33
N ILE A 63 -0.89 10.73 1.46
CA ILE A 63 -0.27 9.75 0.59
C ILE A 63 -1.27 9.32 -0.48
N PHE A 64 -2.37 8.72 -0.02
CA PHE A 64 -3.41 8.27 -0.93
C PHE A 64 -4.21 9.44 -1.48
N GLU A 65 -4.40 10.44 -0.63
CA GLU A 65 -5.15 11.63 -1.03
C GLU A 65 -6.64 11.29 -1.21
N SER A 66 -7.08 10.30 -0.45
CA SER A 66 -8.46 9.87 -0.52
C SER A 66 -9.08 9.87 0.87
N GLN A 67 -9.70 11.00 1.22
CA GLN A 67 -10.33 11.15 2.52
C GLN A 67 -11.18 9.91 2.83
N ARG A 68 -11.95 9.48 1.84
CA ARG A 68 -12.80 8.32 1.99
C ARG A 68 -12.76 7.46 0.73
N MET A 69 -12.37 6.20 0.92
CA MET A 69 -12.28 5.27 -0.18
C MET A 69 -12.81 3.88 0.22
N LYS A 70 -13.02 3.05 -0.78
CA LYS A 70 -13.53 1.71 -0.55
C LYS A 70 -12.34 0.76 -0.31
N PHE A 71 -12.55 -0.19 0.57
CA PHE A 71 -11.52 -1.16 0.90
C PHE A 71 -10.98 -1.83 -0.38
N SER A 72 -11.84 -1.86 -1.39
CA SER A 72 -11.46 -2.46 -2.66
C SER A 72 -10.66 -1.46 -3.50
N GLU A 73 -10.67 -0.22 -3.05
CA GLU A 73 -9.95 0.84 -3.74
C GLU A 73 -8.58 1.05 -3.12
N ILE A 74 -8.29 0.24 -2.11
CA ILE A 74 -7.01 0.33 -1.42
C ILE A 74 -5.93 -0.32 -2.29
N PRO A 75 -6.26 -1.51 -2.84
CA PRO A 75 -5.32 -2.24 -3.69
C PRO A 75 -5.22 -1.59 -5.07
N GLN A 76 -6.15 -0.69 -5.33
CA GLN A 76 -6.19 0.00 -6.61
C GLN A 76 -5.40 1.31 -6.52
N ARG A 77 -5.14 1.74 -5.29
CA ARG A 77 -4.40 2.96 -5.05
C ARG A 77 -2.95 2.64 -4.68
N LEU A 78 -2.73 1.38 -4.32
CA LEU A 78 -1.40 0.94 -3.93
C LEU A 78 -0.48 1.00 -5.15
N HIS A 79 -1.01 0.57 -6.28
CA HIS A 79 -0.24 0.58 -7.51
C HIS A 79 0.60 1.86 -7.59
N ALA A 80 0.00 2.95 -7.12
CA ALA A 80 0.67 4.23 -7.12
C ALA A 80 1.83 4.21 -6.12
N LEU A 81 1.51 3.80 -4.90
CA LEU A 81 2.50 3.73 -3.86
C LEU A 81 3.53 2.65 -4.21
N LEU A 82 3.13 1.77 -5.11
CA LEU A 82 4.00 0.68 -5.54
C LEU A 82 4.73 1.10 -6.82
N MET A 83 6.06 1.13 -6.73
CA MET A 83 6.88 1.50 -7.86
C MET A 83 7.80 0.36 -8.27
N PRO A 84 8.29 0.45 -9.54
CA PRO A 84 9.19 -0.57 -10.07
C PRO A 84 10.59 -0.43 -9.49
N PRO A 85 11.01 -1.48 -8.73
CA PRO A 85 12.32 -1.47 -8.10
C PRO A 85 13.42 -1.74 -9.14
N GLU A 86 13.41 -0.93 -10.19
CA GLU A 86 14.39 -1.08 -11.25
C GLU A 86 15.81 -1.11 -10.66
N PRO A 87 16.73 -1.74 -11.42
CA PRO A 87 18.12 -1.85 -10.99
C PRO A 87 18.85 -0.51 -11.16
N SER A 88 20.17 -0.59 -11.14
CA SER A 88 20.99 0.60 -11.29
C SER A 88 20.53 1.68 -10.31
N GLY A 89 20.92 1.50 -9.06
CA GLY A 89 20.55 2.46 -8.02
C GLY A 89 20.82 3.90 -8.47
N PRO A 90 20.11 4.84 -7.81
CA PRO A 90 20.26 6.25 -8.13
C PRO A 90 21.57 6.80 -7.58
N SER A 91 21.84 6.47 -6.33
CA SER A 91 23.06 6.92 -5.67
C SER A 91 23.03 8.44 -5.51
N SER A 92 23.87 8.92 -4.60
CA SER A 92 23.94 10.34 -4.34
C SER A 92 22.54 10.93 -4.16
N GLY A 93 22.11 11.00 -2.91
CA GLY A 93 20.80 11.52 -2.60
C GLY A 93 19.71 10.75 -3.34
N GLY A 1 -6.17 -14.57 -3.25
CA GLY A 1 -4.75 -14.30 -3.35
C GLY A 1 -3.91 -15.50 -2.89
N SER A 2 -3.03 -15.24 -1.93
CA SER A 2 -2.17 -16.28 -1.40
C SER A 2 -1.43 -16.98 -2.54
N SER A 3 -0.24 -16.48 -2.82
CA SER A 3 0.59 -17.04 -3.88
C SER A 3 2.06 -16.80 -3.57
N GLY A 4 2.89 -17.69 -4.08
CA GLY A 4 4.33 -17.60 -3.87
C GLY A 4 5.02 -18.92 -4.15
N SER A 5 5.09 -19.26 -5.43
CA SER A 5 5.72 -20.51 -5.84
C SER A 5 6.77 -20.24 -6.92
N SER A 6 6.29 -19.67 -8.03
CA SER A 6 7.17 -19.36 -9.14
C SER A 6 8.36 -18.55 -8.65
N GLY A 7 9.49 -18.77 -9.30
CA GLY A 7 10.71 -18.07 -8.94
C GLY A 7 10.54 -16.56 -9.09
N GLN A 8 11.45 -15.82 -8.46
CA GLN A 8 11.42 -14.38 -8.52
C GLN A 8 9.98 -13.88 -8.33
N PRO A 9 9.64 -13.60 -7.04
CA PRO A 9 8.31 -13.11 -6.71
C PRO A 9 8.15 -11.65 -7.10
N PRO A 10 6.86 -11.22 -7.22
CA PRO A 10 6.55 -9.85 -7.59
C PRO A 10 6.80 -8.91 -6.41
N GLN A 11 7.90 -8.18 -6.50
CA GLN A 11 8.26 -7.23 -5.46
C GLN A 11 8.18 -5.80 -5.99
N PHE A 12 7.44 -4.97 -5.26
CA PHE A 12 7.28 -3.58 -5.63
C PHE A 12 7.98 -2.65 -4.65
N LYS A 13 8.31 -1.46 -5.13
CA LYS A 13 8.98 -0.47 -4.31
C LYS A 13 7.94 0.41 -3.61
N LEU A 14 8.11 0.56 -2.31
CA LEU A 14 7.19 1.37 -1.52
C LEU A 14 7.57 2.85 -1.67
N ASP A 15 6.56 3.69 -1.63
CA ASP A 15 6.77 5.13 -1.74
C ASP A 15 7.70 5.60 -0.62
N PRO A 16 8.19 6.85 -0.77
CA PRO A 16 9.08 7.43 0.23
C PRO A 16 8.31 7.84 1.49
N ARG A 17 6.99 7.92 1.33
CA ARG A 17 6.13 8.31 2.44
C ARG A 17 5.54 7.06 3.10
N LEU A 18 5.41 6.00 2.31
CA LEU A 18 4.87 4.76 2.81
C LEU A 18 6.02 3.86 3.29
N ALA A 19 7.03 3.76 2.45
CA ALA A 19 8.19 2.95 2.78
C ALA A 19 8.53 3.13 4.26
N ARG A 20 8.24 4.32 4.76
CA ARG A 20 8.51 4.63 6.15
C ARG A 20 7.27 4.39 7.00
N LEU A 21 6.12 4.75 6.45
CA LEU A 21 4.86 4.57 7.15
C LEU A 21 4.78 3.15 7.71
N LEU A 22 4.85 2.18 6.80
CA LEU A 22 4.79 0.79 7.20
C LEU A 22 6.19 0.32 7.61
N GLY A 23 7.18 0.87 6.92
CA GLY A 23 8.56 0.52 7.19
C GLY A 23 9.04 -0.63 6.31
N ILE A 24 8.25 -0.88 5.25
CA ILE A 24 8.58 -1.94 4.33
C ILE A 24 9.33 -1.35 3.13
N HIS A 25 10.65 -1.50 3.17
CA HIS A 25 11.50 -1.00 2.10
C HIS A 25 10.94 -1.46 0.75
N THR A 26 11.01 -2.76 0.53
CA THR A 26 10.53 -3.34 -0.71
C THR A 26 10.07 -4.78 -0.48
N GLN A 27 8.80 -5.01 -0.79
CA GLN A 27 8.21 -6.33 -0.61
C GLN A 27 7.24 -6.63 -1.76
N THR A 28 6.46 -7.69 -1.57
CA THR A 28 5.49 -8.09 -2.57
C THR A 28 4.18 -7.32 -2.38
N ARG A 29 3.14 -7.80 -3.06
CA ARG A 29 1.84 -7.17 -2.97
C ARG A 29 1.09 -7.66 -1.74
N PRO A 30 1.11 -9.01 -1.55
CA PRO A 30 0.44 -9.63 -0.42
C PRO A 30 1.23 -9.40 0.87
N VAL A 31 2.41 -8.83 0.71
CA VAL A 31 3.27 -8.56 1.86
C VAL A 31 3.17 -7.08 2.22
N ILE A 32 2.75 -6.29 1.25
CA ILE A 32 2.61 -4.86 1.45
C ILE A 32 1.15 -4.54 1.76
N ILE A 33 0.26 -5.21 1.03
CA ILE A 33 -1.16 -5.01 1.21
C ILE A 33 -1.55 -5.32 2.66
N GLN A 34 -0.93 -6.38 3.18
CA GLN A 34 -1.20 -6.80 4.54
C GLN A 34 -0.70 -5.74 5.53
N ALA A 35 0.60 -5.47 5.45
CA ALA A 35 1.22 -4.49 6.32
C ALA A 35 0.34 -3.24 6.37
N LEU A 36 -0.40 -3.02 5.29
CA LEU A 36 -1.28 -1.88 5.21
C LEU A 36 -2.60 -2.19 5.92
N TRP A 37 -3.14 -3.36 5.63
CA TRP A 37 -4.38 -3.80 6.24
C TRP A 37 -4.21 -3.73 7.76
N GLN A 38 -3.06 -4.20 8.21
CA GLN A 38 -2.76 -4.20 9.63
C GLN A 38 -2.71 -2.77 10.17
N TYR A 39 -2.64 -1.83 9.24
CA TYR A 39 -2.58 -0.42 9.60
C TYR A 39 -3.98 0.14 9.84
N ILE A 40 -4.88 -0.20 8.93
CA ILE A 40 -6.26 0.27 9.02
C ILE A 40 -6.92 -0.39 10.23
N LYS A 41 -6.40 -1.54 10.61
CA LYS A 41 -6.93 -2.28 11.75
C LYS A 41 -6.32 -1.72 13.03
N THR A 42 -4.99 -1.60 13.02
CA THR A 42 -4.27 -1.09 14.18
C THR A 42 -4.57 0.41 14.37
N HIS A 43 -4.68 1.10 13.25
CA HIS A 43 -4.96 2.52 13.28
C HIS A 43 -6.47 2.76 13.21
N LYS A 44 -7.20 1.66 13.15
CA LYS A 44 -8.65 1.72 13.08
C LYS A 44 -9.05 2.87 12.15
N LEU A 45 -8.60 2.77 10.90
CA LEU A 45 -8.91 3.79 9.92
C LEU A 45 -10.28 3.49 9.29
N GLN A 46 -10.89 2.42 9.77
CA GLN A 46 -12.19 2.01 9.26
C GLN A 46 -13.17 3.19 9.29
N ASP A 47 -13.81 3.41 8.15
CA ASP A 47 -14.76 4.50 8.03
C ASP A 47 -15.94 4.24 8.98
N PRO A 48 -16.25 5.28 9.81
CA PRO A 48 -17.35 5.18 10.76
C PRO A 48 -18.69 5.29 10.05
N HIS A 49 -18.63 5.69 8.79
CA HIS A 49 -19.85 5.85 7.99
C HIS A 49 -20.25 4.50 7.42
N GLU A 50 -19.30 3.85 6.78
CA GLU A 50 -19.55 2.54 6.17
C GLU A 50 -18.68 1.48 6.85
N ARG A 51 -18.75 0.27 6.29
CA ARG A 51 -17.98 -0.84 6.83
C ARG A 51 -16.99 -1.35 5.78
N GLU A 52 -17.23 -0.94 4.54
CA GLU A 52 -16.36 -1.35 3.45
C GLU A 52 -15.35 -0.25 3.12
N PHE A 53 -15.70 0.97 3.52
CA PHE A 53 -14.84 2.11 3.27
C PHE A 53 -13.83 2.28 4.41
N VAL A 54 -12.83 3.11 4.14
CA VAL A 54 -11.80 3.37 5.14
C VAL A 54 -11.29 4.81 4.99
N LEU A 55 -11.41 5.56 6.07
CA LEU A 55 -10.98 6.94 6.06
C LEU A 55 -9.47 7.00 6.30
N CYS A 56 -8.77 7.48 5.28
CA CYS A 56 -7.32 7.60 5.36
C CYS A 56 -6.97 8.63 6.44
N ASP A 57 -5.95 8.29 7.21
CA ASP A 57 -5.52 9.18 8.28
C ASP A 57 -4.83 10.41 7.68
N LYS A 58 -4.34 11.27 8.56
CA LYS A 58 -3.66 12.48 8.12
C LYS A 58 -2.49 12.10 7.22
N TYR A 59 -1.81 11.04 7.59
CA TYR A 59 -0.67 10.57 6.82
C TYR A 59 -1.11 10.02 5.47
N LEU A 60 -2.06 9.10 5.51
CA LEU A 60 -2.57 8.49 4.30
C LEU A 60 -3.21 9.57 3.42
N GLN A 61 -3.94 10.46 4.07
CA GLN A 61 -4.60 11.55 3.38
C GLN A 61 -3.59 12.35 2.55
N GLN A 62 -2.32 12.19 2.91
CA GLN A 62 -1.25 12.88 2.22
C GLN A 62 -0.58 11.96 1.21
N ILE A 63 -0.87 10.67 1.35
CA ILE A 63 -0.30 9.68 0.45
C ILE A 63 -1.36 9.26 -0.57
N PHE A 64 -2.46 8.74 -0.05
CA PHE A 64 -3.55 8.30 -0.90
C PHE A 64 -4.36 9.49 -1.43
N GLU A 65 -4.55 10.46 -0.54
CA GLU A 65 -5.29 11.66 -0.90
C GLU A 65 -6.77 11.32 -1.11
N SER A 66 -7.22 10.31 -0.38
CA SER A 66 -8.61 9.87 -0.47
C SER A 66 -9.26 9.88 0.92
N GLN A 67 -9.90 10.99 1.22
CA GLN A 67 -10.57 11.13 2.52
C GLN A 67 -11.36 9.87 2.85
N ARG A 68 -12.08 9.38 1.85
CA ARG A 68 -12.88 8.18 2.02
C ARG A 68 -12.87 7.34 0.75
N MET A 69 -12.45 6.10 0.89
CA MET A 69 -12.39 5.19 -0.23
C MET A 69 -12.87 3.79 0.16
N LYS A 70 -13.12 2.98 -0.85
CA LYS A 70 -13.58 1.62 -0.63
C LYS A 70 -12.37 0.69 -0.44
N PHE A 71 -12.53 -0.26 0.47
CA PHE A 71 -11.47 -1.21 0.75
C PHE A 71 -10.99 -1.89 -0.53
N SER A 72 -11.83 -1.84 -1.55
CA SER A 72 -11.51 -2.45 -2.83
C SER A 72 -10.67 -1.48 -3.67
N GLU A 73 -10.63 -0.24 -3.20
CA GLU A 73 -9.87 0.79 -3.90
C GLU A 73 -8.49 0.96 -3.26
N ILE A 74 -8.24 0.15 -2.24
CA ILE A 74 -6.97 0.21 -1.54
C ILE A 74 -5.89 -0.44 -2.40
N PRO A 75 -6.24 -1.62 -2.98
CA PRO A 75 -5.32 -2.35 -3.83
C PRO A 75 -5.18 -1.68 -5.20
N GLN A 76 -6.11 -0.77 -5.47
CA GLN A 76 -6.10 -0.05 -6.73
C GLN A 76 -5.34 1.26 -6.59
N ARG A 77 -5.15 1.67 -5.34
CA ARG A 77 -4.44 2.90 -5.05
C ARG A 77 -2.99 2.61 -4.65
N LEU A 78 -2.77 1.37 -4.26
CA LEU A 78 -1.44 0.95 -3.84
C LEU A 78 -0.49 1.03 -5.04
N HIS A 79 -1.00 0.65 -6.20
CA HIS A 79 -0.21 0.68 -7.41
C HIS A 79 0.59 1.98 -7.47
N ALA A 80 -0.06 3.05 -7.03
CA ALA A 80 0.58 4.36 -7.03
C ALA A 80 1.75 4.35 -6.04
N LEU A 81 1.47 3.85 -4.85
CA LEU A 81 2.49 3.77 -3.81
C LEU A 81 3.52 2.72 -4.19
N LEU A 82 3.11 1.82 -5.08
CA LEU A 82 4.00 0.76 -5.53
C LEU A 82 4.73 1.22 -6.80
N MET A 83 6.05 1.24 -6.70
CA MET A 83 6.88 1.66 -7.82
C MET A 83 7.78 0.51 -8.29
N PRO A 84 8.24 0.63 -9.56
CA PRO A 84 9.11 -0.39 -10.14
C PRO A 84 10.53 -0.27 -9.59
N PRO A 85 10.95 -1.34 -8.85
CA PRO A 85 12.28 -1.36 -8.27
C PRO A 85 13.35 -1.63 -9.33
N GLU A 86 13.33 -0.79 -10.36
CA GLU A 86 14.28 -0.93 -11.45
C GLU A 86 15.05 0.37 -11.64
N PRO A 87 16.28 0.24 -12.20
CA PRO A 87 17.13 1.39 -12.45
C PRO A 87 16.63 2.19 -13.65
N SER A 88 17.52 3.03 -14.18
CA SER A 88 17.18 3.86 -15.31
C SER A 88 16.46 5.12 -14.86
N GLY A 89 15.45 4.92 -14.02
CA GLY A 89 14.68 6.04 -13.50
C GLY A 89 15.58 7.02 -12.75
N PRO A 90 14.98 8.20 -12.41
CA PRO A 90 15.71 9.23 -11.70
C PRO A 90 15.90 8.86 -10.23
N SER A 91 16.94 8.08 -9.99
CA SER A 91 17.24 7.65 -8.63
C SER A 91 18.59 8.21 -8.18
N SER A 92 18.67 8.53 -6.90
CA SER A 92 19.90 9.08 -6.34
C SER A 92 20.43 8.15 -5.25
N GLY A 93 19.59 7.91 -4.25
CA GLY A 93 19.96 7.05 -3.14
C GLY A 93 18.73 6.65 -2.32
N GLY A 1 -3.57 -10.18 -13.92
CA GLY A 1 -4.47 -11.31 -14.08
C GLY A 1 -3.96 -12.53 -13.33
N SER A 2 -3.57 -13.54 -14.10
CA SER A 2 -3.05 -14.77 -13.52
C SER A 2 -1.75 -14.50 -12.77
N SER A 3 -1.64 -15.10 -11.60
CA SER A 3 -0.45 -14.93 -10.79
C SER A 3 0.75 -15.62 -11.45
N GLY A 4 0.51 -16.84 -11.89
CA GLY A 4 1.55 -17.61 -12.54
C GLY A 4 2.87 -17.53 -11.76
N SER A 5 2.86 -18.22 -10.62
CA SER A 5 4.05 -18.23 -9.76
C SER A 5 5.20 -18.95 -10.48
N SER A 6 6.40 -18.47 -10.22
CA SER A 6 7.59 -19.04 -10.83
C SER A 6 8.84 -18.36 -10.29
N GLY A 7 9.79 -19.18 -9.88
CA GLY A 7 11.04 -18.67 -9.34
C GLY A 7 10.80 -17.81 -8.10
N GLN A 8 11.39 -16.62 -8.10
CA GLN A 8 11.24 -15.72 -6.98
C GLN A 8 9.93 -14.92 -7.11
N PRO A 9 9.40 -14.50 -5.94
CA PRO A 9 8.17 -13.73 -5.90
C PRO A 9 8.40 -12.29 -6.36
N PRO A 10 7.27 -11.56 -6.58
CA PRO A 10 7.35 -10.18 -7.02
C PRO A 10 7.75 -9.26 -5.87
N GLN A 11 8.01 -8.01 -6.21
CA GLN A 11 8.41 -7.03 -5.21
C GLN A 11 8.28 -5.61 -5.78
N PHE A 12 7.57 -4.78 -5.05
CA PHE A 12 7.36 -3.39 -5.47
C PHE A 12 8.02 -2.43 -4.49
N LYS A 13 8.52 -1.33 -5.05
CA LYS A 13 9.17 -0.32 -4.24
C LYS A 13 8.11 0.56 -3.56
N LEU A 14 8.23 0.67 -2.25
CA LEU A 14 7.29 1.47 -1.48
C LEU A 14 7.66 2.95 -1.61
N ASP A 15 6.63 3.78 -1.65
CA ASP A 15 6.83 5.21 -1.78
C ASP A 15 7.74 5.70 -0.64
N PRO A 16 8.22 6.96 -0.80
CA PRO A 16 9.09 7.55 0.21
C PRO A 16 8.30 7.96 1.45
N ARG A 17 6.99 8.02 1.29
CA ARG A 17 6.11 8.40 2.38
C ARG A 17 5.53 7.16 3.05
N LEU A 18 5.41 6.10 2.26
CA LEU A 18 4.89 4.85 2.77
C LEU A 18 6.04 3.97 3.27
N ALA A 19 7.06 3.86 2.44
CA ALA A 19 8.22 3.06 2.78
C ALA A 19 8.56 3.26 4.27
N ARG A 20 8.24 4.45 4.75
CA ARG A 20 8.50 4.78 6.14
C ARG A 20 7.25 4.54 6.99
N LEU A 21 6.11 4.91 6.42
CA LEU A 21 4.84 4.75 7.11
C LEU A 21 4.78 3.35 7.72
N LEU A 22 4.88 2.35 6.86
CA LEU A 22 4.85 0.96 7.30
C LEU A 22 6.25 0.54 7.74
N GLY A 23 7.24 1.05 7.02
CA GLY A 23 8.63 0.72 7.32
C GLY A 23 9.15 -0.36 6.38
N ILE A 24 8.27 -0.81 5.50
CA ILE A 24 8.63 -1.84 4.54
C ILE A 24 9.37 -1.20 3.35
N HIS A 25 10.66 -1.47 3.28
CA HIS A 25 11.48 -0.93 2.20
C HIS A 25 10.95 -1.43 0.85
N THR A 26 11.03 -2.74 0.67
CA THR A 26 10.57 -3.35 -0.56
C THR A 26 10.14 -4.80 -0.31
N GLN A 27 8.84 -5.03 -0.48
CA GLN A 27 8.29 -6.35 -0.27
C GLN A 27 7.37 -6.73 -1.44
N THR A 28 6.65 -7.83 -1.25
CA THR A 28 5.73 -8.30 -2.28
C THR A 28 4.40 -7.57 -2.19
N ARG A 29 3.42 -8.09 -2.91
CA ARG A 29 2.09 -7.49 -2.91
C ARG A 29 1.27 -7.99 -1.72
N PRO A 30 1.35 -9.33 -1.49
CA PRO A 30 0.63 -9.94 -0.39
C PRO A 30 1.31 -9.65 0.94
N VAL A 31 2.47 -9.01 0.85
CA VAL A 31 3.23 -8.67 2.04
C VAL A 31 3.02 -7.19 2.37
N ILE A 32 2.79 -6.41 1.32
CA ILE A 32 2.56 -4.99 1.48
C ILE A 32 1.08 -4.73 1.79
N ILE A 33 0.23 -5.31 0.94
CA ILE A 33 -1.20 -5.17 1.11
C ILE A 33 -1.57 -5.40 2.57
N GLN A 34 -0.99 -6.44 3.14
CA GLN A 34 -1.25 -6.79 4.53
C GLN A 34 -0.73 -5.67 5.45
N ALA A 35 0.57 -5.45 5.37
CA ALA A 35 1.20 -4.43 6.19
C ALA A 35 0.30 -3.20 6.25
N LEU A 36 -0.46 -3.01 5.18
CA LEU A 36 -1.37 -1.88 5.10
C LEU A 36 -2.65 -2.21 5.88
N TRP A 37 -3.22 -3.36 5.55
CA TRP A 37 -4.43 -3.80 6.21
C TRP A 37 -4.21 -3.73 7.72
N GLN A 38 -3.07 -4.25 8.15
CA GLN A 38 -2.73 -4.25 9.56
C GLN A 38 -2.68 -2.83 10.10
N TYR A 39 -2.65 -1.88 9.18
CA TYR A 39 -2.61 -0.48 9.54
C TYR A 39 -4.02 0.07 9.77
N ILE A 40 -4.89 -0.20 8.81
CA ILE A 40 -6.27 0.25 8.89
C ILE A 40 -6.97 -0.45 10.05
N LYS A 41 -6.41 -1.60 10.43
CA LYS A 41 -6.98 -2.37 11.52
C LYS A 41 -6.42 -1.85 12.85
N THR A 42 -5.10 -1.74 12.89
CA THR A 42 -4.43 -1.25 14.10
C THR A 42 -4.73 0.23 14.31
N HIS A 43 -4.73 0.96 13.20
CA HIS A 43 -4.99 2.40 13.24
C HIS A 43 -6.50 2.65 13.13
N LYS A 44 -7.24 1.56 13.11
CA LYS A 44 -8.69 1.64 13.01
C LYS A 44 -9.06 2.73 12.01
N LEU A 45 -8.59 2.56 10.79
CA LEU A 45 -8.87 3.53 9.74
C LEU A 45 -10.25 3.26 9.15
N GLN A 46 -10.87 2.20 9.64
CA GLN A 46 -12.19 1.82 9.18
C GLN A 46 -13.15 3.02 9.26
N ASP A 47 -13.78 3.32 8.14
CA ASP A 47 -14.72 4.43 8.09
C ASP A 47 -15.85 4.19 9.09
N PRO A 48 -16.12 5.24 9.90
CA PRO A 48 -17.16 5.17 10.91
C PRO A 48 -18.55 5.26 10.27
N HIS A 49 -18.55 5.67 9.00
CA HIS A 49 -19.81 5.80 8.27
C HIS A 49 -20.19 4.45 7.67
N GLU A 50 -19.27 3.88 6.91
CA GLU A 50 -19.50 2.59 6.27
C GLU A 50 -18.62 1.52 6.92
N ARG A 51 -18.70 0.32 6.36
CA ARG A 51 -17.92 -0.79 6.87
C ARG A 51 -16.94 -1.29 5.80
N GLU A 52 -17.17 -0.84 4.57
CA GLU A 52 -16.33 -1.24 3.46
C GLU A 52 -15.33 -0.12 3.14
N PHE A 53 -15.66 1.08 3.60
CA PHE A 53 -14.80 2.23 3.37
C PHE A 53 -13.78 2.40 4.49
N VAL A 54 -12.79 3.23 4.22
CA VAL A 54 -11.74 3.48 5.20
C VAL A 54 -11.28 4.93 5.09
N LEU A 55 -11.38 5.64 6.21
CA LEU A 55 -10.99 7.03 6.25
C LEU A 55 -9.47 7.12 6.43
N CYS A 56 -8.81 7.60 5.38
CA CYS A 56 -7.36 7.73 5.41
C CYS A 56 -7.00 8.77 6.47
N ASP A 57 -6.01 8.43 7.28
CA ASP A 57 -5.56 9.32 8.33
C ASP A 57 -4.84 10.52 7.71
N LYS A 58 -4.37 11.41 8.57
CA LYS A 58 -3.67 12.59 8.12
C LYS A 58 -2.54 12.19 7.16
N TYR A 59 -1.81 11.16 7.57
CA TYR A 59 -0.71 10.66 6.76
C TYR A 59 -1.21 10.13 5.42
N LEU A 60 -2.06 9.11 5.50
CA LEU A 60 -2.63 8.51 4.30
C LEU A 60 -3.24 9.61 3.42
N GLN A 61 -3.92 10.52 4.08
CA GLN A 61 -4.57 11.62 3.38
C GLN A 61 -3.54 12.41 2.56
N GLN A 62 -2.28 12.24 2.94
CA GLN A 62 -1.19 12.91 2.26
C GLN A 62 -0.52 11.98 1.25
N ILE A 63 -0.83 10.70 1.40
CA ILE A 63 -0.26 9.69 0.51
C ILE A 63 -1.31 9.30 -0.54
N PHE A 64 -2.43 8.79 -0.04
CA PHE A 64 -3.51 8.37 -0.92
C PHE A 64 -4.30 9.58 -1.42
N GLU A 65 -4.53 10.52 -0.52
CA GLU A 65 -5.28 11.72 -0.87
C GLU A 65 -6.75 11.39 -1.08
N SER A 66 -7.21 10.37 -0.38
CA SER A 66 -8.59 9.94 -0.48
C SER A 66 -9.27 9.99 0.89
N GLN A 67 -9.93 11.10 1.15
CA GLN A 67 -10.62 11.29 2.41
C GLN A 67 -11.34 10.00 2.82
N ARG A 68 -12.06 9.44 1.86
CA ARG A 68 -12.80 8.22 2.09
C ARG A 68 -12.85 7.36 0.83
N MET A 69 -12.38 6.13 0.96
CA MET A 69 -12.36 5.21 -0.15
C MET A 69 -12.81 3.81 0.27
N LYS A 70 -13.15 3.00 -0.72
CA LYS A 70 -13.58 1.64 -0.46
C LYS A 70 -12.37 0.74 -0.27
N PHE A 71 -12.49 -0.20 0.66
CA PHE A 71 -11.41 -1.12 0.93
C PHE A 71 -10.92 -1.80 -0.34
N SER A 72 -11.83 -1.92 -1.29
CA SER A 72 -11.50 -2.55 -2.57
C SER A 72 -10.70 -1.58 -3.44
N GLU A 73 -10.69 -0.32 -3.01
CA GLU A 73 -9.97 0.70 -3.73
C GLU A 73 -8.58 0.91 -3.12
N ILE A 74 -8.28 0.08 -2.13
CA ILE A 74 -6.99 0.18 -1.46
C ILE A 74 -5.91 -0.42 -2.38
N PRO A 75 -6.23 -1.60 -2.95
CA PRO A 75 -5.30 -2.28 -3.84
C PRO A 75 -5.24 -1.61 -5.20
N GLN A 76 -6.18 -0.69 -5.41
CA GLN A 76 -6.24 0.05 -6.66
C GLN A 76 -5.43 1.34 -6.56
N ARG A 77 -5.16 1.75 -5.33
CA ARG A 77 -4.40 2.96 -5.09
C ARG A 77 -2.95 2.61 -4.73
N LEU A 78 -2.77 1.39 -4.23
CA LEU A 78 -1.46 0.92 -3.85
C LEU A 78 -0.52 0.97 -5.06
N HIS A 79 -1.09 0.64 -6.21
CA HIS A 79 -0.33 0.64 -7.45
C HIS A 79 0.48 1.93 -7.54
N ALA A 80 -0.04 2.98 -6.93
CA ALA A 80 0.62 4.27 -6.93
C ALA A 80 1.80 4.24 -5.95
N LEU A 81 1.53 3.70 -4.77
CA LEU A 81 2.54 3.61 -3.74
C LEU A 81 3.52 2.49 -4.10
N LEU A 82 3.14 1.71 -5.09
CA LEU A 82 3.97 0.60 -5.55
C LEU A 82 4.68 1.00 -6.84
N MET A 83 6.00 1.04 -6.77
CA MET A 83 6.80 1.40 -7.93
C MET A 83 7.72 0.24 -8.33
N PRO A 84 8.15 0.27 -9.63
CA PRO A 84 9.04 -0.75 -10.14
C PRO A 84 10.47 -0.57 -9.62
N PRO A 85 10.91 -1.57 -8.80
CA PRO A 85 12.25 -1.53 -8.23
C PRO A 85 13.30 -1.87 -9.28
N GLU A 86 14.56 -1.69 -8.89
CA GLU A 86 15.66 -1.98 -9.78
C GLU A 86 16.31 -3.32 -9.41
N PRO A 87 17.04 -3.90 -10.41
CA PRO A 87 17.72 -5.17 -10.18
C PRO A 87 18.97 -4.98 -9.34
N SER A 88 19.57 -3.81 -9.47
CA SER A 88 20.77 -3.49 -8.72
C SER A 88 20.58 -2.20 -7.95
N GLY A 89 20.04 -2.33 -6.74
CA GLY A 89 19.81 -1.18 -5.89
C GLY A 89 19.91 -1.56 -4.41
N PRO A 90 20.80 -0.83 -3.69
CA PRO A 90 21.01 -1.09 -2.28
C PRO A 90 19.84 -0.53 -1.44
N SER A 91 18.97 -1.44 -1.04
CA SER A 91 17.81 -1.06 -0.25
C SER A 91 18.25 -0.72 1.18
N SER A 92 18.58 0.55 1.39
CA SER A 92 19.01 0.99 2.70
C SER A 92 20.02 0.02 3.29
N GLY A 93 21.28 0.20 2.89
CA GLY A 93 22.34 -0.65 3.37
C GLY A 93 23.20 0.07 4.43
N GLY A 1 -3.42 -2.17 -15.14
CA GLY A 1 -2.06 -2.66 -14.97
C GLY A 1 -2.03 -3.92 -14.08
N SER A 2 -1.43 -4.97 -14.62
CA SER A 2 -1.33 -6.22 -13.89
C SER A 2 0.14 -6.57 -13.66
N SER A 3 0.36 -7.44 -12.67
CA SER A 3 1.71 -7.86 -12.34
C SER A 3 1.83 -9.38 -12.44
N GLY A 4 3.05 -9.84 -12.64
CA GLY A 4 3.31 -11.27 -12.76
C GLY A 4 4.80 -11.54 -12.93
N SER A 5 5.27 -12.57 -12.24
CA SER A 5 6.67 -12.94 -12.33
C SER A 5 6.81 -14.47 -12.22
N SER A 6 8.01 -14.94 -12.52
CA SER A 6 8.29 -16.37 -12.46
C SER A 6 9.39 -16.65 -11.44
N GLY A 7 9.37 -17.86 -10.92
CA GLY A 7 10.37 -18.27 -9.93
C GLY A 7 10.31 -17.38 -8.69
N GLN A 8 11.40 -16.66 -8.46
CA GLN A 8 11.48 -15.77 -7.32
C GLN A 8 10.19 -14.97 -7.18
N PRO A 9 9.90 -14.55 -5.91
CA PRO A 9 8.71 -13.77 -5.63
C PRO A 9 8.87 -12.32 -6.11
N PRO A 10 7.71 -11.64 -6.25
CA PRO A 10 7.72 -10.25 -6.68
C PRO A 10 8.18 -9.32 -5.56
N GLN A 11 8.38 -8.06 -5.93
CA GLN A 11 8.82 -7.07 -4.96
C GLN A 11 8.66 -5.66 -5.54
N PHE A 12 7.75 -4.90 -4.95
CA PHE A 12 7.49 -3.54 -5.39
C PHE A 12 8.10 -2.53 -4.43
N LYS A 13 8.55 -1.42 -5.00
CA LYS A 13 9.16 -0.36 -4.20
C LYS A 13 8.06 0.48 -3.56
N LEU A 14 8.19 0.67 -2.25
CA LEU A 14 7.22 1.46 -1.51
C LEU A 14 7.56 2.94 -1.64
N ASP A 15 6.52 3.75 -1.72
CA ASP A 15 6.69 5.18 -1.85
C ASP A 15 7.61 5.69 -0.73
N PRO A 16 8.06 6.96 -0.88
CA PRO A 16 8.95 7.57 0.10
C PRO A 16 8.18 7.97 1.35
N ARG A 17 6.87 8.04 1.20
CA ARG A 17 5.99 8.41 2.31
C ARG A 17 5.43 7.16 2.98
N LEU A 18 5.33 6.10 2.19
CA LEU A 18 4.81 4.85 2.69
C LEU A 18 5.96 3.97 3.19
N ALA A 19 6.99 3.88 2.36
CA ALA A 19 8.16 3.09 2.70
C ALA A 19 8.49 3.28 4.19
N ARG A 20 8.15 4.48 4.68
CA ARG A 20 8.41 4.80 6.08
C ARG A 20 7.16 4.53 6.91
N LEU A 21 6.03 4.99 6.40
CA LEU A 21 4.76 4.80 7.10
C LEU A 21 4.72 3.39 7.69
N LEU A 22 4.84 2.41 6.82
CA LEU A 22 4.82 1.02 7.24
C LEU A 22 6.23 0.59 7.65
N GLY A 23 7.20 1.13 6.94
CA GLY A 23 8.60 0.81 7.21
C GLY A 23 9.08 -0.33 6.31
N ILE A 24 8.28 -0.63 5.30
CA ILE A 24 8.63 -1.68 4.36
C ILE A 24 9.36 -1.08 3.16
N HIS A 25 10.66 -1.30 3.15
CA HIS A 25 11.49 -0.80 2.07
C HIS A 25 11.00 -1.35 0.73
N THR A 26 11.03 -2.67 0.63
CA THR A 26 10.59 -3.35 -0.59
C THR A 26 10.18 -4.78 -0.28
N GLN A 27 8.89 -5.04 -0.41
CA GLN A 27 8.36 -6.36 -0.16
C GLN A 27 7.43 -6.80 -1.30
N THR A 28 6.74 -7.90 -1.07
CA THR A 28 5.83 -8.43 -2.07
C THR A 28 4.48 -7.70 -2.01
N ARG A 29 3.56 -8.17 -2.83
CA ARG A 29 2.23 -7.57 -2.87
C ARG A 29 1.39 -8.07 -1.69
N PRO A 30 1.46 -9.40 -1.45
CA PRO A 30 0.71 -10.01 -0.36
C PRO A 30 1.36 -9.69 0.99
N VAL A 31 2.52 -9.06 0.92
CA VAL A 31 3.25 -8.70 2.13
C VAL A 31 2.98 -7.23 2.45
N ILE A 32 2.82 -6.45 1.40
CA ILE A 32 2.56 -5.03 1.56
C ILE A 32 1.07 -4.80 1.85
N ILE A 33 0.25 -5.32 0.95
CA ILE A 33 -1.19 -5.19 1.08
C ILE A 33 -1.58 -5.41 2.56
N GLN A 34 -0.98 -6.43 3.14
CA GLN A 34 -1.25 -6.76 4.53
C GLN A 34 -0.71 -5.66 5.45
N ALA A 35 0.60 -5.45 5.36
CA ALA A 35 1.25 -4.43 6.16
C ALA A 35 0.35 -3.19 6.24
N LEU A 36 -0.41 -2.99 5.19
CA LEU A 36 -1.32 -1.85 5.13
C LEU A 36 -2.60 -2.18 5.89
N TRP A 37 -3.18 -3.32 5.54
CA TRP A 37 -4.41 -3.77 6.20
C TRP A 37 -4.19 -3.72 7.71
N GLN A 38 -3.03 -4.23 8.12
CA GLN A 38 -2.69 -4.25 9.53
C GLN A 38 -2.68 -2.83 10.10
N TYR A 39 -2.66 -1.86 9.19
CA TYR A 39 -2.65 -0.47 9.59
C TYR A 39 -4.06 0.06 9.83
N ILE A 40 -4.93 -0.24 8.87
CA ILE A 40 -6.32 0.19 8.95
C ILE A 40 -7.00 -0.55 10.11
N LYS A 41 -6.45 -1.70 10.45
CA LYS A 41 -6.99 -2.51 11.53
C LYS A 41 -6.46 -1.99 12.86
N THR A 42 -5.14 -1.84 12.92
CA THR A 42 -4.49 -1.35 14.13
C THR A 42 -4.83 0.13 14.35
N HIS A 43 -4.77 0.89 13.27
CA HIS A 43 -5.06 2.30 13.33
C HIS A 43 -6.57 2.52 13.22
N LYS A 44 -7.29 1.42 13.18
CA LYS A 44 -8.75 1.48 13.07
C LYS A 44 -9.14 2.58 12.07
N LEU A 45 -8.63 2.44 10.85
CA LEU A 45 -8.92 3.41 9.81
C LEU A 45 -10.32 3.14 9.24
N GLN A 46 -10.93 2.08 9.73
CA GLN A 46 -12.26 1.70 9.28
C GLN A 46 -13.21 2.90 9.36
N ASP A 47 -13.80 3.22 8.23
CA ASP A 47 -14.73 4.34 8.15
C ASP A 47 -15.89 4.10 9.11
N PRO A 48 -16.20 5.15 9.91
CA PRO A 48 -17.29 5.06 10.87
C PRO A 48 -18.65 5.14 10.18
N HIS A 49 -18.62 5.57 8.93
CA HIS A 49 -19.83 5.68 8.14
C HIS A 49 -20.18 4.34 7.52
N GLU A 50 -19.23 3.81 6.76
CA GLU A 50 -19.42 2.52 6.10
C GLU A 50 -18.47 1.48 6.68
N ARG A 51 -18.66 0.24 6.25
CA ARG A 51 -17.83 -0.85 6.73
C ARG A 51 -16.86 -1.29 5.62
N GLU A 52 -17.14 -0.84 4.41
CA GLU A 52 -16.31 -1.18 3.28
C GLU A 52 -15.31 -0.06 2.99
N PHE A 53 -15.63 1.12 3.50
CA PHE A 53 -14.76 2.27 3.31
C PHE A 53 -13.76 2.40 4.47
N VAL A 54 -12.78 3.26 4.26
CA VAL A 54 -11.75 3.48 5.26
C VAL A 54 -11.27 4.93 5.19
N LEU A 55 -11.40 5.63 6.30
CA LEU A 55 -10.98 7.01 6.37
C LEU A 55 -9.46 7.08 6.53
N CYS A 56 -8.82 7.51 5.45
CA CYS A 56 -7.36 7.62 5.45
C CYS A 56 -6.96 8.65 6.51
N ASP A 57 -6.03 8.24 7.36
CA ASP A 57 -5.56 9.11 8.43
C ASP A 57 -4.87 10.33 7.81
N LYS A 58 -4.36 11.19 8.68
CA LYS A 58 -3.68 12.39 8.24
C LYS A 58 -2.57 12.01 7.27
N TYR A 59 -1.79 11.02 7.67
CA TYR A 59 -0.68 10.56 6.85
C TYR A 59 -1.18 10.04 5.51
N LEU A 60 -2.09 9.06 5.58
CA LEU A 60 -2.65 8.48 4.37
C LEU A 60 -3.27 9.58 3.51
N GLN A 61 -3.97 10.48 4.18
CA GLN A 61 -4.61 11.59 3.49
C GLN A 61 -3.58 12.38 2.68
N GLN A 62 -2.32 12.18 3.03
CA GLN A 62 -1.24 12.86 2.34
C GLN A 62 -0.62 11.95 1.29
N ILE A 63 -0.93 10.66 1.41
CA ILE A 63 -0.40 9.67 0.49
C ILE A 63 -1.48 9.31 -0.53
N PHE A 64 -2.60 8.83 -0.02
CA PHE A 64 -3.71 8.44 -0.87
C PHE A 64 -4.49 9.67 -1.35
N GLU A 65 -4.66 10.61 -0.43
CA GLU A 65 -5.39 11.83 -0.74
C GLU A 65 -6.87 11.53 -0.93
N SER A 66 -7.35 10.51 -0.23
CA SER A 66 -8.74 10.11 -0.33
C SER A 66 -9.36 10.07 1.07
N GLN A 67 -10.00 11.18 1.43
CA GLN A 67 -10.65 11.29 2.72
C GLN A 67 -11.38 9.98 3.06
N ARG A 68 -12.14 9.51 2.09
CA ARG A 68 -12.90 8.27 2.26
C ARG A 68 -12.91 7.46 0.97
N MET A 69 -12.43 6.23 1.07
CA MET A 69 -12.37 5.34 -0.07
C MET A 69 -12.81 3.92 0.31
N LYS A 70 -13.15 3.15 -0.72
CA LYS A 70 -13.58 1.78 -0.50
C LYS A 70 -12.36 0.88 -0.30
N PHE A 71 -12.50 -0.05 0.63
CA PHE A 71 -11.41 -0.96 0.92
C PHE A 71 -10.88 -1.63 -0.35
N SER A 72 -11.79 -1.83 -1.29
CA SER A 72 -11.44 -2.45 -2.56
C SER A 72 -10.64 -1.46 -3.42
N GLU A 73 -10.65 -0.21 -2.99
CA GLU A 73 -9.94 0.83 -3.71
C GLU A 73 -8.56 1.06 -3.09
N ILE A 74 -8.25 0.24 -2.10
CA ILE A 74 -6.98 0.34 -1.42
C ILE A 74 -5.88 -0.25 -2.31
N PRO A 75 -6.19 -1.44 -2.89
CA PRO A 75 -5.24 -2.10 -3.77
C PRO A 75 -5.17 -1.42 -5.13
N GLN A 76 -6.12 -0.53 -5.36
CA GLN A 76 -6.19 0.20 -6.61
C GLN A 76 -5.36 1.48 -6.52
N ARG A 77 -5.05 1.87 -5.29
CA ARG A 77 -4.26 3.07 -5.06
C ARG A 77 -2.83 2.69 -4.67
N LEU A 78 -2.67 1.43 -4.28
CA LEU A 78 -1.36 0.94 -3.88
C LEU A 78 -0.43 0.94 -5.08
N HIS A 79 -0.97 0.49 -6.21
CA HIS A 79 -0.20 0.44 -7.44
C HIS A 79 0.64 1.71 -7.59
N ALA A 80 0.07 2.81 -7.11
CA ALA A 80 0.75 4.09 -7.18
C ALA A 80 1.89 4.11 -6.18
N LEU A 81 1.60 3.67 -4.97
CA LEU A 81 2.60 3.63 -3.91
C LEU A 81 3.61 2.52 -4.22
N LEU A 82 3.20 1.63 -5.11
CA LEU A 82 4.07 0.52 -5.49
C LEU A 82 4.79 0.87 -6.80
N MET A 83 6.09 1.09 -6.68
CA MET A 83 6.91 1.43 -7.84
C MET A 83 7.84 0.28 -8.20
N PRO A 84 8.30 0.31 -9.49
CA PRO A 84 9.21 -0.72 -9.97
C PRO A 84 10.62 -0.51 -9.42
N PRO A 85 11.05 -1.49 -8.57
CA PRO A 85 12.37 -1.42 -7.98
C PRO A 85 13.44 -1.79 -8.99
N GLU A 86 13.44 -1.06 -10.10
CA GLU A 86 14.41 -1.31 -11.16
C GLU A 86 15.12 0.00 -11.53
N PRO A 87 16.35 -0.16 -12.10
CA PRO A 87 17.13 1.00 -12.50
C PRO A 87 16.57 1.61 -13.80
N SER A 88 15.25 1.66 -13.87
CA SER A 88 14.59 2.21 -15.03
C SER A 88 13.14 2.58 -14.68
N GLY A 89 12.89 3.88 -14.61
CA GLY A 89 11.56 4.36 -14.29
C GLY A 89 11.45 5.87 -14.54
N PRO A 90 10.22 6.30 -14.93
CA PRO A 90 9.97 7.70 -15.20
C PRO A 90 9.88 8.50 -13.91
N SER A 91 9.72 9.82 -14.07
CA SER A 91 9.62 10.70 -12.92
C SER A 91 8.22 11.30 -12.84
N SER A 92 7.44 10.75 -11.92
CA SER A 92 6.07 11.22 -11.72
C SER A 92 5.91 11.81 -10.32
N GLY A 93 6.19 10.97 -9.33
CA GLY A 93 6.07 11.40 -7.94
C GLY A 93 6.87 10.47 -7.02
N GLY A 1 16.06 -8.95 -15.98
CA GLY A 1 14.64 -9.08 -16.20
C GLY A 1 13.86 -8.00 -15.44
N SER A 2 12.54 -8.15 -15.46
CA SER A 2 11.67 -7.20 -14.78
C SER A 2 10.32 -7.86 -14.47
N SER A 3 9.64 -8.27 -15.53
CA SER A 3 8.34 -8.91 -15.38
C SER A 3 8.45 -10.08 -14.42
N GLY A 4 7.41 -10.24 -13.61
CA GLY A 4 7.37 -11.32 -12.63
C GLY A 4 6.33 -12.37 -13.03
N SER A 5 6.81 -13.58 -13.25
CA SER A 5 5.94 -14.68 -13.62
C SER A 5 6.75 -15.98 -13.73
N SER A 6 6.24 -17.01 -13.09
CA SER A 6 6.90 -18.31 -13.11
C SER A 6 8.38 -18.15 -12.76
N GLY A 7 8.64 -18.17 -11.46
CA GLY A 7 10.01 -18.04 -10.97
C GLY A 7 10.08 -17.01 -9.84
N GLN A 8 10.96 -16.03 -10.03
CA GLN A 8 11.13 -14.99 -9.03
C GLN A 8 9.80 -14.30 -8.74
N PRO A 9 9.56 -14.05 -7.42
CA PRO A 9 8.32 -13.41 -6.99
C PRO A 9 8.35 -11.92 -7.30
N PRO A 10 7.14 -11.30 -7.26
CA PRO A 10 7.02 -9.87 -7.53
C PRO A 10 7.52 -9.04 -6.35
N GLN A 11 8.16 -7.93 -6.68
CA GLN A 11 8.69 -7.04 -5.65
C GLN A 11 8.52 -5.58 -6.08
N PHE A 12 7.62 -4.90 -5.39
CA PHE A 12 7.36 -3.50 -5.69
C PHE A 12 8.04 -2.59 -4.67
N LYS A 13 8.36 -1.38 -5.12
CA LYS A 13 9.02 -0.42 -4.27
C LYS A 13 7.95 0.46 -3.60
N LEU A 14 8.08 0.60 -2.29
CA LEU A 14 7.14 1.42 -1.52
C LEU A 14 7.54 2.89 -1.63
N ASP A 15 6.53 3.74 -1.64
CA ASP A 15 6.76 5.17 -1.74
C ASP A 15 7.66 5.62 -0.58
N PRO A 16 8.17 6.88 -0.71
CA PRO A 16 9.04 7.44 0.31
C PRO A 16 8.25 7.85 1.55
N ARG A 17 6.94 7.93 1.37
CA ARG A 17 6.05 8.31 2.46
C ARG A 17 5.44 7.06 3.10
N LEU A 18 5.31 6.02 2.29
CA LEU A 18 4.74 4.77 2.77
C LEU A 18 5.87 3.85 3.26
N ALA A 19 6.91 3.75 2.44
CA ALA A 19 8.06 2.92 2.78
C ALA A 19 8.35 3.07 4.28
N ARG A 20 8.06 4.25 4.80
CA ARG A 20 8.29 4.53 6.20
C ARG A 20 7.02 4.26 7.01
N LEU A 21 5.92 4.80 6.53
CA LEU A 21 4.64 4.62 7.20
C LEU A 21 4.53 3.19 7.70
N LEU A 22 4.61 2.25 6.78
CA LEU A 22 4.53 0.84 7.12
C LEU A 22 5.90 0.34 7.56
N GLY A 23 6.92 0.92 6.97
CA GLY A 23 8.30 0.56 7.29
C GLY A 23 8.85 -0.45 6.26
N ILE A 24 7.95 -0.94 5.42
CA ILE A 24 8.33 -1.90 4.40
C ILE A 24 9.15 -1.18 3.32
N HIS A 25 10.24 -1.84 2.93
CA HIS A 25 11.12 -1.28 1.91
C HIS A 25 10.67 -1.76 0.53
N THR A 26 10.76 -3.07 0.33
CA THR A 26 10.37 -3.66 -0.93
C THR A 26 10.07 -5.15 -0.76
N GLN A 27 8.98 -5.57 -1.37
CA GLN A 27 8.56 -6.96 -1.29
C GLN A 27 7.35 -7.21 -2.20
N THR A 28 6.72 -8.36 -1.99
CA THR A 28 5.56 -8.73 -2.78
C THR A 28 4.40 -7.77 -2.50
N ARG A 29 3.32 -7.97 -3.25
CA ARG A 29 2.14 -7.13 -3.09
C ARG A 29 1.34 -7.56 -1.86
N PRO A 30 1.24 -8.90 -1.70
CA PRO A 30 0.49 -9.47 -0.58
C PRO A 30 1.29 -9.34 0.71
N VAL A 31 2.51 -8.85 0.58
CA VAL A 31 3.38 -8.68 1.73
C VAL A 31 3.31 -7.22 2.20
N ILE A 32 2.84 -6.37 1.31
CA ILE A 32 2.71 -4.95 1.62
C ILE A 32 1.25 -4.63 1.94
N ILE A 33 0.36 -5.18 1.12
CA ILE A 33 -1.06 -4.96 1.30
C ILE A 33 -1.43 -5.29 2.75
N GLN A 34 -0.87 -6.38 3.25
CA GLN A 34 -1.13 -6.82 4.60
C GLN A 34 -0.63 -5.77 5.60
N ALA A 35 0.59 -5.32 5.37
CA ALA A 35 1.20 -4.33 6.24
C ALA A 35 0.29 -3.10 6.31
N LEU A 36 -0.52 -2.94 5.28
CA LEU A 36 -1.43 -1.81 5.21
C LEU A 36 -2.73 -2.18 5.94
N TRP A 37 -3.23 -3.36 5.63
CA TRP A 37 -4.46 -3.83 6.25
C TRP A 37 -4.27 -3.79 7.77
N GLN A 38 -3.10 -4.22 8.19
CA GLN A 38 -2.78 -4.23 9.62
C GLN A 38 -2.69 -2.80 10.15
N TYR A 39 -2.58 -1.86 9.23
CA TYR A 39 -2.49 -0.46 9.59
C TYR A 39 -3.87 0.15 9.81
N ILE A 40 -4.78 -0.16 8.89
CA ILE A 40 -6.13 0.34 8.97
C ILE A 40 -6.85 -0.31 10.15
N LYS A 41 -6.38 -1.50 10.50
CA LYS A 41 -6.96 -2.25 11.60
C LYS A 41 -6.40 -1.71 12.93
N THR A 42 -5.09 -1.62 12.97
CA THR A 42 -4.41 -1.12 14.17
C THR A 42 -4.70 0.37 14.37
N HIS A 43 -4.63 1.11 13.27
CA HIS A 43 -4.89 2.54 13.31
C HIS A 43 -6.39 2.79 13.26
N LYS A 44 -7.15 1.71 13.15
CA LYS A 44 -8.59 1.80 13.09
C LYS A 44 -8.98 2.87 12.08
N LEU A 45 -8.51 2.69 10.84
CA LEU A 45 -8.81 3.63 9.78
C LEU A 45 -10.19 3.32 9.21
N GLN A 46 -10.77 2.24 9.68
CA GLN A 46 -12.09 1.82 9.23
C GLN A 46 -13.07 2.99 9.33
N ASP A 47 -13.71 3.28 8.20
CA ASP A 47 -14.68 4.35 8.15
C ASP A 47 -15.80 4.09 9.15
N PRO A 48 -16.12 5.15 9.95
CA PRO A 48 -17.16 5.03 10.96
C PRO A 48 -18.56 5.06 10.30
N HIS A 49 -18.57 5.44 9.04
CA HIS A 49 -19.82 5.51 8.29
C HIS A 49 -20.14 4.13 7.70
N GLU A 50 -19.19 3.60 6.96
CA GLU A 50 -19.36 2.30 6.35
C GLU A 50 -18.45 1.27 7.01
N ARG A 51 -18.44 0.07 6.44
CA ARG A 51 -17.61 -1.00 6.96
C ARG A 51 -16.59 -1.44 5.91
N GLU A 52 -16.86 -1.08 4.66
CA GLU A 52 -15.98 -1.42 3.57
C GLU A 52 -15.03 -0.28 3.27
N PHE A 53 -15.46 0.93 3.65
CA PHE A 53 -14.66 2.11 3.42
C PHE A 53 -13.65 2.32 4.55
N VAL A 54 -12.69 3.19 4.30
CA VAL A 54 -11.66 3.48 5.28
C VAL A 54 -11.25 4.95 5.17
N LEU A 55 -11.37 5.65 6.29
CA LEU A 55 -11.02 7.06 6.33
C LEU A 55 -9.51 7.20 6.51
N CYS A 56 -8.83 7.47 5.40
CA CYS A 56 -7.39 7.63 5.43
C CYS A 56 -7.04 8.66 6.52
N ASP A 57 -5.95 8.38 7.22
CA ASP A 57 -5.50 9.26 8.29
C ASP A 57 -4.78 10.46 7.67
N LYS A 58 -4.44 11.41 8.53
CA LYS A 58 -3.74 12.61 8.10
C LYS A 58 -2.58 12.22 7.19
N TYR A 59 -1.99 11.08 7.49
CA TYR A 59 -0.86 10.59 6.72
C TYR A 59 -1.33 10.06 5.35
N LEU A 60 -2.14 9.02 5.42
CA LEU A 60 -2.66 8.41 4.21
C LEU A 60 -3.34 9.47 3.34
N GLN A 61 -4.03 10.38 4.02
CA GLN A 61 -4.72 11.46 3.34
C GLN A 61 -3.74 12.27 2.50
N GLN A 62 -2.47 12.15 2.84
CA GLN A 62 -1.42 12.86 2.13
C GLN A 62 -0.74 11.94 1.11
N ILE A 63 -1.02 10.64 1.25
CA ILE A 63 -0.45 9.65 0.36
C ILE A 63 -1.50 9.24 -0.68
N PHE A 64 -2.61 8.73 -0.17
CA PHE A 64 -3.69 8.29 -1.04
C PHE A 64 -4.49 9.49 -1.56
N GLU A 65 -4.64 10.49 -0.70
CA GLU A 65 -5.38 11.69 -1.06
C GLU A 65 -6.87 11.37 -1.21
N SER A 66 -7.31 10.39 -0.45
CA SER A 66 -8.71 9.98 -0.48
C SER A 66 -9.30 9.99 0.93
N GLN A 67 -9.99 11.07 1.24
CA GLN A 67 -10.60 11.22 2.54
C GLN A 67 -11.39 9.96 2.90
N ARG A 68 -12.12 9.45 1.92
CA ARG A 68 -12.92 8.25 2.12
C ARG A 68 -12.92 7.40 0.85
N MET A 69 -12.46 6.17 1.01
CA MET A 69 -12.41 5.24 -0.11
C MET A 69 -12.83 3.83 0.32
N LYS A 70 -13.04 2.98 -0.67
CA LYS A 70 -13.45 1.61 -0.42
C LYS A 70 -12.20 0.74 -0.25
N PHE A 71 -12.30 -0.20 0.67
CA PHE A 71 -11.19 -1.11 0.93
C PHE A 71 -10.75 -1.83 -0.34
N SER A 72 -11.68 -1.93 -1.28
CA SER A 72 -11.41 -2.58 -2.55
C SER A 72 -10.60 -1.66 -3.46
N GLU A 73 -10.55 -0.40 -3.06
CA GLU A 73 -9.82 0.60 -3.83
C GLU A 73 -8.42 0.80 -3.25
N ILE A 74 -8.09 -0.05 -2.28
CA ILE A 74 -6.80 0.01 -1.63
C ILE A 74 -5.73 -0.56 -2.55
N PRO A 75 -6.06 -1.75 -3.14
CA PRO A 75 -5.14 -2.42 -4.05
C PRO A 75 -5.10 -1.71 -5.41
N GLN A 76 -6.05 -0.81 -5.59
CA GLN A 76 -6.15 -0.06 -6.83
C GLN A 76 -5.38 1.26 -6.72
N ARG A 77 -5.12 1.65 -5.47
CA ARG A 77 -4.39 2.88 -5.21
C ARG A 77 -2.95 2.58 -4.85
N LEU A 78 -2.73 1.36 -4.37
CA LEU A 78 -1.40 0.94 -3.96
C LEU A 78 -0.46 1.01 -5.19
N HIS A 79 -1.01 0.60 -6.32
CA HIS A 79 -0.24 0.61 -7.56
C HIS A 79 0.60 1.88 -7.63
N ALA A 80 0.05 2.96 -7.09
CA ALA A 80 0.74 4.24 -7.09
C ALA A 80 1.89 4.19 -6.08
N LEU A 81 1.56 3.76 -4.87
CA LEU A 81 2.55 3.66 -3.82
C LEU A 81 3.55 2.55 -4.17
N LEU A 82 3.16 1.73 -5.13
CA LEU A 82 4.00 0.63 -5.56
C LEU A 82 4.73 1.03 -6.84
N MET A 83 6.04 1.16 -6.73
CA MET A 83 6.86 1.53 -7.87
C MET A 83 7.83 0.40 -8.24
N PRO A 84 8.31 0.46 -9.52
CA PRO A 84 9.24 -0.55 -10.00
C PRO A 84 10.64 -0.33 -9.43
N PRO A 85 11.08 -1.32 -8.60
CA PRO A 85 12.39 -1.24 -7.99
C PRO A 85 13.50 -1.54 -9.01
N GLU A 86 13.48 -0.80 -10.09
CA GLU A 86 14.47 -0.98 -11.15
C GLU A 86 15.29 0.30 -11.34
N PRO A 87 16.48 0.13 -11.96
CA PRO A 87 17.36 1.26 -12.20
C PRO A 87 16.85 2.12 -13.36
N SER A 88 17.74 2.93 -13.90
CA SER A 88 17.40 3.80 -15.02
C SER A 88 16.06 4.50 -14.73
N GLY A 89 16.15 5.62 -14.03
CA GLY A 89 14.96 6.38 -13.69
C GLY A 89 14.98 7.74 -14.39
N PRO A 90 14.40 8.75 -13.68
CA PRO A 90 14.34 10.10 -14.23
C PRO A 90 15.70 10.78 -14.17
N SER A 91 16.48 10.59 -15.22
CA SER A 91 17.80 11.18 -15.30
C SER A 91 17.77 12.61 -14.75
N SER A 92 18.32 12.76 -13.55
CA SER A 92 18.37 14.06 -12.91
C SER A 92 19.58 14.15 -11.97
N GLY A 93 20.44 15.10 -12.27
CA GLY A 93 21.64 15.30 -11.47
C GLY A 93 22.88 14.74 -12.19
N GLY A 1 -7.12 -13.02 3.06
CA GLY A 1 -6.46 -14.30 2.97
C GLY A 1 -5.16 -14.19 2.19
N SER A 2 -4.05 -14.18 2.93
CA SER A 2 -2.74 -14.07 2.32
C SER A 2 -2.11 -15.46 2.19
N SER A 3 -1.16 -15.57 1.29
CA SER A 3 -0.46 -16.83 1.06
C SER A 3 1.05 -16.62 1.12
N GLY A 4 1.77 -17.73 1.10
CA GLY A 4 3.22 -17.67 1.16
C GLY A 4 3.82 -17.79 -0.24
N SER A 5 5.12 -17.50 -0.33
CA SER A 5 5.82 -17.57 -1.60
C SER A 5 7.32 -17.45 -1.37
N SER A 6 8.05 -18.42 -1.90
CA SER A 6 9.50 -18.45 -1.76
C SER A 6 10.15 -18.67 -3.13
N GLY A 7 11.45 -18.39 -3.18
CA GLY A 7 12.20 -18.56 -4.41
C GLY A 7 12.54 -17.21 -5.04
N GLN A 8 11.77 -16.85 -6.06
CA GLN A 8 11.98 -15.60 -6.75
C GLN A 8 10.65 -14.87 -6.97
N PRO A 9 10.02 -14.49 -5.82
CA PRO A 9 8.75 -13.79 -5.86
C PRO A 9 8.93 -12.34 -6.30
N PRO A 10 7.78 -11.65 -6.51
CA PRO A 10 7.80 -10.26 -6.92
C PRO A 10 8.17 -9.35 -5.75
N GLN A 11 8.44 -8.09 -6.08
CA GLN A 11 8.81 -7.10 -5.07
C GLN A 11 8.70 -5.69 -5.64
N PHE A 12 7.74 -4.95 -5.12
CA PHE A 12 7.53 -3.58 -5.57
C PHE A 12 8.12 -2.58 -4.59
N LYS A 13 8.57 -1.46 -5.12
CA LYS A 13 9.16 -0.42 -4.30
C LYS A 13 8.04 0.37 -3.60
N LEU A 14 8.23 0.57 -2.30
CA LEU A 14 7.25 1.30 -1.51
C LEU A 14 7.52 2.79 -1.62
N ASP A 15 6.44 3.57 -1.62
CA ASP A 15 6.56 5.01 -1.71
C ASP A 15 7.48 5.53 -0.62
N PRO A 16 7.97 6.78 -0.82
CA PRO A 16 8.86 7.40 0.16
C PRO A 16 8.09 7.86 1.39
N ARG A 17 6.78 7.94 1.24
CA ARG A 17 5.92 8.36 2.33
C ARG A 17 5.33 7.14 3.05
N LEU A 18 5.20 6.06 2.29
CA LEU A 18 4.64 4.84 2.83
C LEU A 18 5.78 3.95 3.35
N ALA A 19 6.82 3.84 2.52
CA ALA A 19 7.98 3.03 2.88
C ALA A 19 8.27 3.21 4.37
N ARG A 20 8.03 4.42 4.85
CA ARG A 20 8.26 4.72 6.25
C ARG A 20 7.00 4.46 7.07
N LEU A 21 5.89 4.96 6.57
CA LEU A 21 4.61 4.78 7.25
C LEU A 21 4.53 3.37 7.80
N LEU A 22 4.73 2.40 6.91
CA LEU A 22 4.67 1.00 7.30
C LEU A 22 6.06 0.56 7.78
N GLY A 23 7.08 1.09 7.12
CA GLY A 23 8.44 0.76 7.48
C GLY A 23 9.08 -0.16 6.43
N ILE A 24 8.21 -0.76 5.62
CA ILE A 24 8.67 -1.66 4.57
C ILE A 24 9.04 -0.85 3.34
N HIS A 25 10.30 -0.98 2.93
CA HIS A 25 10.79 -0.26 1.77
C HIS A 25 10.57 -1.10 0.51
N THR A 26 10.73 -2.41 0.68
CA THR A 26 10.55 -3.34 -0.42
C THR A 26 9.98 -4.67 0.08
N GLN A 27 9.04 -5.20 -0.69
CA GLN A 27 8.42 -6.47 -0.33
C GLN A 27 7.46 -6.92 -1.43
N THR A 28 6.81 -8.05 -1.18
CA THR A 28 5.86 -8.59 -2.15
C THR A 28 4.56 -7.81 -2.11
N ARG A 29 3.56 -8.36 -2.79
CA ARG A 29 2.25 -7.71 -2.85
C ARG A 29 1.42 -8.11 -1.64
N PRO A 30 1.47 -9.43 -1.30
CA PRO A 30 0.73 -9.95 -0.16
C PRO A 30 1.41 -9.55 1.16
N VAL A 31 2.60 -9.01 1.04
CA VAL A 31 3.36 -8.58 2.20
C VAL A 31 3.25 -7.06 2.35
N ILE A 32 2.78 -6.43 1.28
CA ILE A 32 2.63 -4.98 1.28
C ILE A 32 1.16 -4.64 1.52
N ILE A 33 0.29 -5.47 0.97
CA ILE A 33 -1.15 -5.26 1.11
C ILE A 33 -1.53 -5.43 2.58
N GLN A 34 -0.98 -6.48 3.19
CA GLN A 34 -1.25 -6.77 4.58
C GLN A 34 -0.71 -5.66 5.48
N ALA A 35 0.59 -5.45 5.37
CA ALA A 35 1.25 -4.41 6.16
C ALA A 35 0.36 -3.17 6.23
N LEU A 36 -0.42 -2.99 5.17
CA LEU A 36 -1.33 -1.85 5.10
C LEU A 36 -2.60 -2.17 5.88
N TRP A 37 -3.19 -3.31 5.55
CA TRP A 37 -4.41 -3.75 6.22
C TRP A 37 -4.17 -3.70 7.73
N GLN A 38 -3.02 -4.22 8.13
CA GLN A 38 -2.66 -4.24 9.54
C GLN A 38 -2.59 -2.81 10.09
N TYR A 39 -2.57 -1.85 9.17
CA TYR A 39 -2.52 -0.45 9.55
C TYR A 39 -3.91 0.11 9.81
N ILE A 40 -4.80 -0.15 8.86
CA ILE A 40 -6.17 0.32 8.97
C ILE A 40 -6.87 -0.42 10.11
N LYS A 41 -6.36 -1.62 10.39
CA LYS A 41 -6.93 -2.44 11.45
C LYS A 41 -6.40 -1.94 12.80
N THR A 42 -5.08 -1.83 12.88
CA THR A 42 -4.44 -1.37 14.10
C THR A 42 -4.77 0.10 14.36
N HIS A 43 -4.68 0.89 13.30
CA HIS A 43 -4.95 2.31 13.39
C HIS A 43 -6.47 2.54 13.29
N LYS A 44 -7.19 1.45 13.16
CA LYS A 44 -8.64 1.52 13.06
C LYS A 44 -9.02 2.71 12.17
N LEU A 45 -8.55 2.67 10.94
CA LEU A 45 -8.83 3.73 9.98
C LEU A 45 -10.17 3.45 9.31
N GLN A 46 -10.81 2.37 9.74
CA GLN A 46 -12.10 1.99 9.19
C GLN A 46 -13.06 3.17 9.22
N ASP A 47 -13.75 3.36 8.10
CA ASP A 47 -14.71 4.46 7.99
C ASP A 47 -15.89 4.19 8.93
N PRO A 48 -16.19 5.23 9.77
CA PRO A 48 -17.29 5.12 10.71
C PRO A 48 -18.65 5.22 10.00
N HIS A 49 -18.60 5.74 8.78
CA HIS A 49 -19.81 5.90 7.99
C HIS A 49 -20.22 4.55 7.40
N GLU A 50 -19.28 3.92 6.72
CA GLU A 50 -19.53 2.63 6.11
C GLU A 50 -18.72 1.54 6.81
N ARG A 51 -18.78 0.35 6.23
CA ARG A 51 -18.05 -0.78 6.79
C ARG A 51 -17.02 -1.30 5.79
N GLU A 52 -17.12 -0.80 4.57
CA GLU A 52 -16.20 -1.20 3.51
C GLU A 52 -15.23 -0.07 3.20
N PHE A 53 -15.58 1.12 3.66
CA PHE A 53 -14.75 2.28 3.44
C PHE A 53 -13.73 2.46 4.56
N VAL A 54 -12.74 3.31 4.30
CA VAL A 54 -11.71 3.57 5.29
C VAL A 54 -11.27 5.04 5.18
N LEU A 55 -11.36 5.72 6.32
CA LEU A 55 -10.97 7.12 6.36
C LEU A 55 -9.46 7.24 6.52
N CYS A 56 -8.82 7.60 5.41
CA CYS A 56 -7.37 7.75 5.40
C CYS A 56 -6.98 8.79 6.45
N ASP A 57 -6.01 8.42 7.27
CA ASP A 57 -5.54 9.32 8.32
C ASP A 57 -4.81 10.50 7.69
N LYS A 58 -4.37 11.41 8.55
CA LYS A 58 -3.65 12.59 8.09
C LYS A 58 -2.49 12.16 7.19
N TYR A 59 -1.92 11.02 7.53
CA TYR A 59 -0.80 10.49 6.77
C TYR A 59 -1.25 9.97 5.41
N LEU A 60 -2.21 9.05 5.46
CA LEU A 60 -2.74 8.47 4.23
C LEU A 60 -3.36 9.57 3.37
N GLN A 61 -3.97 10.53 4.04
CA GLN A 61 -4.60 11.64 3.36
C GLN A 61 -3.57 12.40 2.52
N GLN A 62 -2.30 12.20 2.87
CA GLN A 62 -1.23 12.86 2.15
C GLN A 62 -0.60 11.89 1.13
N ILE A 63 -0.94 10.61 1.29
CA ILE A 63 -0.42 9.59 0.40
C ILE A 63 -1.50 9.22 -0.62
N PHE A 64 -2.60 8.70 -0.10
CA PHE A 64 -3.71 8.30 -0.95
C PHE A 64 -4.49 9.51 -1.44
N GLU A 65 -4.63 10.50 -0.55
CA GLU A 65 -5.34 11.71 -0.88
C GLU A 65 -6.83 11.41 -1.08
N SER A 66 -7.31 10.40 -0.35
CA SER A 66 -8.69 10.01 -0.44
C SER A 66 -9.34 10.04 0.95
N GLN A 67 -9.97 11.17 1.24
CA GLN A 67 -10.62 11.34 2.54
C GLN A 67 -11.35 10.06 2.94
N ARG A 68 -12.10 9.52 2.00
CA ARG A 68 -12.84 8.30 2.24
C ARG A 68 -12.95 7.47 0.96
N MET A 69 -12.47 6.24 1.05
CA MET A 69 -12.50 5.33 -0.09
C MET A 69 -12.91 3.92 0.33
N LYS A 70 -13.21 3.11 -0.66
CA LYS A 70 -13.62 1.74 -0.40
C LYS A 70 -12.36 0.87 -0.24
N PHE A 71 -12.46 -0.08 0.68
CA PHE A 71 -11.35 -0.98 0.95
C PHE A 71 -10.86 -1.64 -0.34
N SER A 72 -11.78 -1.78 -1.27
CA SER A 72 -11.45 -2.39 -2.55
C SER A 72 -10.64 -1.42 -3.41
N GLU A 73 -10.62 -0.16 -2.97
CA GLU A 73 -9.89 0.88 -3.68
C GLU A 73 -8.50 1.06 -3.07
N ILE A 74 -8.19 0.19 -2.11
CA ILE A 74 -6.91 0.25 -1.44
C ILE A 74 -5.83 -0.34 -2.37
N PRO A 75 -6.15 -1.52 -2.95
CA PRO A 75 -5.22 -2.18 -3.85
C PRO A 75 -5.18 -1.47 -5.22
N GLN A 76 -6.12 -0.57 -5.41
CA GLN A 76 -6.21 0.18 -6.65
C GLN A 76 -5.42 1.48 -6.54
N ARG A 77 -5.08 1.82 -5.30
CA ARG A 77 -4.32 3.04 -5.04
C ARG A 77 -2.88 2.70 -4.64
N LEU A 78 -2.67 1.42 -4.37
CA LEU A 78 -1.35 0.95 -3.98
C LEU A 78 -0.43 0.94 -5.19
N HIS A 79 -0.99 0.49 -6.31
CA HIS A 79 -0.23 0.42 -7.54
C HIS A 79 0.63 1.67 -7.70
N ALA A 80 0.07 2.79 -7.25
CA ALA A 80 0.77 4.06 -7.32
C ALA A 80 1.92 4.07 -6.31
N LEU A 81 1.58 3.70 -5.08
CA LEU A 81 2.57 3.65 -4.02
C LEU A 81 3.62 2.59 -4.33
N LEU A 82 3.30 1.77 -5.34
CA LEU A 82 4.20 0.72 -5.75
C LEU A 82 4.95 1.15 -7.01
N MET A 83 6.27 1.14 -6.91
CA MET A 83 7.11 1.53 -8.03
C MET A 83 8.09 0.41 -8.41
N PRO A 84 8.60 0.50 -9.66
CA PRO A 84 9.55 -0.49 -10.15
C PRO A 84 10.93 -0.29 -9.52
N PRO A 85 11.33 -1.29 -8.68
CA PRO A 85 12.62 -1.24 -8.02
C PRO A 85 13.75 -1.55 -9.00
N GLU A 86 14.92 -1.87 -8.43
CA GLU A 86 16.08 -2.19 -9.24
C GLU A 86 15.85 -3.50 -10.00
N PRO A 87 16.60 -3.63 -11.13
CA PRO A 87 16.49 -4.83 -11.96
C PRO A 87 17.19 -6.02 -11.30
N SER A 88 17.45 -7.02 -12.12
CA SER A 88 18.11 -8.23 -11.64
C SER A 88 19.48 -8.39 -12.30
N GLY A 89 20.52 -8.11 -11.52
CA GLY A 89 21.87 -8.21 -12.01
C GLY A 89 22.47 -6.82 -12.28
N PRO A 90 23.74 -6.82 -12.76
CA PRO A 90 24.43 -5.58 -13.06
C PRO A 90 23.90 -4.97 -14.37
N SER A 91 24.33 -3.73 -14.61
CA SER A 91 23.92 -3.03 -15.80
C SER A 91 24.92 -1.92 -16.13
N SER A 92 25.03 -1.63 -17.42
CA SER A 92 25.95 -0.60 -17.87
C SER A 92 25.16 0.65 -18.28
N GLY A 93 25.90 1.75 -18.41
CA GLY A 93 25.28 3.01 -18.80
C GLY A 93 24.15 3.39 -17.83
N GLY A 1 -8.89 -13.63 -3.90
CA GLY A 1 -7.64 -12.94 -4.10
C GLY A 1 -6.49 -13.93 -4.36
N SER A 2 -5.32 -13.57 -3.86
CA SER A 2 -4.15 -14.42 -4.03
C SER A 2 -3.81 -14.55 -5.51
N SER A 3 -2.52 -14.45 -5.80
CA SER A 3 -2.05 -14.57 -7.17
C SER A 3 -1.15 -15.79 -7.32
N GLY A 4 -0.10 -15.82 -6.52
CA GLY A 4 0.84 -16.92 -6.55
C GLY A 4 2.27 -16.44 -6.25
N SER A 5 3.20 -17.37 -6.36
CA SER A 5 4.60 -17.05 -6.11
C SER A 5 5.46 -17.52 -7.28
N SER A 6 5.45 -18.83 -7.50
CA SER A 6 6.22 -19.41 -8.58
C SER A 6 7.65 -18.86 -8.56
N GLY A 7 8.52 -19.57 -7.87
CA GLY A 7 9.91 -19.17 -7.77
C GLY A 7 10.03 -17.73 -7.25
N GLN A 8 11.09 -17.07 -7.69
CA GLN A 8 11.32 -15.69 -7.28
C GLN A 8 10.02 -14.90 -7.31
N PRO A 9 9.56 -14.51 -6.09
CA PRO A 9 8.32 -13.74 -5.95
C PRO A 9 8.53 -12.29 -6.38
N PRO A 10 7.39 -11.60 -6.62
CA PRO A 10 7.43 -10.20 -7.03
C PRO A 10 7.77 -9.29 -5.85
N GLN A 11 8.13 -8.06 -6.18
CA GLN A 11 8.48 -7.09 -5.16
C GLN A 11 8.39 -5.67 -5.73
N PHE A 12 7.56 -4.87 -5.08
CA PHE A 12 7.36 -3.49 -5.50
C PHE A 12 8.04 -2.52 -4.53
N LYS A 13 8.44 -1.38 -5.07
CA LYS A 13 9.11 -0.36 -4.28
C LYS A 13 8.05 0.51 -3.60
N LEU A 14 8.17 0.62 -2.29
CA LEU A 14 7.24 1.42 -1.51
C LEU A 14 7.60 2.90 -1.64
N ASP A 15 6.58 3.73 -1.65
CA ASP A 15 6.77 5.16 -1.79
C ASP A 15 7.67 5.66 -0.65
N PRO A 16 8.16 6.92 -0.80
CA PRO A 16 9.01 7.51 0.21
C PRO A 16 8.22 7.92 1.45
N ARG A 17 6.90 7.99 1.27
CA ARG A 17 6.02 8.38 2.35
C ARG A 17 5.43 7.13 3.02
N LEU A 18 5.33 6.07 2.24
CA LEU A 18 4.80 4.82 2.74
C LEU A 18 5.94 3.95 3.26
N ALA A 19 6.98 3.84 2.44
CA ALA A 19 8.14 3.04 2.80
C ALA A 19 8.53 3.34 4.25
N ARG A 20 8.22 4.55 4.67
CA ARG A 20 8.53 4.97 6.03
C ARG A 20 7.31 4.78 6.94
N LEU A 21 6.14 4.89 6.33
CA LEU A 21 4.89 4.72 7.07
C LEU A 21 4.87 3.33 7.70
N LEU A 22 4.90 2.33 6.84
CA LEU A 22 4.88 0.94 7.29
C LEU A 22 6.29 0.53 7.72
N GLY A 23 7.27 1.07 7.02
CA GLY A 23 8.66 0.77 7.32
C GLY A 23 9.17 -0.39 6.46
N ILE A 24 8.41 -0.67 5.39
CA ILE A 24 8.77 -1.74 4.49
C ILE A 24 9.47 -1.16 3.26
N HIS A 25 10.78 -1.35 3.21
CA HIS A 25 11.57 -0.85 2.10
C HIS A 25 10.98 -1.35 0.78
N THR A 26 11.08 -2.66 0.59
CA THR A 26 10.55 -3.28 -0.61
C THR A 26 10.12 -4.72 -0.34
N GLN A 27 8.85 -4.98 -0.59
CA GLN A 27 8.31 -6.32 -0.37
C GLN A 27 7.37 -6.70 -1.52
N THR A 28 6.68 -7.81 -1.32
CA THR A 28 5.74 -8.30 -2.32
C THR A 28 4.41 -7.57 -2.21
N ARG A 29 3.41 -8.11 -2.89
CA ARG A 29 2.08 -7.51 -2.88
C ARG A 29 1.31 -7.99 -1.64
N PRO A 30 1.36 -9.32 -1.41
CA PRO A 30 0.67 -9.91 -0.27
C PRO A 30 1.41 -9.61 1.03
N VAL A 31 2.57 -8.98 0.89
CA VAL A 31 3.39 -8.64 2.03
C VAL A 31 3.19 -7.17 2.38
N ILE A 32 2.77 -6.41 1.37
CA ILE A 32 2.54 -4.99 1.55
C ILE A 32 1.06 -4.75 1.84
N ILE A 33 0.22 -5.38 1.01
CA ILE A 33 -1.21 -5.24 1.17
C ILE A 33 -1.59 -5.47 2.64
N GLN A 34 -1.02 -6.53 3.19
CA GLN A 34 -1.28 -6.88 4.57
C GLN A 34 -0.76 -5.78 5.51
N ALA A 35 0.55 -5.57 5.45
CA ALA A 35 1.18 -4.57 6.28
C ALA A 35 0.30 -3.32 6.34
N LEU A 36 -0.43 -3.10 5.24
CA LEU A 36 -1.31 -1.95 5.15
C LEU A 36 -2.60 -2.25 5.91
N TRP A 37 -3.19 -3.39 5.60
CA TRP A 37 -4.42 -3.80 6.24
C TRP A 37 -4.20 -3.74 7.76
N GLN A 38 -3.07 -4.28 8.19
CA GLN A 38 -2.74 -4.28 9.60
C GLN A 38 -2.70 -2.85 10.15
N TYR A 39 -2.65 -1.91 9.23
CA TYR A 39 -2.61 -0.50 9.59
C TYR A 39 -4.02 0.05 9.81
N ILE A 40 -4.90 -0.25 8.87
CA ILE A 40 -6.28 0.20 8.95
C ILE A 40 -6.97 -0.50 10.12
N LYS A 41 -6.44 -1.66 10.47
CA LYS A 41 -7.00 -2.45 11.56
C LYS A 41 -6.45 -1.92 12.89
N THR A 42 -5.13 -1.78 12.94
CA THR A 42 -4.48 -1.29 14.14
C THR A 42 -4.79 0.20 14.35
N HIS A 43 -4.72 0.94 13.26
CA HIS A 43 -4.99 2.36 13.31
C HIS A 43 -6.50 2.60 13.23
N LYS A 44 -7.23 1.51 13.08
CA LYS A 44 -8.69 1.59 12.99
C LYS A 44 -9.08 2.73 12.06
N LEU A 45 -8.59 2.65 10.83
CA LEU A 45 -8.89 3.67 9.84
C LEU A 45 -10.26 3.40 9.22
N GLN A 46 -10.89 2.34 9.70
CA GLN A 46 -12.21 1.95 9.21
C GLN A 46 -13.15 3.16 9.24
N ASP A 47 -13.83 3.37 8.12
CA ASP A 47 -14.77 4.47 8.02
C ASP A 47 -15.94 4.24 8.98
N PRO A 48 -16.24 5.29 9.79
CA PRO A 48 -17.33 5.21 10.75
C PRO A 48 -18.68 5.31 10.06
N HIS A 49 -18.65 5.78 8.82
CA HIS A 49 -19.87 5.92 8.03
C HIS A 49 -20.26 4.57 7.44
N GLU A 50 -19.32 3.99 6.70
CA GLU A 50 -19.54 2.71 6.07
C GLU A 50 -18.71 1.61 6.76
N ARG A 51 -18.78 0.42 6.20
CA ARG A 51 -18.04 -0.70 6.75
C ARG A 51 -17.03 -1.24 5.73
N GLU A 52 -17.23 -0.83 4.48
CA GLU A 52 -16.35 -1.25 3.41
C GLU A 52 -15.32 -0.16 3.10
N PHE A 53 -15.65 1.06 3.53
CA PHE A 53 -14.77 2.19 3.31
C PHE A 53 -13.78 2.34 4.46
N VAL A 54 -12.80 3.21 4.25
CA VAL A 54 -11.79 3.47 5.25
C VAL A 54 -11.30 4.91 5.12
N LEU A 55 -11.41 5.64 6.22
CA LEU A 55 -10.98 7.02 6.25
C LEU A 55 -9.47 7.08 6.44
N CYS A 56 -8.79 7.58 5.41
CA CYS A 56 -7.35 7.70 5.46
C CYS A 56 -6.97 8.68 6.56
N ASP A 57 -5.90 8.36 7.26
CA ASP A 57 -5.42 9.21 8.36
C ASP A 57 -4.68 10.41 7.77
N LYS A 58 -4.31 11.32 8.65
CA LYS A 58 -3.59 12.51 8.24
C LYS A 58 -2.47 12.12 7.29
N TYR A 59 -1.81 11.02 7.62
CA TYR A 59 -0.71 10.53 6.79
C TYR A 59 -1.22 10.02 5.44
N LEU A 60 -2.06 8.99 5.52
CA LEU A 60 -2.63 8.41 4.30
C LEU A 60 -3.27 9.51 3.45
N GLN A 61 -3.93 10.42 4.15
CA GLN A 61 -4.59 11.54 3.48
C GLN A 61 -3.57 12.34 2.65
N GLN A 62 -2.31 12.17 3.02
CA GLN A 62 -1.24 12.87 2.33
C GLN A 62 -0.57 11.95 1.31
N ILE A 63 -0.89 10.67 1.42
CA ILE A 63 -0.32 9.67 0.53
C ILE A 63 -1.37 9.29 -0.52
N PHE A 64 -2.49 8.77 -0.04
CA PHE A 64 -3.57 8.36 -0.92
C PHE A 64 -4.34 9.58 -1.44
N GLU A 65 -4.48 10.56 -0.56
CA GLU A 65 -5.19 11.78 -0.93
C GLU A 65 -6.68 11.49 -1.10
N SER A 66 -7.16 10.51 -0.36
CA SER A 66 -8.56 10.12 -0.43
C SER A 66 -9.17 10.12 0.97
N GLN A 67 -9.90 11.19 1.26
CA GLN A 67 -10.54 11.33 2.56
C GLN A 67 -11.35 10.08 2.88
N ARG A 68 -12.07 9.59 1.87
CA ARG A 68 -12.89 8.41 2.03
C ARG A 68 -12.83 7.54 0.77
N MET A 69 -12.42 6.29 0.97
CA MET A 69 -12.30 5.36 -0.13
C MET A 69 -12.80 3.97 0.27
N LYS A 70 -13.01 3.13 -0.74
CA LYS A 70 -13.48 1.78 -0.50
C LYS A 70 -12.27 0.86 -0.29
N PHE A 71 -12.45 -0.11 0.60
CA PHE A 71 -11.39 -1.05 0.89
C PHE A 71 -10.87 -1.71 -0.39
N SER A 72 -11.78 -1.90 -1.33
CA SER A 72 -11.43 -2.51 -2.59
C SER A 72 -10.64 -1.52 -3.45
N GLU A 73 -10.66 -0.27 -3.01
CA GLU A 73 -9.94 0.77 -3.73
C GLU A 73 -8.56 0.98 -3.13
N ILE A 74 -8.24 0.16 -2.14
CA ILE A 74 -6.96 0.24 -1.47
C ILE A 74 -5.87 -0.37 -2.38
N PRO A 75 -6.20 -1.56 -2.95
CA PRO A 75 -5.27 -2.25 -3.82
C PRO A 75 -5.21 -1.57 -5.19
N GLN A 76 -6.16 -0.66 -5.42
CA GLN A 76 -6.23 0.05 -6.67
C GLN A 76 -5.43 1.36 -6.58
N ARG A 77 -5.15 1.76 -5.35
CA ARG A 77 -4.40 2.98 -5.11
C ARG A 77 -2.96 2.66 -4.72
N LEU A 78 -2.76 1.40 -4.35
CA LEU A 78 -1.44 0.95 -3.94
C LEU A 78 -0.50 0.97 -5.16
N HIS A 79 -1.06 0.63 -6.31
CA HIS A 79 -0.29 0.61 -7.54
C HIS A 79 0.55 1.88 -7.63
N ALA A 80 0.01 2.96 -7.09
CA ALA A 80 0.70 4.23 -7.10
C ALA A 80 1.84 4.20 -6.09
N LEU A 81 1.53 3.73 -4.89
CA LEU A 81 2.51 3.64 -3.84
C LEU A 81 3.51 2.53 -4.17
N LEU A 82 3.14 1.72 -5.15
CA LEU A 82 4.00 0.62 -5.57
C LEU A 82 4.74 1.02 -6.86
N MET A 83 6.04 1.20 -6.73
CA MET A 83 6.86 1.57 -7.86
C MET A 83 7.79 0.43 -8.27
N PRO A 84 8.27 0.50 -9.53
CA PRO A 84 9.17 -0.52 -10.06
C PRO A 84 10.58 -0.36 -9.48
N PRO A 85 11.01 -1.42 -8.74
CA PRO A 85 12.33 -1.41 -8.12
C PRO A 85 13.42 -1.65 -9.17
N GLU A 86 13.41 -0.81 -10.20
CA GLU A 86 14.38 -0.92 -11.26
C GLU A 86 15.01 0.44 -11.55
N PRO A 87 16.24 0.40 -12.11
CA PRO A 87 16.97 1.62 -12.43
C PRO A 87 16.39 2.28 -13.69
N SER A 88 15.06 2.25 -13.78
CA SER A 88 14.38 2.84 -14.92
C SER A 88 12.88 2.86 -14.68
N GLY A 89 12.31 4.06 -14.70
CA GLY A 89 10.89 4.22 -14.48
C GLY A 89 10.39 5.55 -15.07
N PRO A 90 9.10 5.86 -14.79
CA PRO A 90 8.50 7.08 -15.29
C PRO A 90 8.99 8.29 -14.50
N SER A 91 9.07 8.12 -13.19
CA SER A 91 9.53 9.18 -12.32
C SER A 91 8.86 10.50 -12.71
N SER A 92 7.66 10.70 -12.16
CA SER A 92 6.91 11.91 -12.44
C SER A 92 6.81 12.78 -11.18
N GLY A 93 6.99 14.07 -11.38
CA GLY A 93 6.92 15.01 -10.27
C GLY A 93 6.89 16.45 -10.77
N GLY A 1 -5.65 -13.01 -13.81
CA GLY A 1 -4.84 -13.49 -14.91
C GLY A 1 -4.77 -15.02 -14.91
N SER A 2 -3.57 -15.53 -14.69
CA SER A 2 -3.36 -16.96 -14.67
C SER A 2 -2.18 -17.31 -13.75
N SER A 3 -2.51 -17.98 -12.65
CA SER A 3 -1.49 -18.38 -11.68
C SER A 3 -0.84 -17.13 -11.08
N GLY A 4 -0.23 -17.33 -9.92
CA GLY A 4 0.44 -16.24 -9.24
C GLY A 4 1.83 -15.98 -9.83
N SER A 5 2.84 -16.41 -9.10
CA SER A 5 4.21 -16.24 -9.53
C SER A 5 4.86 -17.61 -9.77
N SER A 6 6.04 -17.57 -10.38
CA SER A 6 6.77 -18.79 -10.67
C SER A 6 8.27 -18.57 -10.44
N GLY A 7 8.74 -19.10 -9.32
CA GLY A 7 10.14 -18.97 -8.97
C GLY A 7 10.36 -17.81 -7.99
N GLN A 8 10.78 -16.69 -8.55
CA GLN A 8 11.02 -15.50 -7.74
C GLN A 8 9.72 -14.75 -7.49
N PRO A 9 9.50 -14.40 -6.20
CA PRO A 9 8.30 -13.68 -5.82
C PRO A 9 8.38 -12.21 -6.24
N PRO A 10 7.19 -11.55 -6.29
CA PRO A 10 7.12 -10.15 -6.67
C PRO A 10 7.62 -9.25 -5.54
N GLN A 11 8.02 -8.05 -5.91
CA GLN A 11 8.51 -7.08 -4.94
C GLN A 11 8.44 -5.67 -5.51
N PHE A 12 7.52 -4.89 -4.97
CA PHE A 12 7.33 -3.52 -5.42
C PHE A 12 7.99 -2.53 -4.45
N LYS A 13 8.39 -1.39 -4.99
CA LYS A 13 9.04 -0.37 -4.19
C LYS A 13 7.97 0.49 -3.53
N LEU A 14 8.10 0.63 -2.21
CA LEU A 14 7.15 1.43 -1.44
C LEU A 14 7.51 2.91 -1.56
N ASP A 15 6.48 3.74 -1.60
CA ASP A 15 6.67 5.17 -1.72
C ASP A 15 7.58 5.65 -0.61
N PRO A 16 8.07 6.91 -0.76
CA PRO A 16 8.95 7.50 0.23
C PRO A 16 8.19 7.91 1.49
N ARG A 17 6.86 8.00 1.34
CA ARG A 17 6.01 8.36 2.45
C ARG A 17 5.42 7.11 3.11
N LEU A 18 5.31 6.06 2.32
CA LEU A 18 4.76 4.81 2.80
C LEU A 18 5.91 3.92 3.29
N ALA A 19 6.96 3.86 2.48
CA ALA A 19 8.11 3.05 2.82
C ALA A 19 8.42 3.21 4.31
N ARG A 20 8.14 4.40 4.83
CA ARG A 20 8.38 4.69 6.23
C ARG A 20 7.11 4.43 7.05
N LEU A 21 5.98 4.79 6.45
CA LEU A 21 4.70 4.60 7.11
C LEU A 21 4.62 3.18 7.67
N LEU A 22 4.74 2.21 6.77
CA LEU A 22 4.68 0.82 7.15
C LEU A 22 6.09 0.35 7.56
N GLY A 23 7.08 0.97 6.95
CA GLY A 23 8.46 0.62 7.23
C GLY A 23 8.99 -0.41 6.23
N ILE A 24 8.13 -0.78 5.30
CA ILE A 24 8.50 -1.75 4.28
C ILE A 24 9.16 -1.02 3.11
N HIS A 25 10.44 -1.32 2.93
CA HIS A 25 11.21 -0.70 1.86
C HIS A 25 10.78 -1.30 0.52
N THR A 26 10.88 -2.62 0.43
CA THR A 26 10.52 -3.32 -0.78
C THR A 26 10.09 -4.76 -0.45
N GLN A 27 8.81 -5.01 -0.66
CA GLN A 27 8.25 -6.32 -0.39
C GLN A 27 7.26 -6.72 -1.49
N THR A 28 6.68 -7.90 -1.32
CA THR A 28 5.72 -8.40 -2.29
C THR A 28 4.41 -7.63 -2.17
N ARG A 29 3.45 -8.03 -3.00
CA ARG A 29 2.15 -7.38 -3.01
C ARG A 29 1.30 -7.88 -1.83
N PRO A 30 1.33 -9.23 -1.64
CA PRO A 30 0.58 -9.85 -0.56
C PRO A 30 1.24 -9.59 0.79
N VAL A 31 2.42 -8.99 0.73
CA VAL A 31 3.17 -8.68 1.94
C VAL A 31 2.94 -7.22 2.33
N ILE A 32 2.81 -6.39 1.30
CA ILE A 32 2.59 -4.97 1.52
C ILE A 32 1.11 -4.73 1.85
N ILE A 33 0.26 -5.25 0.99
CA ILE A 33 -1.18 -5.11 1.17
C ILE A 33 -1.52 -5.38 2.63
N GLN A 34 -0.88 -6.41 3.18
CA GLN A 34 -1.12 -6.78 4.57
C GLN A 34 -0.60 -5.68 5.50
N ALA A 35 0.70 -5.45 5.42
CA ALA A 35 1.33 -4.44 6.25
C ALA A 35 0.43 -3.19 6.30
N LEU A 36 -0.32 -3.00 5.23
CA LEU A 36 -1.22 -1.86 5.14
C LEU A 36 -2.51 -2.18 5.90
N TRP A 37 -3.08 -3.33 5.58
CA TRP A 37 -4.31 -3.76 6.22
C TRP A 37 -4.11 -3.68 7.74
N GLN A 38 -2.96 -4.18 8.18
CA GLN A 38 -2.64 -4.17 9.59
C GLN A 38 -2.60 -2.74 10.12
N TYR A 39 -2.57 -1.80 9.19
CA TYR A 39 -2.53 -0.39 9.55
C TYR A 39 -3.94 0.16 9.76
N ILE A 40 -4.82 -0.17 8.83
CA ILE A 40 -6.20 0.28 8.91
C ILE A 40 -6.89 -0.43 10.08
N LYS A 41 -6.36 -1.59 10.43
CA LYS A 41 -6.92 -2.38 11.52
C LYS A 41 -6.38 -1.84 12.85
N THR A 42 -5.08 -1.65 12.90
CA THR A 42 -4.43 -1.15 14.10
C THR A 42 -4.75 0.34 14.30
N HIS A 43 -4.69 1.08 13.20
CA HIS A 43 -4.97 2.49 13.23
C HIS A 43 -6.49 2.72 13.14
N LYS A 44 -7.21 1.61 13.09
CA LYS A 44 -8.66 1.68 13.00
C LYS A 44 -9.06 2.82 12.06
N LEU A 45 -8.62 2.69 10.81
CA LEU A 45 -8.92 3.70 9.81
C LEU A 45 -10.28 3.39 9.18
N GLN A 46 -10.90 2.34 9.68
CA GLN A 46 -12.21 1.93 9.19
C GLN A 46 -13.17 3.12 9.18
N ASP A 47 -13.78 3.35 8.02
CA ASP A 47 -14.73 4.44 7.88
C ASP A 47 -15.92 4.21 8.80
N PRO A 48 -16.27 5.27 9.58
CA PRO A 48 -17.38 5.20 10.50
C PRO A 48 -18.72 5.26 9.76
N HIS A 49 -18.65 5.77 8.54
CA HIS A 49 -19.84 5.89 7.70
C HIS A 49 -20.24 4.51 7.17
N GLU A 50 -19.27 3.88 6.50
CA GLU A 50 -19.51 2.56 5.93
C GLU A 50 -18.74 1.50 6.72
N ARG A 51 -18.78 0.28 6.20
CA ARG A 51 -18.09 -0.82 6.84
C ARG A 51 -17.03 -1.41 5.91
N GLU A 52 -17.07 -0.96 4.66
CA GLU A 52 -16.12 -1.42 3.67
C GLU A 52 -15.14 -0.31 3.31
N PHE A 53 -15.50 0.90 3.70
CA PHE A 53 -14.67 2.06 3.43
C PHE A 53 -13.65 2.28 4.54
N VAL A 54 -12.69 3.14 4.27
CA VAL A 54 -11.64 3.44 5.24
C VAL A 54 -11.21 4.90 5.06
N LEU A 55 -11.37 5.66 6.14
CA LEU A 55 -11.00 7.07 6.12
C LEU A 55 -9.49 7.19 6.30
N CYS A 56 -8.84 7.60 5.22
CA CYS A 56 -7.39 7.76 5.25
C CYS A 56 -7.05 8.83 6.28
N ASP A 57 -6.05 8.52 7.11
CA ASP A 57 -5.61 9.45 8.14
C ASP A 57 -4.86 10.61 7.49
N LYS A 58 -4.43 11.53 8.33
CA LYS A 58 -3.69 12.69 7.86
C LYS A 58 -2.57 12.23 6.92
N TYR A 59 -1.83 11.24 7.38
CA TYR A 59 -0.74 10.70 6.59
C TYR A 59 -1.23 10.16 5.25
N LEU A 60 -2.07 9.14 5.34
CA LEU A 60 -2.63 8.53 4.13
C LEU A 60 -3.24 9.62 3.25
N GLN A 61 -3.92 10.56 3.90
CA GLN A 61 -4.55 11.65 3.19
C GLN A 61 -3.54 12.40 2.34
N GLN A 62 -2.27 12.24 2.72
CA GLN A 62 -1.19 12.90 2.00
C GLN A 62 -0.55 11.93 1.01
N ILE A 63 -0.87 10.65 1.18
CA ILE A 63 -0.33 9.62 0.30
C ILE A 63 -1.40 9.23 -0.73
N PHE A 64 -2.51 8.72 -0.21
CA PHE A 64 -3.61 8.30 -1.07
C PHE A 64 -4.38 9.51 -1.60
N GLU A 65 -4.61 10.47 -0.71
CA GLU A 65 -5.33 11.68 -1.08
C GLU A 65 -6.81 11.36 -1.30
N SER A 66 -7.30 10.38 -0.54
CA SER A 66 -8.68 9.97 -0.64
C SER A 66 -9.33 10.00 0.74
N GLN A 67 -9.93 11.14 1.06
CA GLN A 67 -10.59 11.31 2.35
C GLN A 67 -11.31 10.02 2.74
N ARG A 68 -12.08 9.51 1.80
CA ARG A 68 -12.84 8.28 2.04
C ARG A 68 -12.84 7.41 0.78
N MET A 69 -12.40 6.17 0.96
CA MET A 69 -12.35 5.24 -0.14
C MET A 69 -12.81 3.84 0.29
N LYS A 70 -13.08 3.00 -0.70
CA LYS A 70 -13.53 1.65 -0.43
C LYS A 70 -12.32 0.74 -0.25
N PHE A 71 -12.46 -0.21 0.66
CA PHE A 71 -11.38 -1.16 0.93
C PHE A 71 -10.88 -1.81 -0.35
N SER A 72 -11.79 -1.91 -1.32
CA SER A 72 -11.45 -2.51 -2.59
C SER A 72 -10.66 -1.51 -3.45
N GLU A 73 -10.66 -0.27 -3.00
CA GLU A 73 -9.96 0.78 -3.71
C GLU A 73 -8.56 1.00 -3.11
N ILE A 74 -8.24 0.16 -2.13
CA ILE A 74 -6.95 0.24 -1.48
C ILE A 74 -5.88 -0.37 -2.38
N PRO A 75 -6.22 -1.55 -2.96
CA PRO A 75 -5.30 -2.24 -3.85
C PRO A 75 -5.23 -1.55 -5.21
N GLN A 76 -6.18 -0.64 -5.43
CA GLN A 76 -6.24 0.09 -6.68
C GLN A 76 -5.45 1.40 -6.57
N ARG A 77 -5.15 1.77 -5.33
CA ARG A 77 -4.41 2.99 -5.07
C ARG A 77 -2.97 2.67 -4.67
N LEU A 78 -2.75 1.40 -4.35
CA LEU A 78 -1.43 0.95 -3.95
C LEU A 78 -0.49 1.00 -5.17
N HIS A 79 -1.04 0.66 -6.32
CA HIS A 79 -0.27 0.66 -7.55
C HIS A 79 0.55 1.94 -7.63
N ALA A 80 0.02 2.99 -7.02
CA ALA A 80 0.69 4.28 -7.02
C ALA A 80 1.84 4.26 -6.01
N LEU A 81 1.55 3.70 -4.84
CA LEU A 81 2.55 3.61 -3.79
C LEU A 81 3.53 2.50 -4.12
N LEU A 82 3.16 1.70 -5.12
CA LEU A 82 4.00 0.60 -5.54
C LEU A 82 4.74 0.98 -6.83
N MET A 83 6.07 0.99 -6.73
CA MET A 83 6.89 1.34 -7.87
C MET A 83 7.86 0.21 -8.21
N PRO A 84 8.36 0.24 -9.48
CA PRO A 84 9.30 -0.77 -9.93
C PRO A 84 10.69 -0.54 -9.35
N PRO A 85 11.13 -1.52 -8.52
CA PRO A 85 12.44 -1.44 -7.88
C PRO A 85 13.55 -1.73 -8.88
N GLU A 86 14.78 -1.72 -8.39
CA GLU A 86 15.94 -1.99 -9.22
C GLU A 86 16.52 -3.36 -8.90
N PRO A 87 17.24 -3.93 -9.91
CA PRO A 87 17.85 -5.24 -9.74
C PRO A 87 19.09 -5.16 -8.85
N SER A 88 18.98 -4.36 -7.80
CA SER A 88 20.08 -4.19 -6.87
C SER A 88 19.63 -3.29 -5.71
N GLY A 89 19.05 -3.93 -4.70
CA GLY A 89 18.59 -3.20 -3.52
C GLY A 89 19.64 -3.23 -2.42
N PRO A 90 19.55 -2.21 -1.52
CA PRO A 90 20.47 -2.11 -0.40
C PRO A 90 20.16 -3.14 0.68
N SER A 91 18.93 -3.07 1.18
CA SER A 91 18.49 -3.98 2.21
C SER A 91 18.47 -5.42 1.67
N SER A 92 19.47 -6.18 2.08
CA SER A 92 19.58 -7.56 1.66
C SER A 92 19.45 -8.50 2.85
N GLY A 93 19.16 -9.75 2.55
CA GLY A 93 18.99 -10.76 3.59
C GLY A 93 20.34 -11.10 4.24
N GLY A 1 -5.19 -12.92 -2.38
CA GLY A 1 -4.20 -13.97 -2.59
C GLY A 1 -3.24 -13.62 -3.73
N SER A 2 -2.48 -14.62 -4.15
CA SER A 2 -1.52 -14.42 -5.22
C SER A 2 -1.46 -15.67 -6.10
N SER A 3 -1.26 -15.44 -7.39
CA SER A 3 -1.18 -16.53 -8.34
C SER A 3 0.07 -16.37 -9.22
N GLY A 4 0.64 -17.51 -9.60
CA GLY A 4 1.82 -17.50 -10.44
C GLY A 4 3.00 -16.81 -9.73
N SER A 5 4.06 -17.57 -9.55
CA SER A 5 5.25 -17.05 -8.89
C SER A 5 6.47 -17.89 -9.26
N SER A 6 7.17 -17.44 -10.30
CA SER A 6 8.36 -18.14 -10.76
C SER A 6 9.60 -17.53 -10.12
N GLY A 7 10.56 -18.40 -9.81
CA GLY A 7 11.81 -17.97 -9.20
C GLY A 7 11.54 -16.93 -8.10
N GLN A 8 12.36 -15.90 -8.12
CA GLN A 8 12.23 -14.84 -7.14
C GLN A 8 10.80 -14.31 -7.11
N PRO A 9 10.31 -14.02 -5.87
CA PRO A 9 8.97 -13.51 -5.69
C PRO A 9 8.87 -12.04 -6.11
N PRO A 10 7.61 -11.53 -6.17
CA PRO A 10 7.38 -10.15 -6.56
C PRO A 10 7.74 -9.20 -5.42
N GLN A 11 8.35 -8.08 -5.79
CA GLN A 11 8.75 -7.08 -4.82
C GLN A 11 8.62 -5.67 -5.41
N PHE A 12 7.69 -4.91 -4.84
CA PHE A 12 7.45 -3.56 -5.30
C PHE A 12 8.04 -2.54 -4.32
N LYS A 13 8.55 -1.45 -4.89
CA LYS A 13 9.13 -0.40 -4.07
C LYS A 13 8.02 0.46 -3.46
N LEU A 14 8.13 0.69 -2.16
CA LEU A 14 7.14 1.48 -1.45
C LEU A 14 7.49 2.96 -1.59
N ASP A 15 6.45 3.78 -1.66
CA ASP A 15 6.63 5.22 -1.79
C ASP A 15 7.52 5.72 -0.65
N PRO A 16 7.99 6.99 -0.81
CA PRO A 16 8.84 7.60 0.21
C PRO A 16 8.03 8.01 1.44
N ARG A 17 6.72 8.04 1.26
CA ARG A 17 5.82 8.41 2.35
C ARG A 17 5.28 7.15 3.03
N LEU A 18 5.18 6.09 2.24
CA LEU A 18 4.67 4.82 2.76
C LEU A 18 5.84 3.97 3.27
N ALA A 19 6.86 3.88 2.43
CA ALA A 19 8.04 3.10 2.78
C ALA A 19 8.36 3.31 4.26
N ARG A 20 8.04 4.51 4.74
CA ARG A 20 8.29 4.85 6.13
C ARG A 20 7.05 4.56 6.98
N LEU A 21 5.90 5.00 6.47
CA LEU A 21 4.65 4.79 7.17
C LEU A 21 4.62 3.38 7.76
N LEU A 22 4.76 2.40 6.89
CA LEU A 22 4.75 1.01 7.32
C LEU A 22 6.17 0.59 7.69
N GLY A 23 7.14 1.23 7.03
CA GLY A 23 8.54 0.93 7.29
C GLY A 23 9.06 -0.12 6.30
N ILE A 24 8.15 -0.65 5.50
CA ILE A 24 8.51 -1.65 4.51
C ILE A 24 9.22 -0.98 3.33
N HIS A 25 10.53 -1.18 3.27
CA HIS A 25 11.33 -0.59 2.22
C HIS A 25 10.89 -1.17 0.87
N THR A 26 10.93 -2.49 0.79
CA THR A 26 10.54 -3.18 -0.44
C THR A 26 10.11 -4.62 -0.12
N GLN A 27 8.83 -4.88 -0.28
CA GLN A 27 8.29 -6.20 -0.03
C GLN A 27 7.42 -6.65 -1.20
N THR A 28 6.71 -7.75 -0.98
CA THR A 28 5.83 -8.30 -2.00
C THR A 28 4.49 -7.57 -2.01
N ARG A 29 3.60 -8.03 -2.87
CA ARG A 29 2.28 -7.45 -2.97
C ARG A 29 1.38 -7.95 -1.85
N PRO A 30 1.45 -9.29 -1.61
CA PRO A 30 0.65 -9.90 -0.56
C PRO A 30 1.21 -9.59 0.82
N VAL A 31 2.36 -8.93 0.82
CA VAL A 31 3.01 -8.57 2.07
C VAL A 31 2.71 -7.10 2.38
N ILE A 32 2.81 -6.27 1.35
CA ILE A 32 2.55 -4.85 1.51
C ILE A 32 1.05 -4.65 1.79
N ILE A 33 0.23 -5.27 0.96
CA ILE A 33 -1.21 -5.16 1.10
C ILE A 33 -1.59 -5.41 2.56
N GLN A 34 -0.98 -6.46 3.12
CA GLN A 34 -1.25 -6.82 4.50
C GLN A 34 -0.69 -5.76 5.45
N ALA A 35 0.62 -5.58 5.39
CA ALA A 35 1.29 -4.61 6.23
C ALA A 35 0.44 -3.34 6.31
N LEU A 36 -0.29 -3.09 5.24
CA LEU A 36 -1.14 -1.92 5.17
C LEU A 36 -2.46 -2.21 5.91
N TRP A 37 -3.05 -3.34 5.57
CA TRP A 37 -4.30 -3.76 6.18
C TRP A 37 -4.12 -3.71 7.69
N GLN A 38 -2.97 -4.21 8.14
CA GLN A 38 -2.67 -4.23 9.56
C GLN A 38 -2.61 -2.80 10.11
N TYR A 39 -2.58 -1.85 9.20
CA TYR A 39 -2.53 -0.44 9.57
C TYR A 39 -3.93 0.10 9.83
N ILE A 40 -4.82 -0.15 8.88
CA ILE A 40 -6.19 0.31 8.99
C ILE A 40 -6.89 -0.42 10.14
N LYS A 41 -6.36 -1.61 10.46
CA LYS A 41 -6.91 -2.41 11.53
C LYS A 41 -6.35 -1.91 12.87
N THR A 42 -5.03 -1.83 12.92
CA THR A 42 -4.35 -1.38 14.13
C THR A 42 -4.67 0.10 14.39
N HIS A 43 -4.62 0.88 13.31
CA HIS A 43 -4.89 2.30 13.41
C HIS A 43 -6.40 2.55 13.35
N LYS A 44 -7.14 1.44 13.27
CA LYS A 44 -8.58 1.53 13.20
C LYS A 44 -8.99 2.70 12.31
N LEU A 45 -8.52 2.67 11.08
CA LEU A 45 -8.81 3.72 10.12
C LEU A 45 -10.16 3.42 9.44
N GLN A 46 -10.78 2.34 9.89
CA GLN A 46 -12.06 1.93 9.33
C GLN A 46 -13.04 3.11 9.34
N ASP A 47 -13.71 3.29 8.20
CA ASP A 47 -14.66 4.37 8.07
C ASP A 47 -15.85 4.12 9.01
N PRO A 48 -16.13 5.14 9.86
CA PRO A 48 -17.22 5.04 10.81
C PRO A 48 -18.58 5.21 10.11
N HIS A 49 -18.51 5.61 8.85
CA HIS A 49 -19.71 5.81 8.07
C HIS A 49 -20.17 4.48 7.49
N GLU A 50 -19.22 3.77 6.89
CA GLU A 50 -19.51 2.47 6.29
C GLU A 50 -18.66 1.38 6.95
N ARG A 51 -18.72 0.20 6.37
CA ARG A 51 -17.97 -0.93 6.88
C ARG A 51 -17.00 -1.45 5.82
N GLU A 52 -17.17 -0.94 4.61
CA GLU A 52 -16.32 -1.34 3.50
C GLU A 52 -15.36 -0.22 3.14
N PHE A 53 -15.65 0.96 3.66
CA PHE A 53 -14.82 2.12 3.40
C PHE A 53 -13.80 2.33 4.52
N VAL A 54 -12.85 3.21 4.25
CA VAL A 54 -11.81 3.51 5.23
C VAL A 54 -11.42 4.97 5.11
N LEU A 55 -11.40 5.65 6.25
CA LEU A 55 -11.04 7.06 6.29
C LEU A 55 -9.53 7.19 6.43
N CYS A 56 -8.90 7.64 5.36
CA CYS A 56 -7.45 7.82 5.35
C CYS A 56 -7.10 8.87 6.39
N ASP A 57 -6.12 8.52 7.23
CA ASP A 57 -5.68 9.42 8.28
C ASP A 57 -4.96 10.62 7.64
N LYS A 58 -4.32 11.40 8.50
CA LYS A 58 -3.61 12.58 8.03
C LYS A 58 -2.43 12.15 7.16
N TYR A 59 -1.87 11.00 7.50
CA TYR A 59 -0.74 10.46 6.77
C TYR A 59 -1.18 9.93 5.40
N LEU A 60 -2.19 9.06 5.45
CA LEU A 60 -2.71 8.47 4.23
C LEU A 60 -3.29 9.56 3.34
N GLN A 61 -3.92 10.54 3.99
CA GLN A 61 -4.51 11.65 3.26
C GLN A 61 -3.46 12.37 2.42
N GLN A 62 -2.21 12.14 2.78
CA GLN A 62 -1.10 12.75 2.06
C GLN A 62 -0.50 11.76 1.06
N ILE A 63 -0.88 10.50 1.23
CA ILE A 63 -0.39 9.46 0.35
C ILE A 63 -1.47 9.10 -0.67
N PHE A 64 -2.61 8.67 -0.16
CA PHE A 64 -3.73 8.30 -1.02
C PHE A 64 -4.48 9.54 -1.49
N GLU A 65 -4.65 10.49 -0.57
CA GLU A 65 -5.35 11.72 -0.89
C GLU A 65 -6.85 11.44 -1.06
N SER A 66 -7.32 10.44 -0.34
CA SER A 66 -8.72 10.06 -0.41
C SER A 66 -9.33 10.05 1.00
N GLN A 67 -9.93 11.16 1.36
CA GLN A 67 -10.55 11.29 2.67
C GLN A 67 -11.31 10.01 3.03
N ARG A 68 -12.10 9.55 2.06
CA ARG A 68 -12.89 8.34 2.26
C ARG A 68 -12.91 7.51 0.97
N MET A 69 -12.45 6.27 1.10
CA MET A 69 -12.41 5.37 -0.03
C MET A 69 -12.85 3.96 0.37
N LYS A 70 -13.08 3.13 -0.65
CA LYS A 70 -13.51 1.76 -0.42
C LYS A 70 -12.28 0.88 -0.21
N PHE A 71 -12.44 -0.12 0.65
CA PHE A 71 -11.37 -1.04 0.94
C PHE A 71 -10.82 -1.67 -0.34
N SER A 72 -11.71 -1.82 -1.31
CA SER A 72 -11.33 -2.40 -2.59
C SER A 72 -10.57 -1.38 -3.43
N GLU A 73 -10.59 -0.15 -2.95
CA GLU A 73 -9.91 0.94 -3.65
C GLU A 73 -8.51 1.14 -3.06
N ILE A 74 -8.17 0.30 -2.10
CA ILE A 74 -6.87 0.38 -1.45
C ILE A 74 -5.80 -0.22 -2.37
N PRO A 75 -6.14 -1.40 -2.94
CA PRO A 75 -5.23 -2.10 -3.83
C PRO A 75 -5.18 -1.41 -5.20
N GLN A 76 -6.13 -0.52 -5.41
CA GLN A 76 -6.21 0.21 -6.67
C GLN A 76 -5.38 1.49 -6.59
N ARG A 77 -5.06 1.88 -5.37
CA ARG A 77 -4.28 3.09 -5.14
C ARG A 77 -2.85 2.72 -4.73
N LEU A 78 -2.65 1.44 -4.48
CA LEU A 78 -1.34 0.94 -4.09
C LEU A 78 -0.41 0.93 -5.30
N HIS A 79 -1.00 0.61 -6.45
CA HIS A 79 -0.23 0.56 -7.69
C HIS A 79 0.69 1.78 -7.77
N ALA A 80 0.23 2.88 -7.21
CA ALA A 80 0.99 4.11 -7.21
C ALA A 80 2.10 4.01 -6.15
N LEU A 81 1.70 3.53 -4.97
CA LEU A 81 2.63 3.39 -3.87
C LEU A 81 3.60 2.24 -4.17
N LEU A 82 3.26 1.49 -5.21
CA LEU A 82 4.09 0.37 -5.62
C LEU A 82 4.86 0.73 -6.89
N MET A 83 6.17 0.83 -6.75
CA MET A 83 7.02 1.16 -7.87
C MET A 83 8.01 0.04 -8.18
N PRO A 84 8.53 0.05 -9.43
CA PRO A 84 9.47 -0.97 -9.86
C PRO A 84 10.85 -0.72 -9.26
N PRO A 85 11.29 -1.68 -8.40
CA PRO A 85 12.57 -1.57 -7.75
C PRO A 85 13.71 -1.89 -8.72
N GLU A 86 14.92 -1.94 -8.19
CA GLU A 86 16.09 -2.23 -9.00
C GLU A 86 16.91 -3.35 -8.35
N PRO A 87 17.73 -4.03 -9.21
CA PRO A 87 18.57 -5.12 -8.73
C PRO A 87 19.77 -4.57 -7.95
N SER A 88 20.77 -5.43 -7.79
CA SER A 88 21.98 -5.06 -7.07
C SER A 88 21.60 -4.45 -5.72
N GLY A 89 21.50 -5.31 -4.72
CA GLY A 89 21.15 -4.87 -3.39
C GLY A 89 21.54 -5.92 -2.34
N PRO A 90 21.56 -5.47 -1.05
CA PRO A 90 21.92 -6.35 0.04
C PRO A 90 20.76 -7.31 0.36
N SER A 91 21.03 -8.60 0.16
CA SER A 91 20.03 -9.61 0.43
C SER A 91 20.71 -10.93 0.81
N SER A 92 20.18 -11.53 1.87
CA SER A 92 20.74 -12.79 2.36
C SER A 92 19.86 -13.95 1.91
N GLY A 93 20.45 -15.13 1.87
CA GLY A 93 19.74 -16.33 1.45
C GLY A 93 20.25 -17.55 2.20
N GLY A 1 -8.50 -13.05 -4.23
CA GLY A 1 -8.13 -11.79 -4.85
C GLY A 1 -6.85 -11.95 -5.69
N SER A 2 -7.05 -11.98 -7.00
CA SER A 2 -5.93 -12.13 -7.91
C SER A 2 -5.16 -13.42 -7.60
N SER A 3 -4.29 -13.79 -8.53
CA SER A 3 -3.49 -14.99 -8.37
C SER A 3 -2.59 -15.18 -9.59
N GLY A 4 -1.43 -15.77 -9.33
CA GLY A 4 -0.47 -16.02 -10.39
C GLY A 4 0.56 -17.08 -9.97
N SER A 5 1.38 -17.48 -10.93
CA SER A 5 2.41 -18.47 -10.66
C SER A 5 3.70 -18.08 -11.37
N SER A 6 4.80 -18.17 -10.62
CA SER A 6 6.11 -17.82 -11.17
C SER A 6 7.20 -18.22 -10.16
N GLY A 7 8.41 -18.35 -10.68
CA GLY A 7 9.55 -18.71 -9.86
C GLY A 7 9.61 -17.84 -8.60
N GLN A 8 10.39 -16.78 -8.70
CA GLN A 8 10.55 -15.86 -7.59
C GLN A 8 9.28 -15.01 -7.41
N PRO A 9 9.02 -14.63 -6.13
CA PRO A 9 7.85 -13.83 -5.82
C PRO A 9 8.06 -12.38 -6.25
N PRO A 10 6.92 -11.63 -6.31
CA PRO A 10 6.96 -10.23 -6.71
C PRO A 10 7.51 -9.36 -5.57
N GLN A 11 7.92 -8.16 -5.94
CA GLN A 11 8.45 -7.22 -4.97
C GLN A 11 8.42 -5.79 -5.53
N PHE A 12 7.51 -5.00 -4.98
CA PHE A 12 7.36 -3.62 -5.41
C PHE A 12 8.02 -2.67 -4.42
N LYS A 13 8.39 -1.51 -4.92
CA LYS A 13 9.02 -0.50 -4.10
C LYS A 13 7.96 0.36 -3.43
N LEU A 14 8.19 0.66 -2.16
CA LEU A 14 7.26 1.47 -1.39
C LEU A 14 7.60 2.94 -1.57
N ASP A 15 6.57 3.77 -1.60
CA ASP A 15 6.75 5.20 -1.75
C ASP A 15 7.67 5.72 -0.65
N PRO A 16 8.13 6.98 -0.82
CA PRO A 16 9.01 7.61 0.15
C PRO A 16 8.24 8.02 1.41
N ARG A 17 6.92 8.09 1.25
CA ARG A 17 6.06 8.48 2.35
C ARG A 17 5.48 7.24 3.04
N LEU A 18 5.37 6.17 2.25
CA LEU A 18 4.85 4.92 2.78
C LEU A 18 5.99 4.05 3.28
N ALA A 19 7.05 3.98 2.48
CA ALA A 19 8.22 3.20 2.84
C ALA A 19 8.50 3.36 4.33
N ARG A 20 8.19 4.55 4.83
CA ARG A 20 8.42 4.86 6.23
C ARG A 20 7.15 4.58 7.03
N LEU A 21 6.02 4.98 6.46
CA LEU A 21 4.74 4.78 7.11
C LEU A 21 4.67 3.36 7.68
N LEU A 22 4.84 2.40 6.79
CA LEU A 22 4.81 1.00 7.19
C LEU A 22 6.20 0.57 7.65
N GLY A 23 7.20 1.13 6.99
CA GLY A 23 8.58 0.80 7.32
C GLY A 23 9.17 -0.18 6.31
N ILE A 24 8.32 -0.63 5.40
CA ILE A 24 8.73 -1.57 4.38
C ILE A 24 9.11 -0.82 3.10
N HIS A 25 10.30 -1.08 2.62
CA HIS A 25 10.79 -0.43 1.41
C HIS A 25 10.41 -1.26 0.19
N THR A 26 10.85 -2.51 0.19
CA THR A 26 10.57 -3.42 -0.90
C THR A 26 10.03 -4.75 -0.37
N GLN A 27 8.88 -5.14 -0.89
CA GLN A 27 8.25 -6.38 -0.47
C GLN A 27 7.24 -6.84 -1.53
N THR A 28 6.74 -8.05 -1.34
CA THR A 28 5.77 -8.62 -2.26
C THR A 28 4.44 -7.85 -2.17
N ARG A 29 3.46 -8.36 -2.89
CA ARG A 29 2.14 -7.75 -2.90
C ARG A 29 1.32 -8.20 -1.70
N PRO A 30 1.42 -9.52 -1.41
CA PRO A 30 0.69 -10.10 -0.29
C PRO A 30 1.35 -9.73 1.04
N VAL A 31 2.49 -9.06 0.93
CA VAL A 31 3.22 -8.63 2.11
C VAL A 31 2.94 -7.15 2.38
N ILE A 32 2.72 -6.42 1.30
CA ILE A 32 2.44 -4.99 1.42
C ILE A 32 0.96 -4.80 1.72
N ILE A 33 0.12 -5.39 0.88
CA ILE A 33 -1.32 -5.28 1.06
C ILE A 33 -1.67 -5.50 2.53
N GLN A 34 -1.07 -6.53 3.11
CA GLN A 34 -1.31 -6.84 4.51
C GLN A 34 -0.76 -5.73 5.40
N ALA A 35 0.55 -5.54 5.31
CA ALA A 35 1.22 -4.52 6.10
C ALA A 35 0.32 -3.28 6.17
N LEU A 36 -0.45 -3.08 5.11
CA LEU A 36 -1.34 -1.94 5.03
C LEU A 36 -2.61 -2.25 5.83
N TRP A 37 -3.21 -3.38 5.52
CA TRP A 37 -4.43 -3.80 6.20
C TRP A 37 -4.18 -3.74 7.70
N GLN A 38 -3.03 -4.26 8.10
CA GLN A 38 -2.65 -4.28 9.50
C GLN A 38 -2.60 -2.85 10.05
N TYR A 39 -2.60 -1.90 9.13
CA TYR A 39 -2.54 -0.50 9.51
C TYR A 39 -3.94 0.05 9.78
N ILE A 40 -4.84 -0.23 8.85
CA ILE A 40 -6.22 0.22 8.96
C ILE A 40 -6.89 -0.51 10.13
N LYS A 41 -6.35 -1.68 10.45
CA LYS A 41 -6.88 -2.47 11.53
C LYS A 41 -6.36 -1.95 12.87
N THR A 42 -5.04 -1.76 12.92
CA THR A 42 -4.40 -1.26 14.12
C THR A 42 -4.73 0.23 14.32
N HIS A 43 -4.59 0.98 13.23
CA HIS A 43 -4.86 2.41 13.27
C HIS A 43 -6.37 2.64 13.21
N LYS A 44 -7.11 1.55 13.13
CA LYS A 44 -8.55 1.62 13.07
C LYS A 44 -8.95 2.77 12.14
N LEU A 45 -8.51 2.67 10.89
CA LEU A 45 -8.83 3.69 9.91
C LEU A 45 -10.20 3.40 9.29
N GLN A 46 -10.82 2.33 9.78
CA GLN A 46 -12.13 1.94 9.29
C GLN A 46 -13.10 3.12 9.35
N ASP A 47 -13.75 3.38 8.22
CA ASP A 47 -14.70 4.47 8.15
C ASP A 47 -15.83 4.22 9.14
N PRO A 48 -16.14 5.29 9.93
CA PRO A 48 -17.19 5.20 10.92
C PRO A 48 -18.58 5.26 10.26
N HIS A 49 -18.57 5.62 8.99
CA HIS A 49 -19.80 5.71 8.22
C HIS A 49 -20.14 4.35 7.62
N GLU A 50 -19.18 3.84 6.85
CA GLU A 50 -19.36 2.55 6.20
C GLU A 50 -18.40 1.52 6.79
N ARG A 51 -18.61 0.27 6.39
CA ARG A 51 -17.76 -0.81 6.88
C ARG A 51 -16.81 -1.29 5.77
N GLU A 52 -17.10 -0.82 4.56
CA GLU A 52 -16.29 -1.19 3.41
C GLU A 52 -15.28 -0.09 3.10
N PHE A 53 -15.60 1.11 3.55
CA PHE A 53 -14.74 2.26 3.33
C PHE A 53 -13.73 2.42 4.48
N VAL A 54 -12.76 3.29 4.25
CA VAL A 54 -11.73 3.54 5.24
C VAL A 54 -11.27 4.99 5.14
N LEU A 55 -11.39 5.70 6.26
CA LEU A 55 -10.99 7.10 6.30
C LEU A 55 -9.47 7.19 6.50
N CYS A 56 -8.79 7.55 5.43
CA CYS A 56 -7.35 7.68 5.46
C CYS A 56 -6.98 8.75 6.49
N ASP A 57 -6.02 8.43 7.33
CA ASP A 57 -5.58 9.35 8.37
C ASP A 57 -4.75 10.46 7.71
N LYS A 58 -4.53 11.51 8.50
CA LYS A 58 -3.76 12.64 8.02
C LYS A 58 -2.57 12.14 7.18
N TYR A 59 -2.07 10.97 7.57
CA TYR A 59 -0.95 10.37 6.88
C TYR A 59 -1.37 9.88 5.49
N LEU A 60 -2.23 8.86 5.49
CA LEU A 60 -2.71 8.29 4.24
C LEU A 60 -3.37 9.38 3.41
N GLN A 61 -3.94 10.36 4.10
CA GLN A 61 -4.61 11.46 3.45
C GLN A 61 -3.60 12.28 2.63
N GLN A 62 -2.34 12.11 2.98
CA GLN A 62 -1.27 12.83 2.30
C GLN A 62 -0.61 11.93 1.24
N ILE A 63 -0.89 10.64 1.36
CA ILE A 63 -0.34 9.67 0.42
C ILE A 63 -1.41 9.29 -0.60
N PHE A 64 -2.51 8.76 -0.08
CA PHE A 64 -3.61 8.34 -0.94
C PHE A 64 -4.41 9.55 -1.42
N GLU A 65 -4.55 10.53 -0.54
CA GLU A 65 -5.28 11.73 -0.86
C GLU A 65 -6.77 11.41 -1.04
N SER A 66 -7.22 10.41 -0.32
CA SER A 66 -8.61 9.99 -0.39
C SER A 66 -9.23 10.01 1.00
N GLN A 67 -9.89 11.12 1.31
CA GLN A 67 -10.54 11.27 2.60
C GLN A 67 -11.32 10.01 2.96
N ARG A 68 -12.07 9.51 1.98
CA ARG A 68 -12.87 8.32 2.18
C ARG A 68 -12.90 7.49 0.89
N MET A 69 -12.46 6.25 1.01
CA MET A 69 -12.45 5.35 -0.13
C MET A 69 -12.90 3.94 0.27
N LYS A 70 -13.15 3.13 -0.74
CA LYS A 70 -13.58 1.75 -0.51
C LYS A 70 -12.36 0.87 -0.30
N PHE A 71 -12.50 -0.06 0.64
CA PHE A 71 -11.41 -0.98 0.95
C PHE A 71 -10.91 -1.66 -0.33
N SER A 72 -11.82 -1.87 -1.26
CA SER A 72 -11.48 -2.51 -2.52
C SER A 72 -10.67 -1.55 -3.39
N GLU A 73 -10.66 -0.30 -2.98
CA GLU A 73 -9.94 0.73 -3.72
C GLU A 73 -8.55 0.93 -3.11
N ILE A 74 -8.24 0.10 -2.12
CA ILE A 74 -6.96 0.19 -1.45
C ILE A 74 -5.87 -0.42 -2.34
N PRO A 75 -6.20 -1.62 -2.90
CA PRO A 75 -5.27 -2.32 -3.78
C PRO A 75 -5.21 -1.64 -5.15
N GLN A 76 -6.14 -0.74 -5.38
CA GLN A 76 -6.21 -0.02 -6.64
C GLN A 76 -5.43 1.29 -6.55
N ARG A 77 -5.13 1.67 -5.32
CA ARG A 77 -4.40 2.90 -5.08
C ARG A 77 -2.95 2.58 -4.69
N LEU A 78 -2.73 1.32 -4.35
CA LEU A 78 -1.40 0.88 -3.96
C LEU A 78 -0.47 0.93 -5.18
N HIS A 79 -1.03 0.59 -6.33
CA HIS A 79 -0.27 0.59 -7.56
C HIS A 79 0.58 1.87 -7.64
N ALA A 80 0.04 2.92 -7.07
CA ALA A 80 0.73 4.21 -7.06
C ALA A 80 1.87 4.16 -6.03
N LEU A 81 1.52 3.70 -4.84
CA LEU A 81 2.51 3.60 -3.77
C LEU A 81 3.53 2.52 -4.12
N LEU A 82 3.19 1.72 -5.13
CA LEU A 82 4.07 0.66 -5.56
C LEU A 82 4.81 1.10 -6.83
N MET A 83 6.13 1.12 -6.73
CA MET A 83 6.95 1.52 -7.86
C MET A 83 7.92 0.40 -8.26
N PRO A 84 8.43 0.50 -9.51
CA PRO A 84 9.36 -0.49 -10.03
C PRO A 84 10.74 -0.33 -9.40
N PRO A 85 11.13 -1.34 -8.59
CA PRO A 85 12.44 -1.32 -7.94
C PRO A 85 13.55 -1.62 -8.93
N GLU A 86 14.78 -1.58 -8.42
CA GLU A 86 15.95 -1.84 -9.24
C GLU A 86 16.46 -3.26 -9.01
N PRO A 87 17.03 -3.86 -10.09
CA PRO A 87 17.55 -5.21 -10.01
C PRO A 87 18.89 -5.23 -9.24
N SER A 88 19.61 -4.13 -9.36
CA SER A 88 20.90 -4.01 -8.71
C SER A 88 20.77 -4.41 -7.24
N GLY A 89 19.77 -3.85 -6.58
CA GLY A 89 19.52 -4.14 -5.18
C GLY A 89 19.69 -2.88 -4.33
N PRO A 90 20.08 -3.11 -3.05
CA PRO A 90 20.28 -2.01 -2.12
C PRO A 90 21.58 -1.27 -2.42
N SER A 91 21.73 -0.11 -1.79
CA SER A 91 22.91 0.71 -1.98
C SER A 91 23.95 0.40 -0.90
N SER A 92 23.63 0.83 0.31
CA SER A 92 24.52 0.59 1.44
C SER A 92 25.85 1.31 1.20
N GLY A 93 25.99 2.46 1.84
CA GLY A 93 27.21 3.25 1.71
C GLY A 93 27.03 4.36 0.67
N GLY A 1 -8.96 -14.64 -0.65
CA GLY A 1 -8.18 -15.13 0.48
C GLY A 1 -6.90 -14.31 0.66
N SER A 2 -5.97 -14.89 1.40
CA SER A 2 -4.70 -14.22 1.65
C SER A 2 -3.69 -15.22 2.23
N SER A 3 -2.50 -15.20 1.65
CA SER A 3 -1.43 -16.09 2.10
C SER A 3 -0.08 -15.60 1.57
N GLY A 4 -0.01 -15.52 0.24
CA GLY A 4 1.22 -15.07 -0.39
C GLY A 4 2.38 -16.02 -0.10
N SER A 5 2.82 -16.71 -1.15
CA SER A 5 3.92 -17.66 -1.02
C SER A 5 4.19 -18.33 -2.36
N SER A 6 5.44 -18.22 -2.79
CA SER A 6 5.85 -18.82 -4.05
C SER A 6 7.35 -18.61 -4.27
N GLY A 7 7.87 -19.27 -5.30
CA GLY A 7 9.28 -19.17 -5.62
C GLY A 7 9.56 -17.87 -6.38
N GLN A 8 10.63 -17.20 -5.94
CA GLN A 8 11.03 -15.96 -6.57
C GLN A 8 9.80 -15.11 -6.90
N PRO A 9 9.11 -14.65 -5.82
CA PRO A 9 7.92 -13.84 -5.98
C PRO A 9 8.28 -12.41 -6.39
N PRO A 10 7.22 -11.61 -6.71
CA PRO A 10 7.42 -10.24 -7.11
C PRO A 10 7.77 -9.35 -5.92
N GLN A 11 8.15 -8.11 -6.22
CA GLN A 11 8.51 -7.16 -5.17
C GLN A 11 8.47 -5.74 -5.73
N PHE A 12 7.56 -4.96 -5.17
CA PHE A 12 7.40 -3.57 -5.59
C PHE A 12 8.09 -2.62 -4.61
N LYS A 13 8.41 -1.43 -5.11
CA LYS A 13 9.07 -0.43 -4.30
C LYS A 13 8.01 0.46 -3.63
N LEU A 14 8.15 0.61 -2.32
CA LEU A 14 7.21 1.42 -1.56
C LEU A 14 7.58 2.90 -1.73
N ASP A 15 6.55 3.74 -1.69
CA ASP A 15 6.76 5.17 -1.83
C ASP A 15 7.69 5.66 -0.72
N PRO A 16 8.18 6.92 -0.89
CA PRO A 16 9.08 7.51 0.09
C PRO A 16 8.31 7.95 1.33
N ARG A 17 6.99 8.02 1.20
CA ARG A 17 6.14 8.42 2.29
C ARG A 17 5.56 7.20 3.00
N LEU A 18 5.42 6.13 2.23
CA LEU A 18 4.89 4.89 2.76
C LEU A 18 6.03 4.00 3.25
N ALA A 19 7.06 3.90 2.40
CA ALA A 19 8.22 3.10 2.74
C ALA A 19 8.55 3.28 4.22
N ARG A 20 8.24 4.46 4.72
CA ARG A 20 8.51 4.78 6.12
C ARG A 20 7.26 4.52 6.96
N LEU A 21 6.13 4.98 6.45
CA LEU A 21 4.86 4.80 7.14
C LEU A 21 4.82 3.40 7.76
N LEU A 22 4.90 2.40 6.88
CA LEU A 22 4.86 1.02 7.33
C LEU A 22 6.28 0.57 7.71
N GLY A 23 7.25 1.06 6.95
CA GLY A 23 8.65 0.73 7.21
C GLY A 23 9.10 -0.43 6.32
N ILE A 24 8.30 -0.70 5.31
CA ILE A 24 8.60 -1.78 4.38
C ILE A 24 9.34 -1.19 3.17
N HIS A 25 10.65 -1.34 3.19
CA HIS A 25 11.48 -0.84 2.09
C HIS A 25 10.93 -1.33 0.76
N THR A 26 10.94 -2.65 0.60
CA THR A 26 10.45 -3.26 -0.63
C THR A 26 10.04 -4.71 -0.37
N GLN A 27 8.77 -4.99 -0.61
CA GLN A 27 8.24 -6.33 -0.40
C GLN A 27 7.30 -6.71 -1.56
N THR A 28 6.59 -7.81 -1.35
CA THR A 28 5.65 -8.29 -2.35
C THR A 28 4.31 -7.55 -2.22
N ARG A 29 3.31 -8.10 -2.89
CA ARG A 29 1.98 -7.51 -2.86
C ARG A 29 1.21 -7.98 -1.62
N PRO A 30 1.26 -9.31 -1.39
CA PRO A 30 0.58 -9.91 -0.25
C PRO A 30 1.35 -9.63 1.04
N VAL A 31 2.52 -9.03 0.88
CA VAL A 31 3.36 -8.70 2.02
C VAL A 31 3.17 -7.23 2.38
N ILE A 32 2.77 -6.45 1.39
CA ILE A 32 2.55 -5.03 1.59
C ILE A 32 1.07 -4.78 1.90
N ILE A 33 0.23 -5.27 1.01
CA ILE A 33 -1.21 -5.12 1.18
C ILE A 33 -1.57 -5.36 2.65
N GLN A 34 -0.96 -6.38 3.21
CA GLN A 34 -1.21 -6.73 4.60
C GLN A 34 -0.71 -5.61 5.53
N ALA A 35 0.59 -5.36 5.44
CA ALA A 35 1.20 -4.33 6.26
C ALA A 35 0.27 -3.12 6.34
N LEU A 36 -0.50 -2.95 5.28
CA LEU A 36 -1.45 -1.83 5.22
C LEU A 36 -2.71 -2.20 5.99
N TRP A 37 -3.27 -3.36 5.64
CA TRP A 37 -4.48 -3.83 6.29
C TRP A 37 -4.25 -3.80 7.80
N GLN A 38 -3.09 -4.30 8.19
CA GLN A 38 -2.74 -4.34 9.61
C GLN A 38 -2.67 -2.92 10.18
N TYR A 39 -2.68 -1.95 9.28
CA TYR A 39 -2.62 -0.56 9.67
C TYR A 39 -4.02 0.00 9.92
N ILE A 40 -4.90 -0.24 8.95
CA ILE A 40 -6.27 0.23 9.07
C ILE A 40 -6.99 -0.54 10.18
N LYS A 41 -6.43 -1.70 10.50
CA LYS A 41 -7.00 -2.54 11.53
C LYS A 41 -6.50 -2.06 12.91
N THR A 42 -5.20 -1.86 12.99
CA THR A 42 -4.58 -1.40 14.22
C THR A 42 -4.88 0.08 14.46
N HIS A 43 -4.75 0.85 13.39
CA HIS A 43 -5.01 2.28 13.47
C HIS A 43 -6.52 2.54 13.38
N LYS A 44 -7.27 1.45 13.33
CA LYS A 44 -8.71 1.54 13.25
C LYS A 44 -9.09 2.70 12.32
N LEU A 45 -8.65 2.60 11.08
CA LEU A 45 -8.94 3.63 10.10
C LEU A 45 -10.28 3.33 9.42
N GLN A 46 -10.88 2.23 9.85
CA GLN A 46 -12.17 1.82 9.30
C GLN A 46 -13.16 2.98 9.36
N ASP A 47 -13.77 3.25 8.21
CA ASP A 47 -14.74 4.33 8.12
C ASP A 47 -15.88 4.07 9.11
N PRO A 48 -16.18 5.12 9.92
CA PRO A 48 -17.24 5.01 10.91
C PRO A 48 -18.62 5.09 10.25
N HIS A 49 -18.62 5.46 8.98
CA HIS A 49 -19.85 5.56 8.22
C HIS A 49 -20.22 4.19 7.64
N GLU A 50 -19.27 3.63 6.91
CA GLU A 50 -19.47 2.33 6.30
C GLU A 50 -18.54 1.29 6.93
N ARG A 51 -18.58 0.09 6.37
CA ARG A 51 -17.75 -1.00 6.87
C ARG A 51 -16.76 -1.44 5.79
N GLU A 52 -17.04 -1.01 4.56
CA GLU A 52 -16.18 -1.35 3.44
C GLU A 52 -15.22 -0.20 3.13
N PHE A 53 -15.61 0.99 3.58
CA PHE A 53 -14.79 2.18 3.37
C PHE A 53 -13.78 2.35 4.50
N VAL A 54 -12.81 3.22 4.24
CA VAL A 54 -11.77 3.49 5.22
C VAL A 54 -11.33 4.95 5.11
N LEU A 55 -11.41 5.65 6.23
CA LEU A 55 -11.03 7.05 6.28
C LEU A 55 -9.52 7.16 6.47
N CYS A 56 -8.85 7.57 5.41
CA CYS A 56 -7.40 7.72 5.45
C CYS A 56 -7.06 8.78 6.51
N ASP A 57 -6.11 8.42 7.36
CA ASP A 57 -5.68 9.32 8.42
C ASP A 57 -4.88 10.47 7.81
N LYS A 58 -4.41 11.34 8.68
CA LYS A 58 -3.62 12.50 8.25
C LYS A 58 -2.55 12.03 7.27
N TYR A 59 -1.73 11.09 7.73
CA TYR A 59 -0.66 10.56 6.91
C TYR A 59 -1.19 10.05 5.58
N LEU A 60 -2.06 9.04 5.67
CA LEU A 60 -2.65 8.46 4.47
C LEU A 60 -3.24 9.58 3.60
N GLN A 61 -3.89 10.52 4.26
CA GLN A 61 -4.50 11.63 3.55
C GLN A 61 -3.44 12.41 2.76
N GLN A 62 -2.19 12.16 3.13
CA GLN A 62 -1.08 12.82 2.47
C GLN A 62 -0.45 11.89 1.42
N ILE A 63 -0.81 10.61 1.52
CA ILE A 63 -0.30 9.63 0.59
C ILE A 63 -1.37 9.29 -0.44
N PHE A 64 -2.50 8.82 0.07
CA PHE A 64 -3.61 8.45 -0.79
C PHE A 64 -4.46 9.68 -1.15
N GLU A 65 -4.60 10.55 -0.17
CA GLU A 65 -5.38 11.77 -0.37
C GLU A 65 -6.85 11.42 -0.61
N SER A 66 -7.27 10.29 -0.06
CA SER A 66 -8.64 9.84 -0.21
C SER A 66 -9.37 9.92 1.13
N GLN A 67 -9.98 11.08 1.38
CA GLN A 67 -10.72 11.29 2.61
C GLN A 67 -11.53 10.05 2.96
N ARG A 68 -12.19 9.51 1.96
CA ARG A 68 -13.01 8.33 2.14
C ARG A 68 -13.04 7.48 0.86
N MET A 69 -12.59 6.24 1.00
CA MET A 69 -12.56 5.33 -0.13
C MET A 69 -12.97 3.92 0.29
N LYS A 70 -13.19 3.08 -0.71
CA LYS A 70 -13.58 1.70 -0.45
C LYS A 70 -12.32 0.84 -0.29
N PHE A 71 -12.42 -0.12 0.61
CA PHE A 71 -11.31 -1.02 0.88
C PHE A 71 -10.82 -1.68 -0.41
N SER A 72 -11.74 -1.83 -1.35
CA SER A 72 -11.42 -2.44 -2.63
C SER A 72 -10.62 -1.46 -3.49
N GLU A 73 -10.61 -0.21 -3.04
CA GLU A 73 -9.90 0.83 -3.76
C GLU A 73 -8.50 1.02 -3.17
N ILE A 74 -8.17 0.17 -2.21
CA ILE A 74 -6.87 0.24 -1.56
C ILE A 74 -5.81 -0.35 -2.48
N PRO A 75 -6.16 -1.53 -3.07
CA PRO A 75 -5.25 -2.21 -3.98
C PRO A 75 -5.20 -1.51 -5.33
N GLN A 76 -6.14 -0.59 -5.52
CA GLN A 76 -6.21 0.16 -6.76
C GLN A 76 -5.42 1.46 -6.65
N ARG A 77 -5.08 1.81 -5.42
CA ARG A 77 -4.33 3.02 -5.15
C ARG A 77 -2.90 2.68 -4.75
N LEU A 78 -2.69 1.42 -4.39
CA LEU A 78 -1.38 0.97 -3.98
C LEU A 78 -0.44 0.98 -5.19
N HIS A 79 -0.99 0.59 -6.34
CA HIS A 79 -0.21 0.57 -7.56
C HIS A 79 0.65 1.82 -7.66
N ALA A 80 0.09 2.92 -7.16
CA ALA A 80 0.80 4.18 -7.18
C ALA A 80 1.96 4.14 -6.18
N LEU A 81 1.63 3.74 -4.97
CA LEU A 81 2.63 3.65 -3.91
C LEU A 81 3.64 2.56 -4.27
N LEU A 82 3.22 1.68 -5.19
CA LEU A 82 4.07 0.60 -5.62
C LEU A 82 4.80 1.01 -6.90
N MET A 83 6.12 1.11 -6.78
CA MET A 83 6.94 1.50 -7.91
C MET A 83 7.88 0.35 -8.33
N PRO A 84 8.38 0.45 -9.59
CA PRO A 84 9.28 -0.56 -10.11
C PRO A 84 10.68 -0.43 -9.49
N PRO A 85 11.06 -1.46 -8.70
CA PRO A 85 12.36 -1.47 -8.05
C PRO A 85 13.47 -1.79 -9.05
N GLU A 86 13.51 -1.00 -10.11
CA GLU A 86 14.51 -1.19 -11.15
C GLU A 86 14.95 0.16 -11.71
N PRO A 87 16.18 0.17 -12.31
CA PRO A 87 16.72 1.38 -12.89
C PRO A 87 16.03 1.72 -14.22
N SER A 88 16.69 2.56 -14.98
CA SER A 88 16.16 2.97 -16.28
C SER A 88 14.73 3.52 -16.10
N GLY A 89 14.65 4.83 -15.91
CA GLY A 89 13.37 5.48 -15.73
C GLY A 89 13.55 6.92 -15.25
N PRO A 90 12.45 7.72 -15.38
CA PRO A 90 12.48 9.10 -14.96
C PRO A 90 12.42 9.22 -13.44
N SER A 91 12.88 10.36 -12.94
CA SER A 91 12.88 10.61 -11.51
C SER A 91 11.74 11.57 -11.14
N SER A 92 11.78 12.74 -11.77
CA SER A 92 10.78 13.75 -11.52
C SER A 92 9.45 13.36 -12.19
N GLY A 93 8.41 13.34 -11.38
CA GLY A 93 7.09 12.99 -11.87
C GLY A 93 6.14 14.18 -11.82
#